data_4BTW
#
_entry.id   4BTW
#
_cell.length_a   226.473
_cell.length_b   226.473
_cell.length_c   219.250
_cell.angle_alpha   90.00
_cell.angle_beta   90.00
_cell.angle_gamma   120.00
#
_symmetry.space_group_name_H-M   'P 65 2 2'
#
loop_
_entity.id
_entity.type
_entity.pdbx_description
1 polymer 'MEMBRANE PRIMARY AMINE OXIDASE'
2 branched beta-D-mannopyranose-(1-4)-2-acetamido-2-deoxy-beta-D-glucopyranose-(1-4)-2-acetamido-2-deoxy-beta-D-glucopyranose
3 branched 2-acetamido-2-deoxy-beta-D-glucopyranose-(1-4)-2-acetamido-2-deoxy-beta-D-glucopyranose
4 branched alpha-D-mannopyranose-(1-3)-[beta-D-mannopyranose-(1-6)]beta-D-mannopyranose-(1-4)-2-acetamido-2-deoxy-beta-D-glucopyranose-(1-4)-2-acetamido-2-deoxy-beta-D-glucopyranose
5 non-polymer 'COPPER (II) ION'
6 non-polymer 'CALCIUM ION'
7 non-polymer 2-acetamido-2-deoxy-beta-D-glucopyranose
8 non-polymer 5-(cyclohexylamino)-2-phenyl-6-(1H-1,2,4-triazol-5-yl)-3(2H)-pyridazinone
9 water water
#
_entity_poly.entity_id   1
_entity_poly.type   'polypeptide(L)'
_entity_poly.pdbx_seq_one_letter_code
;GRGGDGGEPSQLPHCPSVSPSAQPWTHPGQSQLFADLSREELTAVMRFLTQRLGPGLVDAAQARPSDNCVFSVELQLPPK
AAALAHLDRGSPPPAREALAIVFFGRQPQPNVSELVVGPLPHPSYMRDVTVERHGGPLPYHRRPVLFQEYLDIDQMIFNR
ELPQASGLLHHCCFYKHRGRNLVTMTTAPRGLQSGDRATWFGLYYNISGAGFFLHHVGLELLVNHKALDPARWTIQKVFY
QGRYYDSLAQLEAQFEAGLVNVVLIPDNGTGGSWSLKSPVPPGPAPPLQFYPQGPRFSVQGSRVASSLWTFSFGLGAFSG
PRIFDVRFQGERLVYEISLQEALAIYGGNSPAAMTTRYVDGGFGMGKYTTPLTRGVDCPYLATYVDWHFLLESQAPKTIR
DAFCVFEQNQGLPLRRHHSDLYSHYFGGLAETVLVVRSMSTLLN(TPQ)DYVWDTVFHPSGAIEIRFYATGYISSAFLFG
ATGKYGNQVSEHTLGTVHTHSAHFKVDLDVAGLENWVWAEDMVFVPMAVPWSPEHQLQRLQVTRKLLEMEEQAAFLVGSA
TPRYLYLASNHSNKWGHPRGYRIQMLSFAGEPLPQNSSMARGFSWERYQLAVTQRKEEEPSSSSVFNQNDPWAPTVDFSD
FINNETIAGKDLVAWVTAGFLHIPHAEDIPNTVTVGNGVGFFLRPYNFFDEDPSFYSADSIYFRGDQDAGACEVNPLACL
PQAAACAPDLPAFSHGGFSHN
;
_entity_poly.pdbx_strand_id   A,B
#
loop_
_chem_comp.id
_chem_comp.type
_chem_comp.name
_chem_comp.formula
BMA D-saccharide, beta linking beta-D-mannopyranose 'C6 H12 O6'
CA non-polymer 'CALCIUM ION' 'Ca 2'
CU non-polymer 'COPPER (II) ION' 'Cu 2'
JW7 non-polymer 5-(cyclohexylamino)-2-phenyl-6-(1H-1,2,4-triazol-5-yl)-3(2H)-pyridazinone 'C18 H20 N6 O'
MAN D-saccharide, alpha linking alpha-D-mannopyranose 'C6 H12 O6'
NAG D-saccharide, beta linking 2-acetamido-2-deoxy-beta-D-glucopyranose 'C8 H15 N O6'
#
# COMPACT_ATOMS: atom_id res chain seq x y z
N THR A 26 5.86 23.93 -36.34
CA THR A 26 7.31 24.12 -36.64
C THR A 26 8.16 23.17 -35.81
N HIS A 27 7.89 23.13 -34.53
CA HIS A 27 8.84 22.53 -33.62
C HIS A 27 8.23 22.24 -32.22
N PRO A 28 8.02 20.96 -31.88
CA PRO A 28 7.80 20.68 -30.46
C PRO A 28 9.02 20.84 -29.50
N GLY A 29 10.27 20.98 -29.98
CA GLY A 29 11.45 21.03 -29.06
C GLY A 29 11.82 19.67 -28.45
N GLN A 30 12.98 19.11 -28.82
CA GLN A 30 13.35 17.69 -28.50
C GLN A 30 14.40 17.56 -27.41
N SER A 31 15.29 18.52 -27.35
CA SER A 31 16.32 18.63 -26.32
C SER A 31 15.92 17.89 -25.03
N GLN A 32 16.88 17.20 -24.43
CA GLN A 32 16.72 16.51 -23.16
C GLN A 32 17.39 17.34 -22.11
N LEU A 33 16.69 18.28 -21.50
CA LEU A 33 17.40 19.30 -20.71
C LEU A 33 17.28 19.04 -19.24
N PHE A 34 16.88 17.82 -18.92
CA PHE A 34 16.73 17.35 -17.56
C PHE A 34 17.63 16.16 -17.31
N ALA A 35 18.41 15.83 -18.35
CA ALA A 35 19.39 14.76 -18.28
C ALA A 35 20.53 15.32 -17.48
N ASP A 36 21.10 14.46 -16.65
CA ASP A 36 22.16 14.87 -15.76
C ASP A 36 23.35 14.86 -16.67
N LEU A 37 24.42 15.49 -16.18
CA LEU A 37 25.62 15.70 -16.94
C LEU A 37 26.27 14.39 -17.30
N SER A 38 26.98 14.36 -18.44
CA SER A 38 27.78 13.20 -18.85
C SER A 38 29.21 13.39 -18.42
N ARG A 39 30.01 12.38 -18.71
CA ARG A 39 31.40 12.37 -18.28
C ARG A 39 32.11 13.54 -18.96
N GLU A 40 32.05 13.57 -20.29
CA GLU A 40 32.62 14.66 -21.08
C GLU A 40 32.29 15.98 -20.43
N GLU A 41 30.99 16.19 -20.28
CA GLU A 41 30.42 17.44 -19.82
C GLU A 41 31.01 17.79 -18.50
N LEU A 42 31.10 16.79 -17.65
CA LEU A 42 31.66 16.96 -16.32
C LEU A 42 33.13 17.34 -16.40
N THR A 43 33.89 16.54 -17.15
CA THR A 43 35.31 16.83 -17.41
C THR A 43 35.51 18.28 -17.85
N ALA A 44 34.64 18.70 -18.77
CA ALA A 44 34.63 20.04 -19.37
C ALA A 44 34.54 21.15 -18.34
N VAL A 45 33.64 20.93 -17.40
CA VAL A 45 33.37 21.90 -16.38
C VAL A 45 34.54 21.92 -15.45
N MET A 46 35.13 20.76 -15.24
CA MET A 46 36.24 20.64 -14.34
C MET A 46 37.36 21.45 -14.92
N ARG A 47 37.75 21.09 -16.15
CA ARG A 47 38.75 21.81 -16.92
C ARG A 47 38.55 23.31 -16.79
N PHE A 48 37.31 23.75 -16.98
CA PHE A 48 37.00 25.19 -16.92
C PHE A 48 37.39 25.80 -15.58
N LEU A 49 37.08 25.09 -14.52
CA LEU A 49 37.25 25.60 -13.18
C LEU A 49 38.71 25.65 -12.77
N THR A 50 39.40 24.53 -13.01
CA THR A 50 40.82 24.38 -12.69
C THR A 50 41.51 25.65 -13.08
N GLN A 51 41.27 26.05 -14.32
CA GLN A 51 41.96 27.17 -14.91
C GLN A 51 41.56 28.51 -14.33
N ARG A 52 40.26 28.73 -14.16
CA ARG A 52 39.79 30.04 -13.67
C ARG A 52 39.84 30.22 -12.13
N LEU A 53 40.47 29.32 -11.40
CA LEU A 53 40.45 29.43 -9.94
C LEU A 53 41.73 30.01 -9.30
N GLY A 54 42.79 30.15 -10.10
CA GLY A 54 44.03 30.84 -9.67
C GLY A 54 44.96 30.02 -8.77
N PRO A 55 45.51 28.89 -9.30
CA PRO A 55 46.04 27.78 -8.51
C PRO A 55 46.15 28.00 -7.00
N GLY A 56 46.47 26.91 -6.32
CA GLY A 56 46.13 26.72 -4.91
C GLY A 56 45.00 25.69 -4.82
N LEU A 57 44.53 25.25 -5.99
CA LEU A 57 43.41 24.36 -6.06
C LEU A 57 43.88 22.94 -5.84
N VAL A 58 43.05 22.16 -5.16
CA VAL A 58 43.37 20.82 -4.75
C VAL A 58 42.25 19.89 -5.12
N ASP A 59 42.64 18.65 -5.36
CA ASP A 59 41.69 17.57 -5.50
C ASP A 59 41.00 17.39 -4.15
N ALA A 60 39.69 17.24 -4.23
CA ALA A 60 38.85 17.07 -3.06
C ALA A 60 39.21 15.83 -2.21
N ALA A 61 39.55 14.73 -2.89
CA ALA A 61 39.77 13.45 -2.21
C ALA A 61 41.01 13.48 -1.30
N GLN A 62 41.68 14.64 -1.24
CA GLN A 62 42.87 14.83 -0.39
C GLN A 62 42.94 16.17 0.29
N ALA A 63 41.87 16.92 0.31
CA ALA A 63 41.97 18.29 0.75
C ALA A 63 41.96 18.41 2.24
N ARG A 64 42.85 19.24 2.72
CA ARG A 64 42.77 19.71 4.08
C ARG A 64 41.66 20.75 4.11
N PRO A 65 41.01 20.90 5.27
CA PRO A 65 40.24 22.06 5.58
C PRO A 65 40.81 23.38 5.06
N SER A 66 42.11 23.60 5.20
CA SER A 66 42.69 24.87 4.76
C SER A 66 42.74 25.03 3.23
N ASP A 67 42.50 23.95 2.49
CA ASP A 67 42.62 23.97 1.03
C ASP A 67 41.41 24.56 0.32
N ASN A 68 41.52 24.65 -1.01
CA ASN A 68 40.43 25.03 -1.89
C ASN A 68 40.13 23.86 -2.74
N CYS A 69 38.85 23.70 -3.01
CA CYS A 69 38.36 22.39 -3.28
C CYS A 69 37.06 22.38 -4.06
N VAL A 70 37.05 21.63 -5.15
CA VAL A 70 35.84 21.41 -5.91
C VAL A 70 35.12 20.19 -5.33
N PHE A 71 34.05 20.47 -4.59
CA PHE A 71 33.33 19.44 -3.85
C PHE A 71 32.37 18.61 -4.72
N SER A 72 31.48 19.34 -5.37
CA SER A 72 30.52 18.78 -6.29
C SER A 72 30.59 19.51 -7.58
N VAL A 73 30.33 18.76 -8.63
CA VAL A 73 29.83 19.36 -9.86
C VAL A 73 28.77 18.47 -10.47
N GLU A 74 27.56 19.03 -10.65
CA GLU A 74 26.45 18.33 -11.33
C GLU A 74 25.58 19.30 -12.16
N LEU A 75 24.62 18.70 -12.87
CA LEU A 75 23.64 19.44 -13.70
C LEU A 75 23.06 20.59 -12.95
N GLN A 76 22.86 21.69 -13.64
CA GLN A 76 21.97 22.75 -13.15
C GLN A 76 20.65 22.72 -13.90
N LEU A 77 19.55 22.72 -13.17
CA LEU A 77 18.29 22.58 -13.84
C LEU A 77 17.87 23.90 -14.44
N PRO A 78 17.29 23.81 -15.65
CA PRO A 78 16.77 24.94 -16.39
C PRO A 78 15.69 25.61 -15.59
N PRO A 79 15.55 26.93 -15.76
CA PRO A 79 14.34 27.55 -15.24
C PRO A 79 13.15 27.06 -16.04
N LYS A 80 11.96 27.18 -15.44
CA LYS A 80 10.80 26.47 -15.95
C LYS A 80 10.21 27.17 -17.18
N ALA A 81 10.03 28.48 -17.10
CA ALA A 81 9.56 29.27 -18.25
C ALA A 81 10.23 28.79 -19.53
N ALA A 82 11.53 29.09 -19.57
CA ALA A 82 12.42 28.69 -20.63
C ALA A 82 12.25 27.24 -21.10
N ALA A 83 12.09 26.32 -20.16
CA ALA A 83 12.05 24.93 -20.53
C ALA A 83 10.80 24.65 -21.33
N LEU A 84 9.69 25.16 -20.85
CA LEU A 84 8.44 24.79 -21.46
C LEU A 84 8.32 25.52 -22.79
N ALA A 85 8.69 26.80 -22.75
CA ALA A 85 8.90 27.56 -23.97
C ALA A 85 9.54 26.63 -24.98
N HIS A 86 10.70 26.05 -24.66
CA HIS A 86 11.34 25.08 -25.58
C HIS A 86 10.49 23.83 -25.92
N LEU A 87 9.88 23.25 -24.90
CA LEU A 87 9.29 21.93 -25.03
C LEU A 87 7.89 22.03 -25.58
N ASP A 88 7.23 23.13 -25.30
CA ASP A 88 5.85 23.28 -25.69
C ASP A 88 5.66 24.14 -26.95
N ARG A 89 6.27 25.33 -26.93
CA ARG A 89 6.20 26.28 -28.03
C ARG A 89 7.48 26.28 -28.90
N GLY A 90 8.14 25.13 -29.07
CA GLY A 90 9.42 25.05 -29.81
C GLY A 90 10.46 26.18 -29.84
N SER A 91 10.43 27.09 -28.86
CA SER A 91 11.50 28.06 -28.64
C SER A 91 12.92 27.45 -28.57
N PRO A 92 13.95 28.31 -28.59
CA PRO A 92 15.23 27.66 -28.49
C PRO A 92 15.48 27.35 -27.01
N PRO A 93 16.12 26.18 -26.71
CA PRO A 93 16.28 25.66 -25.34
C PRO A 93 17.24 26.51 -24.60
N PRO A 94 17.33 26.35 -23.28
CA PRO A 94 18.14 27.30 -22.53
C PRO A 94 19.56 26.81 -22.24
N ALA A 95 20.41 27.76 -21.88
CA ALA A 95 21.80 27.45 -21.58
C ALA A 95 21.86 26.21 -20.69
N ARG A 96 22.51 25.16 -21.15
CA ARG A 96 22.80 24.01 -20.27
C ARG A 96 23.91 24.42 -19.35
N GLU A 97 23.69 24.27 -18.06
CA GLU A 97 24.64 24.78 -17.10
C GLU A 97 24.93 23.71 -16.06
N ALA A 98 25.84 24.01 -15.15
CA ALA A 98 26.18 23.07 -14.12
C ALA A 98 26.46 23.84 -12.86
N LEU A 99 26.22 23.18 -11.72
CA LEU A 99 26.53 23.81 -10.46
C LEU A 99 27.74 23.21 -9.80
N ALA A 100 28.62 24.13 -9.45
CA ALA A 100 29.86 23.81 -8.80
C ALA A 100 29.78 24.26 -7.37
N ILE A 101 30.11 23.34 -6.47
CA ILE A 101 30.24 23.68 -5.10
C ILE A 101 31.69 23.61 -4.78
N VAL A 102 32.15 24.69 -4.19
CA VAL A 102 33.54 24.92 -4.01
C VAL A 102 33.81 25.47 -2.63
N PHE A 103 34.67 24.76 -1.90
CA PHE A 103 34.99 25.12 -0.53
C PHE A 103 36.23 25.97 -0.63
N PHE A 104 36.13 27.23 -0.26
CA PHE A 104 37.29 28.09 -0.26
C PHE A 104 37.82 28.09 1.14
N GLY A 105 38.80 27.23 1.41
CA GLY A 105 39.41 27.15 2.73
C GLY A 105 40.75 27.86 2.88
N ARG A 106 41.25 28.42 1.79
CA ARG A 106 42.58 29.01 1.77
C ARG A 106 42.46 30.51 1.89
N GLN A 107 41.97 31.02 3.03
CA GLN A 107 41.70 32.46 3.19
C GLN A 107 41.22 32.88 4.59
N PRO A 108 41.23 34.19 4.86
CA PRO A 108 40.74 34.72 6.16
C PRO A 108 39.23 34.45 6.50
N GLN A 109 38.31 34.72 5.57
CA GLN A 109 36.88 34.37 5.72
C GLN A 109 36.56 33.22 4.78
N PRO A 110 37.07 32.01 5.06
CA PRO A 110 36.87 30.92 4.11
C PRO A 110 35.39 30.66 3.97
N ASN A 111 34.91 30.48 2.75
CA ASN A 111 33.51 30.34 2.54
C ASN A 111 33.29 29.14 1.66
N VAL A 112 32.05 28.66 1.59
CA VAL A 112 31.67 27.76 0.52
C VAL A 112 31.04 28.69 -0.47
N SER A 113 31.13 28.29 -1.75
CA SER A 113 30.42 28.99 -2.78
C SER A 113 29.81 28.04 -3.83
N GLU A 114 28.67 28.50 -4.34
CA GLU A 114 27.90 27.83 -5.38
C GLU A 114 28.15 28.58 -6.70
N LEU A 115 28.62 27.85 -7.71
CA LEU A 115 28.98 28.46 -8.96
C LEU A 115 28.26 27.85 -10.15
N VAL A 116 27.66 28.74 -10.95
CA VAL A 116 27.09 28.30 -12.18
C VAL A 116 28.14 28.38 -13.24
N VAL A 117 28.18 27.33 -14.05
CA VAL A 117 29.13 27.26 -15.12
C VAL A 117 28.46 26.70 -16.34
N GLY A 118 28.48 27.48 -17.40
CA GLY A 118 28.07 26.98 -18.69
C GLY A 118 28.79 27.73 -19.80
N PRO A 119 28.40 27.44 -21.04
CA PRO A 119 27.30 26.58 -21.42
C PRO A 119 27.76 25.34 -22.09
N LEU A 120 27.41 24.23 -21.50
CA LEU A 120 27.83 22.97 -22.08
C LEU A 120 27.28 22.81 -23.49
N PRO A 121 28.02 22.12 -24.35
CA PRO A 121 29.23 21.38 -24.03
C PRO A 121 30.55 22.16 -23.91
N HIS A 122 30.60 23.43 -24.31
CA HIS A 122 31.89 24.16 -24.34
C HIS A 122 31.76 25.39 -23.49
N PRO A 123 31.96 25.24 -22.20
CA PRO A 123 31.74 26.36 -21.27
C PRO A 123 32.62 27.54 -21.51
N SER A 124 32.11 28.71 -21.18
CA SER A 124 32.81 29.98 -21.39
C SER A 124 32.40 31.06 -20.40
N TYR A 125 31.75 30.67 -19.30
CA TYR A 125 31.34 31.60 -18.25
C TYR A 125 31.06 30.90 -16.95
N MET A 126 31.21 31.65 -15.88
CA MET A 126 31.17 31.12 -14.55
C MET A 126 30.69 32.24 -13.66
N ARG A 127 29.53 32.07 -13.03
CA ARG A 127 29.04 33.09 -12.08
C ARG A 127 28.71 32.52 -10.68
N ASP A 128 29.09 33.33 -9.67
CA ASP A 128 28.89 33.04 -8.25
C ASP A 128 27.48 33.43 -7.94
N VAL A 129 26.69 32.45 -7.52
CA VAL A 129 25.26 32.64 -7.20
C VAL A 129 24.99 32.52 -5.70
N THR A 130 26.02 32.10 -4.97
CA THR A 130 25.97 32.00 -3.52
C THR A 130 25.14 33.13 -2.89
N VAL A 131 25.59 34.36 -3.05
CA VAL A 131 24.99 35.47 -2.33
C VAL A 131 23.56 35.76 -2.71
N GLU A 132 23.20 35.47 -3.97
CA GLU A 132 21.87 35.76 -4.53
C GLU A 132 20.86 34.81 -3.89
N ARG A 133 21.21 33.53 -3.92
CA ARG A 133 20.41 32.45 -3.35
C ARG A 133 20.28 32.53 -1.84
N HIS A 134 21.35 32.97 -1.16
CA HIS A 134 21.49 32.85 0.31
C HIS A 134 21.52 34.16 1.14
N GLY A 135 21.85 35.30 0.55
CA GLY A 135 21.81 36.59 1.28
C GLY A 135 23.16 36.96 1.89
N GLY A 136 24.13 36.12 1.57
CA GLY A 136 25.48 36.25 2.08
C GLY A 136 26.24 34.95 1.82
N PRO A 137 27.46 34.87 2.34
CA PRO A 137 28.34 33.75 2.04
C PRO A 137 27.93 32.56 2.86
N LEU A 138 28.51 31.42 2.56
CA LEU A 138 28.18 30.22 3.31
C LEU A 138 29.21 29.97 4.40
N PRO A 139 28.83 30.23 5.66
CA PRO A 139 29.57 29.72 6.77
C PRO A 139 30.29 28.43 6.44
N TYR A 140 31.58 28.42 6.70
CA TYR A 140 32.42 27.38 6.14
C TYR A 140 32.08 25.99 6.70
N HIS A 141 31.77 25.96 7.99
CA HIS A 141 31.44 24.72 8.69
C HIS A 141 30.16 24.02 8.26
N ARG A 142 29.34 24.71 7.47
CA ARG A 142 28.15 24.10 6.92
C ARG A 142 28.52 23.00 5.97
N ARG A 143 29.74 23.09 5.43
CA ARG A 143 30.16 22.18 4.38
C ARG A 143 30.10 20.80 4.87
N PRO A 144 29.71 19.88 4.03
CA PRO A 144 29.90 18.49 4.40
C PRO A 144 31.34 18.12 4.79
N VAL A 145 31.48 16.93 5.34
CA VAL A 145 32.74 16.44 5.81
C VAL A 145 33.29 15.59 4.68
N LEU A 146 34.53 15.90 4.34
CA LEU A 146 35.22 15.24 3.23
C LEU A 146 35.68 13.85 3.61
N PHE A 147 35.90 13.00 2.61
CA PHE A 147 36.46 11.70 2.89
C PHE A 147 37.81 11.88 3.62
N GLN A 148 38.55 12.96 3.32
CA GLN A 148 39.79 13.32 4.04
C GLN A 148 39.53 13.58 5.48
N GLU A 149 38.55 14.43 5.72
CA GLU A 149 38.28 14.86 7.06
C GLU A 149 38.00 13.60 7.90
N TYR A 150 37.19 12.69 7.36
CA TYR A 150 36.93 11.42 8.03
C TYR A 150 38.25 10.64 8.26
N LEU A 151 39.14 10.63 7.26
CA LEU A 151 40.45 9.99 7.38
C LEU A 151 41.28 10.60 8.45
N ASP A 152 41.32 11.92 8.45
CA ASP A 152 42.13 12.66 9.40
C ASP A 152 41.62 12.41 10.82
N ILE A 153 40.31 12.47 10.99
CA ILE A 153 39.64 12.03 12.22
C ILE A 153 40.04 10.61 12.62
N ASP A 154 39.88 9.66 11.72
CA ASP A 154 40.20 8.28 12.03
C ASP A 154 41.65 8.08 12.46
N GLN A 155 42.53 9.02 12.09
CA GLN A 155 43.90 8.99 12.60
C GLN A 155 44.01 9.57 13.99
N MET A 156 43.60 10.82 14.16
CA MET A 156 43.45 11.34 15.51
C MET A 156 42.93 10.24 16.42
N ILE A 157 41.96 9.46 15.95
CA ILE A 157 41.43 8.39 16.79
C ILE A 157 42.41 7.28 16.95
N PHE A 158 42.58 6.48 15.90
CA PHE A 158 43.23 5.19 16.01
C PHE A 158 44.73 5.27 16.24
N ASN A 159 45.28 6.49 16.09
CA ASN A 159 46.73 6.73 16.15
C ASN A 159 47.18 7.72 17.20
N ARG A 160 46.32 8.42 17.89
CA ARG A 160 46.77 9.38 18.92
C ARG A 160 45.90 9.40 20.16
N GLU A 161 45.01 8.43 20.30
CA GLU A 161 43.99 8.53 21.33
C GLU A 161 43.73 7.15 21.86
N LEU A 162 43.23 6.29 20.99
CA LEU A 162 43.04 4.89 21.35
C LEU A 162 44.24 4.17 21.90
N PRO A 163 45.46 4.54 21.46
CA PRO A 163 46.56 3.92 22.18
C PRO A 163 46.61 4.33 23.67
N GLN A 164 46.31 5.59 23.97
CA GLN A 164 46.24 6.02 25.37
C GLN A 164 45.31 5.15 26.24
N ALA A 165 44.61 4.19 25.63
CA ALA A 165 43.75 3.21 26.34
C ALA A 165 43.94 1.78 25.84
N SER A 166 45.15 1.52 25.38
CA SER A 166 45.57 0.23 24.89
C SER A 166 45.14 -0.92 25.81
N GLY A 167 45.28 -0.67 27.11
CA GLY A 167 45.08 -1.73 28.09
C GLY A 167 43.68 -2.22 28.03
N LEU A 168 42.78 -1.30 28.31
CA LEU A 168 41.36 -1.60 28.25
C LEU A 168 41.09 -2.48 27.04
N LEU A 169 41.54 -1.97 25.91
CA LEU A 169 41.14 -2.50 24.64
C LEU A 169 41.77 -3.81 24.29
N HIS A 170 42.86 -4.15 24.95
CA HIS A 170 43.42 -5.48 24.76
C HIS A 170 42.48 -6.43 25.44
N HIS A 171 41.90 -5.93 26.51
CA HIS A 171 41.11 -6.75 27.39
C HIS A 171 39.74 -7.00 26.77
N CYS A 172 39.03 -5.89 26.53
CA CYS A 172 37.63 -5.95 26.12
C CYS A 172 37.43 -6.30 24.66
N CYS A 173 38.40 -5.89 23.85
CA CYS A 173 38.16 -5.49 22.46
C CYS A 173 39.23 -5.91 21.47
N PHE A 174 40.13 -6.83 21.87
CA PHE A 174 41.10 -7.46 20.97
C PHE A 174 42.09 -6.51 20.28
N TYR A 175 42.34 -5.33 20.85
CA TYR A 175 43.10 -4.27 20.19
C TYR A 175 44.61 -4.54 20.18
N LYS A 176 45.36 -3.94 19.23
CA LYS A 176 46.88 -3.91 19.23
C LYS A 176 47.41 -2.63 18.55
N HIS A 177 48.60 -2.69 17.93
CA HIS A 177 48.90 -1.76 16.84
C HIS A 177 48.28 -2.37 15.55
N ARG A 178 47.20 -1.77 15.01
CA ARG A 178 46.67 -0.39 15.37
C ARG A 178 45.26 -0.24 15.98
N GLY A 179 44.41 -1.27 15.88
CA GLY A 179 42.95 -1.10 16.11
C GLY A 179 42.16 -1.85 15.05
N ARG A 180 42.44 -1.55 13.78
CA ARG A 180 42.40 -2.47 12.61
C ARG A 180 41.34 -3.59 12.52
N ASN A 181 41.04 -4.21 13.66
CA ASN A 181 39.79 -4.95 13.89
C ASN A 181 38.58 -4.03 14.25
N LEU A 182 38.86 -2.73 14.49
CA LEU A 182 37.89 -1.68 14.85
C LEU A 182 37.67 -0.57 13.83
N VAL A 183 36.54 0.11 13.94
CA VAL A 183 35.94 0.90 12.86
C VAL A 183 35.05 1.99 13.45
N THR A 184 35.00 3.17 12.83
CA THR A 184 34.10 4.25 13.30
C THR A 184 32.80 4.34 12.50
N MET A 185 31.97 5.31 12.89
CA MET A 185 30.78 5.71 12.12
C MET A 185 30.30 6.99 12.75
N THR A 186 29.56 7.78 11.99
CA THR A 186 29.33 9.14 12.40
C THR A 186 27.88 9.46 12.70
N THR A 187 27.70 10.48 13.52
CA THR A 187 26.39 10.97 13.78
C THR A 187 26.12 12.27 13.07
N ALA A 188 24.82 12.56 13.03
CA ALA A 188 24.20 13.75 12.52
C ALA A 188 24.63 14.94 13.33
N PRO A 189 23.73 15.91 13.56
CA PRO A 189 24.28 17.26 13.77
C PRO A 189 25.51 17.28 14.70
N ARG A 190 26.54 18.00 14.27
CA ARG A 190 27.82 17.81 14.85
C ARG A 190 27.91 18.99 15.80
N GLY A 191 27.45 18.73 17.03
CA GLY A 191 27.45 19.74 18.08
C GLY A 191 26.06 20.04 18.63
N LEU A 192 25.94 21.23 19.23
CA LEU A 192 24.77 21.63 20.02
C LEU A 192 24.30 23.06 19.76
N GLN A 193 24.95 23.77 18.82
CA GLN A 193 24.55 25.13 18.38
C GLN A 193 24.94 25.32 16.93
N SER A 194 24.56 26.48 16.38
CA SER A 194 25.14 26.93 15.11
C SER A 194 26.59 27.29 15.41
N GLY A 195 27.49 26.86 14.54
CA GLY A 195 28.90 27.04 14.80
C GLY A 195 29.60 25.77 15.27
N ASP A 196 28.93 24.95 16.06
CA ASP A 196 29.56 23.68 16.50
C ASP A 196 29.88 22.80 15.26
N ARG A 197 30.99 22.08 15.31
CA ARG A 197 31.30 20.94 14.43
C ARG A 197 32.01 19.87 15.26
N ALA A 198 31.29 19.28 16.20
CA ALA A 198 31.78 18.17 16.96
C ALA A 198 30.88 16.95 16.78
N THR A 199 31.41 15.85 16.24
CA THR A 199 30.60 14.66 15.96
C THR A 199 30.82 13.58 16.97
N TRP A 200 29.75 12.91 17.39
CA TRP A 200 29.86 11.73 18.26
C TRP A 200 30.12 10.50 17.43
N PHE A 201 31.13 9.74 17.78
CA PHE A 201 31.56 8.70 16.89
C PHE A 201 31.49 7.37 17.57
N GLY A 202 30.69 6.49 17.00
CA GLY A 202 30.58 5.16 17.54
C GLY A 202 31.80 4.38 17.11
N LEU A 203 32.09 3.28 17.81
CA LEU A 203 33.16 2.40 17.45
C LEU A 203 32.70 0.98 17.53
N TYR A 204 33.11 0.19 16.55
CA TYR A 204 32.50 -1.10 16.25
C TYR A 204 33.50 -2.07 15.67
N TYR A 205 33.22 -3.36 15.82
CA TYR A 205 34.08 -4.40 15.22
C TYR A 205 33.88 -4.45 13.73
N ASN A 206 34.85 -3.95 12.96
CA ASN A 206 35.01 -4.35 11.57
C ASN A 206 34.69 -5.86 11.37
N ILE A 207 33.89 -6.19 10.36
CA ILE A 207 33.51 -7.57 10.08
C ILE A 207 33.69 -7.94 8.60
N SER A 208 34.31 -9.09 8.37
CA SER A 208 34.43 -9.59 7.01
C SER A 208 33.03 -9.81 6.45
N GLY A 209 32.68 -9.01 5.43
CA GLY A 209 31.55 -9.32 4.53
C GLY A 209 30.15 -9.29 5.11
N ALA A 210 29.97 -8.50 6.16
CA ALA A 210 28.67 -8.29 6.75
C ALA A 210 28.66 -7.10 7.72
N GLY A 211 27.54 -6.86 8.37
CA GLY A 211 27.28 -5.53 8.88
C GLY A 211 28.02 -5.28 10.15
N PHE A 212 28.83 -4.25 10.15
CA PHE A 212 29.55 -3.83 11.32
C PHE A 212 28.67 -3.10 12.38
N PHE A 213 27.44 -2.78 11.96
CA PHE A 213 26.55 -1.86 12.70
C PHE A 213 26.01 -2.41 14.01
N LEU A 214 25.86 -3.72 14.06
CA LEU A 214 25.37 -4.46 15.21
C LEU A 214 26.46 -4.63 16.31
N HIS A 215 27.72 -4.65 15.87
CA HIS A 215 28.83 -5.02 16.72
C HIS A 215 29.52 -3.80 17.28
N HIS A 216 28.74 -3.05 18.03
CA HIS A 216 29.15 -1.81 18.66
C HIS A 216 29.73 -2.16 20.01
N VAL A 217 30.95 -1.71 20.28
CA VAL A 217 31.71 -2.17 21.45
C VAL A 217 31.42 -1.42 22.73
N GLY A 218 30.88 -0.23 22.61
CA GLY A 218 30.34 0.45 23.77
C GLY A 218 31.06 1.75 23.99
N LEU A 219 32.00 2.00 23.12
CA LEU A 219 32.78 3.21 23.19
C LEU A 219 32.29 4.19 22.13
N GLU A 220 32.29 5.46 22.54
CA GLU A 220 31.80 6.54 21.72
C GLU A 220 32.53 7.81 22.12
N LEU A 221 32.95 8.55 21.09
CA LEU A 221 33.88 9.67 21.21
C LEU A 221 33.31 10.92 20.62
N LEU A 222 33.38 12.00 21.36
CA LEU A 222 32.90 13.26 20.86
C LEU A 222 34.09 14.02 20.36
N VAL A 223 34.40 13.84 19.07
CA VAL A 223 35.51 14.55 18.42
C VAL A 223 35.13 15.98 18.09
N ASN A 224 35.94 16.97 18.44
CA ASN A 224 35.71 18.34 17.97
C ASN A 224 36.62 18.67 16.79
N HIS A 225 36.03 18.90 15.63
CA HIS A 225 36.81 19.01 14.40
C HIS A 225 36.45 20.24 13.61
N LYS A 226 36.05 21.28 14.34
CA LYS A 226 35.78 22.58 13.76
C LYS A 226 37.07 23.08 13.15
N ALA A 227 38.17 23.03 13.90
CA ALA A 227 39.44 23.58 13.46
C ALA A 227 39.80 23.13 12.06
N LEU A 228 40.37 24.06 11.31
CA LEU A 228 40.84 23.77 9.97
C LEU A 228 42.22 23.16 10.05
N ASP A 229 42.84 23.21 11.24
CA ASP A 229 44.13 22.55 11.52
C ASP A 229 43.91 21.30 12.39
N PRO A 230 43.88 20.11 11.75
CA PRO A 230 43.58 18.84 12.47
C PRO A 230 44.47 18.54 13.70
N ALA A 231 45.71 19.00 13.65
CA ALA A 231 46.57 19.07 14.82
C ALA A 231 45.80 19.62 16.01
N ARG A 232 45.03 20.70 15.80
CA ARG A 232 44.29 21.27 16.92
C ARG A 232 43.00 20.52 17.34
N TRP A 233 42.63 19.46 16.61
CA TRP A 233 41.41 18.74 16.98
C TRP A 233 41.58 18.09 18.34
N THR A 234 40.43 17.91 19.02
CA THR A 234 40.29 17.51 20.42
C THR A 234 39.32 16.36 20.54
N ILE A 235 39.39 15.62 21.63
CA ILE A 235 38.22 14.86 22.10
C ILE A 235 37.62 15.52 23.33
N GLN A 236 36.35 15.94 23.25
CA GLN A 236 35.73 16.64 24.40
C GLN A 236 34.97 15.73 25.39
N LYS A 237 34.76 14.45 25.07
CA LYS A 237 34.06 13.55 25.99
C LYS A 237 34.13 12.16 25.50
N VAL A 238 34.08 11.23 26.45
CA VAL A 238 34.11 9.81 26.13
C VAL A 238 33.01 9.08 26.82
N PHE A 239 32.62 7.94 26.27
CA PHE A 239 31.58 7.16 26.87
C PHE A 239 32.00 5.73 26.65
N TYR A 240 32.23 5.06 27.77
CA TYR A 240 32.41 3.63 27.74
C TYR A 240 31.27 3.02 28.49
N GLN A 241 30.66 2.04 27.82
CA GLN A 241 29.75 1.06 28.38
C GLN A 241 28.69 1.58 29.33
N GLY A 242 28.65 2.87 29.61
CA GLY A 242 27.54 3.44 30.36
C GLY A 242 27.93 4.59 31.24
N ARG A 243 29.23 4.89 31.29
CA ARG A 243 29.74 6.01 32.07
C ARG A 243 30.48 6.98 31.16
N TYR A 244 30.49 8.23 31.60
CA TYR A 244 31.24 9.26 30.94
C TYR A 244 32.58 9.45 31.62
N TYR A 245 33.65 9.30 30.88
CA TYR A 245 34.95 9.69 31.34
C TYR A 245 35.35 10.97 30.61
N ASP A 246 36.18 11.80 31.25
CA ASP A 246 36.60 13.10 30.72
C ASP A 246 37.75 13.03 29.68
N SER A 247 38.20 11.83 29.29
CA SER A 247 39.29 11.65 28.30
C SER A 247 39.81 10.24 28.32
N LEU A 248 40.04 9.62 27.18
CA LEU A 248 40.63 8.28 27.12
C LEU A 248 41.79 7.95 28.07
N ALA A 249 42.51 8.96 28.54
CA ALA A 249 43.62 8.80 29.51
C ALA A 249 43.10 8.44 30.92
N GLN A 250 42.23 9.33 31.43
CA GLN A 250 41.43 9.10 32.61
C GLN A 250 40.65 7.77 32.60
N LEU A 251 40.48 7.15 31.44
CA LEU A 251 39.83 5.86 31.40
C LEU A 251 40.80 4.73 31.64
N GLU A 252 42.02 4.82 31.11
CA GLU A 252 43.04 3.84 31.51
C GLU A 252 43.26 3.96 33.02
N ALA A 253 43.32 5.20 33.52
CA ALA A 253 43.47 5.48 34.95
C ALA A 253 42.56 4.52 35.68
N GLN A 254 41.28 4.67 35.37
CA GLN A 254 40.28 3.85 35.97
C GLN A 254 40.44 2.41 35.58
N PHE A 255 40.65 2.12 34.31
CA PHE A 255 40.65 0.72 33.90
C PHE A 255 41.54 -0.13 34.79
N GLU A 256 42.82 0.22 34.83
CA GLU A 256 43.86 -0.67 35.43
C GLU A 256 43.85 -0.60 36.93
N ALA A 257 43.63 0.61 37.47
CA ALA A 257 43.36 0.77 38.90
C ALA A 257 42.14 -0.06 39.42
N GLY A 258 41.59 -0.95 38.58
CA GLY A 258 40.52 -1.87 38.96
C GLY A 258 39.12 -1.33 38.77
N LEU A 259 38.94 -0.02 38.93
CA LEU A 259 37.64 0.63 39.14
C LEU A 259 36.60 0.65 37.96
N VAL A 260 36.82 -0.14 36.92
CA VAL A 260 35.94 -0.12 35.76
C VAL A 260 35.46 -1.51 35.44
N ASN A 261 34.23 -1.83 35.81
CA ASN A 261 33.71 -3.13 35.45
C ASN A 261 33.49 -3.16 33.95
N VAL A 262 33.97 -4.23 33.33
CA VAL A 262 34.07 -4.24 31.89
C VAL A 262 33.33 -5.44 31.29
N VAL A 263 32.45 -5.16 30.34
CA VAL A 263 31.77 -6.23 29.62
C VAL A 263 32.51 -6.69 28.38
N LEU A 264 32.59 -7.99 28.23
CA LEU A 264 33.36 -8.57 27.17
C LEU A 264 32.39 -8.94 26.07
N ILE A 265 32.61 -8.34 24.88
CA ILE A 265 31.72 -8.51 23.74
C ILE A 265 32.43 -9.18 22.61
N PRO A 266 31.93 -10.33 22.15
CA PRO A 266 32.54 -11.14 21.08
C PRO A 266 32.95 -10.49 19.72
N ASP A 267 34.23 -10.69 19.42
CA ASP A 267 34.84 -10.58 18.09
C ASP A 267 33.97 -11.12 16.98
N ASN A 268 33.47 -12.34 17.19
CA ASN A 268 33.15 -13.29 16.13
C ASN A 268 31.82 -13.94 16.47
N GLY A 269 31.19 -14.64 15.51
CA GLY A 269 29.95 -15.39 15.81
C GLY A 269 29.37 -16.17 14.64
N THR A 270 28.14 -16.68 14.80
CA THR A 270 27.42 -17.25 13.64
C THR A 270 25.99 -16.77 13.58
N GLY A 271 25.44 -16.79 12.36
CA GLY A 271 24.05 -16.45 12.08
C GLY A 271 23.79 -14.99 11.71
N GLY A 272 22.57 -14.55 11.99
CA GLY A 272 22.07 -13.28 11.54
C GLY A 272 22.87 -12.10 11.97
N SER A 273 23.30 -12.04 13.23
CA SER A 273 24.03 -10.85 13.70
C SER A 273 25.42 -10.81 13.08
N TRP A 274 25.82 -11.95 12.53
CA TRP A 274 27.19 -12.11 12.09
C TRP A 274 27.19 -12.07 10.60
N SER A 275 26.60 -13.11 10.00
CA SER A 275 26.57 -13.30 8.56
C SER A 275 25.43 -12.56 7.77
N LEU A 276 25.41 -12.85 6.46
CA LEU A 276 24.36 -12.43 5.53
C LEU A 276 24.13 -13.53 4.48
N LYS A 277 25.20 -14.23 4.17
CA LYS A 277 25.13 -15.47 3.41
C LYS A 277 24.11 -16.38 4.06
N SER A 278 23.10 -16.74 3.28
CA SER A 278 22.20 -17.80 3.68
C SER A 278 23.00 -19.06 3.79
N PRO A 279 22.85 -19.78 4.91
CA PRO A 279 23.46 -21.08 5.01
C PRO A 279 22.77 -22.16 4.18
N VAL A 280 21.90 -21.81 3.25
CA VAL A 280 21.15 -22.83 2.54
C VAL A 280 21.39 -22.90 1.03
N PRO A 281 21.48 -24.13 0.53
CA PRO A 281 21.40 -24.36 -0.92
C PRO A 281 20.21 -23.65 -1.58
N PRO A 282 20.43 -23.00 -2.74
CA PRO A 282 19.35 -22.62 -3.64
C PRO A 282 18.34 -23.72 -3.85
N GLY A 283 17.06 -23.36 -3.88
CA GLY A 283 16.00 -24.33 -4.01
C GLY A 283 15.83 -24.62 -5.47
N PRO A 284 14.60 -24.95 -5.88
CA PRO A 284 14.27 -24.62 -7.22
C PRO A 284 14.08 -23.10 -7.28
N ALA A 285 13.67 -22.64 -8.47
CA ALA A 285 13.91 -21.29 -8.97
C ALA A 285 12.80 -20.31 -8.75
N PRO A 286 13.17 -19.09 -8.35
CA PRO A 286 12.09 -18.14 -8.29
C PRO A 286 11.39 -17.98 -9.65
N PRO A 287 10.19 -17.38 -9.63
CA PRO A 287 9.52 -17.14 -10.88
C PRO A 287 10.17 -15.95 -11.59
N LEU A 288 10.12 -16.04 -12.92
CA LEU A 288 10.82 -15.14 -13.81
C LEU A 288 9.84 -14.43 -14.76
N GLN A 289 9.99 -13.11 -14.86
CA GLN A 289 9.12 -12.29 -15.70
C GLN A 289 9.80 -11.97 -17.02
N PHE A 290 9.12 -12.22 -18.14
CA PHE A 290 9.72 -11.93 -19.43
C PHE A 290 8.73 -11.46 -20.48
N TYR A 291 9.12 -10.48 -21.29
CA TYR A 291 8.19 -9.82 -22.19
C TYR A 291 8.04 -10.63 -23.48
N PRO A 292 7.08 -11.54 -23.56
CA PRO A 292 7.10 -12.61 -24.55
C PRO A 292 7.06 -12.22 -26.01
N GLN A 293 7.06 -10.93 -26.31
CA GLN A 293 7.35 -10.42 -27.66
C GLN A 293 7.64 -8.97 -27.45
N GLY A 294 8.70 -8.46 -28.07
CA GLY A 294 9.17 -7.08 -27.89
C GLY A 294 9.28 -6.74 -26.43
N PRO A 295 10.08 -5.73 -26.07
CA PRO A 295 9.75 -5.08 -24.82
C PRO A 295 8.70 -4.09 -25.25
N ARG A 296 8.33 -3.17 -24.36
CA ARG A 296 7.22 -2.30 -24.69
C ARG A 296 7.48 -0.93 -24.17
N PHE A 297 8.74 -0.56 -24.09
CA PHE A 297 9.03 0.82 -23.77
C PHE A 297 10.42 0.97 -24.23
N SER A 298 10.90 2.20 -24.15
CA SER A 298 12.24 2.48 -24.57
C SER A 298 12.89 3.53 -23.69
N VAL A 299 14.18 3.31 -23.47
CA VAL A 299 15.02 4.24 -22.75
C VAL A 299 16.04 4.76 -23.71
N GLN A 300 16.29 6.04 -23.67
CA GLN A 300 17.12 6.68 -24.63
C GLN A 300 17.74 7.88 -23.92
N GLY A 301 18.91 7.68 -23.37
CA GLY A 301 19.49 8.73 -22.54
C GLY A 301 18.67 8.82 -21.27
N SER A 302 18.53 10.02 -20.72
CA SER A 302 17.64 10.22 -19.56
C SER A 302 16.11 10.00 -19.88
N ARG A 303 15.71 9.68 -21.10
CA ARG A 303 14.29 9.72 -21.44
C ARG A 303 13.68 8.36 -21.75
N VAL A 304 12.55 8.11 -21.09
CA VAL A 304 11.78 6.89 -21.24
C VAL A 304 10.48 7.14 -21.90
N ALA A 305 10.05 6.15 -22.66
CA ALA A 305 8.88 6.30 -23.46
C ALA A 305 8.19 4.99 -23.62
N SER A 306 6.93 5.01 -23.21
CA SER A 306 6.03 3.93 -23.43
C SER A 306 4.90 4.44 -24.23
N SER A 307 4.14 3.46 -24.73
CA SER A 307 2.81 3.70 -25.31
C SER A 307 1.93 4.74 -24.54
N LEU A 308 2.00 4.76 -23.23
CA LEU A 308 1.16 5.64 -22.46
C LEU A 308 1.94 6.78 -21.86
N TRP A 309 3.23 6.56 -21.60
CA TRP A 309 3.96 7.42 -20.71
C TRP A 309 5.27 7.84 -21.33
N THR A 310 5.64 9.09 -21.08
CA THR A 310 6.97 9.56 -21.44
C THR A 310 7.44 10.54 -20.37
N PHE A 311 8.70 10.38 -19.99
CA PHE A 311 9.24 11.16 -18.91
C PHE A 311 10.74 11.01 -18.93
N SER A 312 11.40 12.03 -18.40
CA SER A 312 12.84 12.06 -18.22
C SER A 312 13.13 11.77 -16.76
N PHE A 313 14.27 11.12 -16.48
CA PHE A 313 14.67 10.76 -15.12
C PHE A 313 16.12 11.02 -14.80
N GLY A 314 16.37 11.57 -13.61
CA GLY A 314 17.72 11.90 -13.18
C GLY A 314 18.11 11.43 -11.79
N LEU A 315 19.14 12.08 -11.25
CA LEU A 315 19.53 11.94 -9.88
C LEU A 315 20.25 13.17 -9.52
N GLY A 316 19.70 13.90 -8.57
CA GLY A 316 20.46 14.91 -7.87
C GLY A 316 21.54 14.17 -7.09
N ALA A 317 22.63 14.87 -6.74
CA ALA A 317 23.73 14.32 -5.94
C ALA A 317 23.29 14.13 -4.53
N PHE A 318 22.53 15.11 -4.06
CA PHE A 318 22.14 15.19 -2.69
C PHE A 318 20.67 14.90 -2.47
N SER A 319 19.83 15.65 -3.21
CA SER A 319 18.36 15.52 -3.20
C SER A 319 17.94 14.11 -3.67
N GLY A 320 18.66 13.59 -4.66
CA GLY A 320 18.36 12.26 -5.14
C GLY A 320 17.21 12.31 -6.13
N PRO A 321 16.63 11.11 -6.38
CA PRO A 321 15.90 10.84 -7.62
C PRO A 321 14.83 11.82 -7.92
N ARG A 322 14.58 11.95 -9.20
CA ARG A 322 13.76 13.00 -9.73
C ARG A 322 13.35 12.52 -11.10
N ILE A 323 12.13 12.84 -11.51
CA ILE A 323 11.75 12.73 -12.90
C ILE A 323 11.12 14.04 -13.32
N PHE A 324 11.07 14.24 -14.62
CA PHE A 324 10.49 15.44 -15.17
C PHE A 324 9.68 15.19 -16.43
N ASP A 325 8.84 16.19 -16.71
CA ASP A 325 8.09 16.28 -17.94
C ASP A 325 7.35 14.96 -18.24
N VAL A 326 6.35 14.71 -17.39
CA VAL A 326 5.63 13.45 -17.43
C VAL A 326 4.40 13.53 -18.33
N ARG A 327 4.26 12.60 -19.25
CA ARG A 327 3.20 12.77 -20.20
C ARG A 327 2.43 11.52 -20.41
N PHE A 328 1.17 11.64 -20.00
CA PHE A 328 0.21 10.62 -20.23
C PHE A 328 -0.43 10.92 -21.55
N GLN A 329 -0.46 9.90 -22.39
CA GLN A 329 -0.93 9.98 -23.76
C GLN A 329 -0.73 11.37 -24.40
N GLY A 330 0.49 11.86 -24.30
CA GLY A 330 0.84 13.09 -24.94
C GLY A 330 0.72 14.25 -24.00
N GLU A 331 -0.15 14.17 -23.01
CA GLU A 331 -0.42 15.34 -22.20
C GLU A 331 0.39 15.40 -20.94
N ARG A 332 1.01 16.53 -20.73
CA ARG A 332 1.84 16.65 -19.58
C ARG A 332 1.06 16.81 -18.27
N LEU A 333 1.24 15.86 -17.35
CA LEU A 333 0.66 15.91 -16.00
C LEU A 333 1.46 16.68 -14.97
N VAL A 334 2.74 16.35 -14.91
CA VAL A 334 3.63 16.96 -13.91
C VAL A 334 4.99 17.33 -14.52
N TYR A 335 5.42 18.53 -14.14
CA TYR A 335 6.65 19.07 -14.63
C TYR A 335 7.84 18.31 -13.98
N GLU A 336 7.75 18.13 -12.65
CA GLU A 336 8.83 17.57 -11.77
C GLU A 336 8.29 16.79 -10.57
N ILE A 337 8.82 15.61 -10.32
CA ILE A 337 8.66 14.93 -9.04
C ILE A 337 10.02 14.52 -8.58
N SER A 338 10.34 14.74 -7.31
CA SER A 338 11.70 14.65 -6.90
C SER A 338 11.92 14.63 -5.39
N LEU A 339 12.33 13.47 -4.89
CA LEU A 339 12.81 13.39 -3.52
C LEU A 339 13.63 14.63 -3.14
N GLN A 340 13.34 15.18 -1.98
CA GLN A 340 13.95 16.41 -1.57
C GLN A 340 14.90 16.22 -0.45
N GLU A 341 14.69 15.12 0.30
CA GLU A 341 15.33 14.92 1.60
C GLU A 341 14.87 13.63 2.26
N ALA A 342 15.75 13.07 3.08
CA ALA A 342 15.41 11.96 3.97
C ALA A 342 15.88 12.29 5.40
N LEU A 343 15.11 11.83 6.38
CA LEU A 343 15.39 12.05 7.80
C LEU A 343 15.47 10.70 8.53
N ALA A 344 16.06 10.78 9.71
CA ALA A 344 16.13 9.67 10.68
C ALA A 344 16.37 10.31 12.04
N ILE A 345 15.38 10.22 12.93
CA ILE A 345 15.53 10.73 14.27
C ILE A 345 15.49 9.58 15.27
N TYR A 346 16.50 9.63 16.14
CA TYR A 346 16.84 8.53 17.00
C TYR A 346 16.61 8.90 18.47
N GLY A 347 16.31 7.82 19.21
CA GLY A 347 16.31 7.80 20.67
C GLY A 347 17.37 6.83 21.19
N GLY A 348 17.85 7.10 22.39
CA GLY A 348 18.74 6.16 22.98
C GLY A 348 19.29 6.36 24.38
N ASN A 349 20.08 5.35 24.70
CA ASN A 349 20.74 5.21 25.96
C ASN A 349 22.04 6.00 25.94
N SER A 350 22.73 5.90 24.79
CA SER A 350 24.09 6.38 24.55
C SER A 350 24.10 7.73 23.84
N PRO A 351 25.22 8.48 23.87
CA PRO A 351 25.20 9.83 23.31
C PRO A 351 25.07 9.85 21.80
N ALA A 352 25.59 8.81 21.14
CA ALA A 352 25.41 8.67 19.70
C ALA A 352 23.92 8.68 19.40
N ALA A 353 23.30 7.51 19.58
CA ALA A 353 21.91 7.33 19.24
C ALA A 353 21.01 8.43 19.82
N MET A 354 21.27 8.91 21.01
CA MET A 354 20.30 9.82 21.58
C MET A 354 20.24 11.21 20.94
N THR A 355 21.27 11.67 20.22
CA THR A 355 21.16 12.97 19.48
C THR A 355 21.33 12.87 17.97
N THR A 356 21.43 11.66 17.45
CA THR A 356 21.46 11.45 16.03
C THR A 356 20.15 11.81 15.38
N ARG A 357 20.13 13.00 14.77
CA ARG A 357 19.09 13.41 13.81
C ARG A 357 19.72 13.54 12.41
N TYR A 358 19.84 12.42 11.69
CA TYR A 358 20.48 12.41 10.36
C TYR A 358 19.64 13.16 9.34
N VAL A 359 20.28 14.00 8.52
CA VAL A 359 19.60 14.69 7.43
C VAL A 359 20.30 14.25 6.14
N ASP A 360 19.91 13.06 5.69
CA ASP A 360 20.67 12.27 4.74
C ASP A 360 21.06 12.96 3.43
N GLY A 361 20.42 14.05 3.06
CA GLY A 361 20.86 14.77 1.89
C GLY A 361 22.22 15.44 2.07
N GLY A 362 22.56 15.88 3.26
CA GLY A 362 23.89 16.46 3.46
C GLY A 362 25.08 15.49 3.38
N PHE A 363 24.78 14.22 3.13
CA PHE A 363 25.71 13.23 2.58
C PHE A 363 25.43 13.03 1.08
N GLY A 364 24.15 12.81 0.76
CA GLY A 364 23.66 12.90 -0.60
C GLY A 364 23.09 11.59 -1.09
N MET A 365 21.81 11.60 -1.48
CA MET A 365 21.12 10.33 -1.83
C MET A 365 21.62 9.82 -3.17
N GLY A 366 22.05 10.72 -4.05
CA GLY A 366 22.60 10.35 -5.37
C GLY A 366 24.02 9.85 -5.26
N LYS A 367 24.86 10.72 -4.68
CA LYS A 367 26.22 10.35 -4.27
C LYS A 367 26.30 8.91 -3.72
N TYR A 368 25.49 8.60 -2.73
CA TYR A 368 25.55 7.28 -2.21
C TYR A 368 24.61 6.37 -2.95
N THR A 369 24.08 6.75 -4.11
CA THR A 369 23.35 5.72 -4.85
C THR A 369 24.33 4.60 -5.11
N THR A 370 23.78 3.41 -5.34
CA THR A 370 24.56 2.24 -5.61
C THR A 370 23.96 1.39 -6.71
N PRO A 371 24.76 0.44 -7.20
CA PRO A 371 24.36 -0.42 -8.30
C PRO A 371 23.31 -1.36 -7.92
N LEU A 372 22.35 -1.49 -8.82
CA LEU A 372 21.25 -2.39 -8.62
C LEU A 372 21.71 -3.76 -9.01
N THR A 373 21.51 -4.71 -8.13
CA THR A 373 21.96 -6.04 -8.44
C THR A 373 20.91 -6.75 -9.28
N ARG A 374 21.28 -7.05 -10.51
CA ARG A 374 20.33 -7.64 -11.40
C ARG A 374 19.77 -8.94 -10.86
N GLY A 375 18.45 -9.10 -10.90
CA GLY A 375 17.79 -10.29 -10.38
C GLY A 375 17.39 -10.17 -8.92
N VAL A 376 17.72 -9.05 -8.31
CA VAL A 376 17.40 -8.85 -6.92
C VAL A 376 16.74 -7.51 -6.85
N ASP A 377 17.51 -6.45 -6.96
CA ASP A 377 16.97 -5.11 -6.82
C ASP A 377 15.99 -4.61 -7.91
N CYS A 378 15.79 -5.40 -8.98
CA CYS A 378 14.90 -5.10 -10.09
C CYS A 378 14.82 -6.43 -10.77
N PRO A 379 13.77 -6.66 -11.55
CA PRO A 379 13.74 -7.96 -12.20
C PRO A 379 14.95 -8.13 -13.08
N TYR A 380 15.20 -9.39 -13.41
CA TYR A 380 16.40 -9.77 -14.12
C TYR A 380 16.50 -9.03 -15.43
N LEU A 381 15.41 -9.03 -16.20
CA LEU A 381 15.34 -8.42 -17.52
C LEU A 381 14.99 -6.91 -17.53
N ALA A 382 15.06 -6.26 -16.39
CA ALA A 382 14.96 -4.82 -16.41
C ALA A 382 15.98 -4.23 -17.34
N THR A 383 15.71 -3.01 -17.74
CA THR A 383 16.71 -2.18 -18.34
C THR A 383 17.46 -1.38 -17.25
N TYR A 384 18.77 -1.57 -17.15
CA TYR A 384 19.55 -0.89 -16.11
C TYR A 384 20.32 0.20 -16.78
N VAL A 385 20.84 1.15 -16.01
CA VAL A 385 21.42 2.36 -16.62
C VAL A 385 22.46 3.02 -15.76
N ASP A 386 23.56 3.50 -16.35
CA ASP A 386 24.63 4.04 -15.49
C ASP A 386 24.34 5.46 -14.98
N TRP A 387 25.25 6.05 -14.22
CA TRP A 387 24.99 7.37 -13.65
C TRP A 387 26.32 8.02 -13.38
N HIS A 388 26.64 9.10 -14.07
CA HIS A 388 27.97 9.68 -14.01
C HIS A 388 28.00 10.81 -13.01
N PHE A 389 29.15 11.05 -12.43
CA PHE A 389 29.24 12.06 -11.37
C PHE A 389 30.68 12.51 -11.14
N LEU A 390 30.82 13.76 -10.73
CA LEU A 390 32.10 14.26 -10.30
C LEU A 390 31.87 14.73 -8.91
N LEU A 391 32.31 13.91 -7.96
CA LEU A 391 32.10 14.18 -6.54
C LEU A 391 33.34 13.84 -5.71
N GLU A 392 33.80 14.83 -4.94
CA GLU A 392 35.01 14.68 -4.15
C GLU A 392 36.11 14.05 -5.02
N SER A 393 36.34 14.71 -6.17
CA SER A 393 37.22 14.19 -7.19
C SER A 393 37.52 15.31 -8.18
N GLN A 394 38.33 14.96 -9.17
CA GLN A 394 38.61 15.80 -10.32
C GLN A 394 38.42 15.11 -11.68
N ALA A 395 38.05 13.83 -11.68
CA ALA A 395 37.59 13.19 -12.91
C ALA A 395 36.27 12.53 -12.61
N PRO A 396 35.31 12.71 -13.54
CA PRO A 396 34.03 12.11 -13.38
C PRO A 396 34.21 10.63 -13.19
N LYS A 397 33.20 10.01 -12.57
CA LYS A 397 33.14 8.57 -12.36
C LYS A 397 31.69 8.13 -12.51
N THR A 398 31.46 6.84 -12.33
CA THR A 398 30.28 6.21 -12.87
C THR A 398 29.79 5.08 -11.96
N ILE A 399 28.60 5.25 -11.39
CA ILE A 399 27.90 4.11 -10.79
C ILE A 399 27.20 3.35 -11.86
N ARG A 400 27.48 2.07 -11.92
CA ARG A 400 26.98 1.27 -13.01
C ARG A 400 25.65 0.66 -12.58
N ASP A 401 24.75 0.49 -13.53
CA ASP A 401 23.39 0.04 -13.23
C ASP A 401 22.63 0.82 -12.11
N ALA A 402 23.03 2.05 -11.79
CA ALA A 402 22.35 2.89 -10.75
C ALA A 402 20.82 2.91 -10.77
N PHE A 403 20.25 3.12 -11.96
CA PHE A 403 18.79 3.11 -12.23
C PHE A 403 18.36 1.84 -12.95
N CYS A 404 17.13 1.44 -12.70
CA CYS A 404 16.51 0.41 -13.53
C CYS A 404 15.13 0.87 -13.95
N VAL A 405 14.69 0.35 -15.09
CA VAL A 405 13.40 0.63 -15.64
C VAL A 405 12.82 -0.68 -16.12
N PHE A 406 11.56 -0.93 -15.82
CA PHE A 406 10.94 -2.17 -16.24
C PHE A 406 9.44 -2.09 -16.14
N GLU A 407 8.85 -3.05 -16.83
CA GLU A 407 7.44 -3.21 -16.89
C GLU A 407 7.09 -4.40 -16.01
N GLN A 408 6.62 -4.11 -14.81
CA GLN A 408 6.20 -5.14 -13.84
C GLN A 408 4.75 -5.50 -14.11
N ASN A 409 4.48 -6.77 -14.41
CA ASN A 409 3.10 -7.18 -14.41
C ASN A 409 2.77 -7.32 -12.93
N GLN A 410 1.57 -6.95 -12.50
CA GLN A 410 1.29 -6.80 -11.07
C GLN A 410 0.53 -7.95 -10.51
N GLY A 411 0.01 -8.82 -11.38
CA GLY A 411 -0.66 -10.09 -11.02
C GLY A 411 -2.04 -9.96 -10.39
N LEU A 412 -2.95 -9.26 -11.05
CA LEU A 412 -3.95 -8.48 -10.35
C LEU A 412 -4.66 -7.61 -11.33
N PRO A 413 -5.98 -7.73 -11.45
CA PRO A 413 -6.56 -6.90 -12.47
C PRO A 413 -6.54 -5.42 -12.07
N LEU A 414 -6.43 -4.58 -13.10
CA LEU A 414 -6.61 -3.16 -12.96
C LEU A 414 -8.10 -2.98 -12.79
N ARG A 415 -8.83 -3.75 -13.58
CA ARG A 415 -10.26 -3.72 -13.50
C ARG A 415 -10.77 -4.96 -14.11
N ARG A 416 -11.95 -5.36 -13.68
CA ARG A 416 -12.64 -6.47 -14.29
C ARG A 416 -14.12 -6.32 -13.95
N HIS A 417 -14.97 -7.03 -14.70
CA HIS A 417 -16.31 -7.30 -14.24
C HIS A 417 -16.87 -8.51 -14.94
N HIS A 418 -17.32 -9.43 -14.09
CA HIS A 418 -17.97 -10.66 -14.53
C HIS A 418 -19.48 -10.50 -14.38
N SER A 419 -20.22 -10.78 -15.45
CA SER A 419 -21.65 -10.56 -15.40
C SER A 419 -22.38 -11.85 -15.62
N ASP A 420 -23.07 -12.31 -14.58
CA ASP A 420 -23.91 -13.52 -14.67
C ASP A 420 -25.38 -13.11 -14.80
N LEU A 421 -25.63 -11.81 -14.66
CA LEU A 421 -26.96 -11.29 -14.36
C LEU A 421 -27.53 -10.48 -15.53
N TYR A 422 -28.66 -10.93 -16.06
CA TYR A 422 -29.27 -10.37 -17.31
C TYR A 422 -28.41 -10.59 -18.54
N SER A 423 -27.23 -9.95 -18.57
CA SER A 423 -26.27 -10.05 -19.69
C SER A 423 -24.94 -10.80 -19.37
N HIS A 424 -24.60 -11.78 -20.20
CA HIS A 424 -23.39 -12.60 -20.01
C HIS A 424 -22.14 -12.09 -20.66
N TYR A 425 -21.27 -11.47 -19.89
CA TYR A 425 -20.05 -10.95 -20.45
C TYR A 425 -18.96 -10.86 -19.40
N PHE A 426 -17.72 -10.96 -19.87
CA PHE A 426 -16.58 -10.63 -19.05
C PHE A 426 -15.82 -9.52 -19.73
N GLY A 427 -15.43 -8.52 -18.96
CA GLY A 427 -14.47 -7.56 -19.47
C GLY A 427 -13.46 -7.28 -18.40
N GLY A 428 -12.18 -7.27 -18.77
CA GLY A 428 -11.11 -7.02 -17.81
C GLY A 428 -9.73 -6.81 -18.39
N LEU A 429 -8.80 -6.45 -17.50
CA LEU A 429 -7.45 -6.05 -17.88
C LEU A 429 -6.49 -6.21 -16.69
N ALA A 430 -5.43 -7.00 -16.88
CA ALA A 430 -4.43 -7.23 -15.80
C ALA A 430 -3.44 -6.07 -15.69
N GLU A 431 -3.31 -5.47 -14.51
CA GLU A 431 -2.47 -4.29 -14.43
C GLU A 431 -1.04 -4.66 -14.68
N THR A 432 -0.41 -3.94 -15.61
CA THR A 432 1.02 -4.03 -15.91
C THR A 432 1.53 -2.63 -15.68
N VAL A 433 2.78 -2.46 -15.35
CA VAL A 433 3.13 -1.21 -14.73
C VAL A 433 4.55 -0.81 -15.04
N LEU A 434 4.82 0.47 -15.08
CA LEU A 434 6.16 0.89 -15.46
C LEU A 434 6.89 1.50 -14.27
N VAL A 435 8.05 0.92 -13.96
CA VAL A 435 8.74 1.29 -12.73
C VAL A 435 10.08 1.92 -12.97
N VAL A 436 10.45 2.87 -12.10
CA VAL A 436 11.78 3.40 -12.18
C VAL A 436 12.44 3.56 -10.78
N ARG A 437 13.50 2.77 -10.59
CA ARG A 437 14.12 2.56 -9.29
C ARG A 437 15.59 2.92 -9.25
N SER A 438 15.97 3.56 -8.16
CA SER A 438 17.33 3.79 -7.75
C SER A 438 17.36 3.47 -6.22
N MET A 439 18.52 3.05 -5.67
CA MET A 439 18.68 2.87 -4.21
C MET A 439 19.91 3.60 -3.66
N SER A 440 19.69 4.55 -2.76
CA SER A 440 20.77 5.18 -2.04
C SER A 440 21.12 4.31 -0.80
N THR A 441 22.39 3.98 -0.60
CA THR A 441 22.82 3.18 0.56
C THR A 441 23.62 4.10 1.44
N LEU A 442 23.08 4.46 2.57
CA LEU A 442 23.80 5.37 3.45
C LEU A 442 24.06 4.71 4.79
N LEU A 443 25.35 4.52 5.04
CA LEU A 443 25.80 3.74 6.14
C LEU A 443 25.08 2.39 6.08
N ASN A 444 24.13 2.24 6.99
CA ASN A 444 23.41 1.02 7.15
C ASN A 444 22.18 1.01 6.27
N TPQ A 445 21.65 2.20 5.97
CA TPQ A 445 20.35 2.31 5.34
CB TPQ A 445 19.81 3.74 5.26
C TPQ A 445 20.45 1.84 3.95
O TPQ A 445 21.39 2.15 3.24
C1 TPQ A 445 19.84 4.43 6.59
C2 TPQ A 445 19.00 3.91 7.70
O2 TPQ A 445 18.27 2.89 7.53
C3 TPQ A 445 19.07 4.60 8.92
C4 TPQ A 445 19.87 5.75 9.09
O4 TPQ A 445 19.89 6.33 10.31
C5 TPQ A 445 20.71 6.30 7.97
O5 TPQ A 445 21.45 7.32 8.05
C6 TPQ A 445 20.64 5.58 6.78
N ASP A 446 19.46 1.08 3.54
CA ASP A 446 19.25 0.88 2.12
C ASP A 446 17.86 1.36 1.65
N TYR A 447 17.79 2.66 1.35
CA TYR A 447 16.59 3.30 0.77
C TYR A 447 16.26 2.87 -0.66
N VAL A 448 15.20 2.09 -0.88
CA VAL A 448 14.68 1.94 -2.24
C VAL A 448 13.74 3.08 -2.60
N TRP A 449 14.04 3.77 -3.70
CA TRP A 449 13.17 4.85 -4.20
C TRP A 449 12.48 4.40 -5.46
N ASP A 450 11.18 4.62 -5.52
CA ASP A 450 10.39 4.09 -6.62
C ASP A 450 9.53 5.15 -7.22
N THR A 451 9.23 4.99 -8.50
CA THR A 451 8.20 5.80 -9.13
C THR A 451 7.52 4.93 -10.12
N VAL A 452 6.20 4.85 -9.98
CA VAL A 452 5.43 3.82 -10.69
C VAL A 452 4.26 4.38 -11.50
N PHE A 453 4.16 3.91 -12.75
CA PHE A 453 3.27 4.51 -13.73
C PHE A 453 2.19 3.54 -14.13
N HIS A 454 0.95 3.93 -13.88
CA HIS A 454 -0.12 3.03 -13.99
C HIS A 454 -0.86 3.35 -15.28
N PRO A 455 -1.44 2.31 -15.93
CA PRO A 455 -2.23 2.47 -17.17
C PRO A 455 -3.53 3.27 -17.02
N SER A 456 -3.89 3.56 -15.78
CA SER A 456 -5.02 4.37 -15.44
C SER A 456 -4.68 5.83 -15.60
N GLY A 457 -3.41 6.15 -15.64
CA GLY A 457 -3.00 7.54 -15.65
C GLY A 457 -2.65 8.06 -14.27
N ALA A 458 -2.26 7.13 -13.41
CA ALA A 458 -1.87 7.47 -12.05
C ALA A 458 -0.39 7.17 -11.79
N ILE A 459 0.13 7.89 -10.82
CA ILE A 459 1.55 7.93 -10.57
C ILE A 459 1.79 7.68 -9.08
N GLU A 460 2.46 6.56 -8.76
CA GLU A 460 2.71 6.08 -7.38
C GLU A 460 4.18 6.29 -7.10
N ILE A 461 4.43 7.02 -6.04
CA ILE A 461 5.73 7.18 -5.43
C ILE A 461 5.81 6.26 -4.21
N ARG A 462 6.92 5.55 -4.11
CA ARG A 462 7.17 4.57 -3.03
C ARG A 462 8.56 4.83 -2.43
N PHE A 463 8.85 4.13 -1.35
CA PHE A 463 9.99 4.44 -0.54
C PHE A 463 10.07 3.24 0.39
N TYR A 464 11.27 2.71 0.56
CA TYR A 464 11.46 1.63 1.49
C TYR A 464 12.67 1.91 2.33
N ALA A 465 12.80 1.23 3.46
CA ALA A 465 14.07 1.14 4.17
C ALA A 465 14.33 -0.34 4.45
N THR A 466 15.40 -0.87 3.83
CA THR A 466 16.01 -2.13 4.20
C THR A 466 17.37 -1.74 4.69
N GLY A 467 18.29 -2.71 4.56
CA GLY A 467 19.63 -2.64 5.06
C GLY A 467 19.74 -3.05 6.52
N TYR A 468 20.76 -2.56 7.16
CA TYR A 468 21.00 -2.91 8.53
C TYR A 468 20.38 -1.75 9.29
N ILE A 469 20.49 -1.79 10.63
CA ILE A 469 20.00 -0.74 11.52
C ILE A 469 21.10 -0.20 12.38
N SER A 470 21.20 1.11 12.50
CA SER A 470 22.08 1.73 13.48
C SER A 470 21.64 1.23 14.86
N SER A 471 22.61 0.63 15.58
CA SER A 471 22.44 0.00 16.90
C SER A 471 23.36 0.60 17.97
N ALA A 472 23.08 0.31 19.22
CA ALA A 472 23.98 0.71 20.29
C ALA A 472 24.36 -0.53 21.10
N PHE A 473 25.33 -0.34 21.98
CA PHE A 473 25.71 -1.36 22.92
C PHE A 473 24.65 -1.35 23.98
N LEU A 474 24.09 -2.52 24.26
CA LEU A 474 22.95 -2.69 25.18
C LEU A 474 23.25 -2.40 26.67
N PHE A 475 22.65 -1.37 27.28
CA PHE A 475 23.00 -1.02 28.66
C PHE A 475 22.00 -0.21 29.58
N GLY A 476 21.16 -0.89 30.36
CA GLY A 476 20.25 -0.22 31.31
C GLY A 476 18.82 -0.05 30.81
N ALA A 477 18.36 1.21 30.75
CA ALA A 477 16.96 1.59 30.35
C ALA A 477 16.34 1.14 28.96
N THR A 478 17.11 0.46 28.10
CA THR A 478 16.59 -0.27 26.94
C THR A 478 15.15 0.00 26.47
N GLY A 479 14.16 -0.51 27.20
CA GLY A 479 12.80 -0.59 26.69
C GLY A 479 12.23 0.77 26.31
N LYS A 480 12.73 1.80 26.99
CA LYS A 480 12.46 3.19 26.64
C LYS A 480 13.13 3.67 25.32
N TYR A 481 14.02 2.85 24.77
CA TYR A 481 14.75 3.22 23.58
C TYR A 481 14.96 2.05 22.61
N GLY A 482 14.01 1.16 22.51
CA GLY A 482 14.14 0.11 21.55
C GLY A 482 14.19 -1.24 22.18
N ASN A 483 14.40 -2.21 21.33
CA ASN A 483 14.48 -3.59 21.71
C ASN A 483 15.92 -4.12 21.62
N GLN A 484 16.22 -5.06 22.49
CA GLN A 484 17.36 -5.87 22.29
C GLN A 484 17.02 -6.81 21.15
N VAL A 485 18.02 -7.01 20.33
CA VAL A 485 17.86 -7.62 19.03
C VAL A 485 18.98 -8.63 18.71
N SER A 486 20.13 -8.49 19.36
CA SER A 486 21.12 -9.58 19.48
C SER A 486 21.97 -9.39 20.75
N GLU A 487 22.89 -10.32 21.01
CA GLU A 487 23.76 -10.21 22.18
C GLU A 487 24.35 -8.81 22.22
N HIS A 488 24.13 -8.11 23.32
CA HIS A 488 24.75 -6.79 23.55
C HIS A 488 24.23 -5.66 22.65
N THR A 489 23.16 -5.96 21.90
CA THR A 489 22.75 -5.10 20.81
C THR A 489 21.33 -4.53 20.96
N LEU A 490 21.30 -3.23 21.20
CA LEU A 490 20.10 -2.45 21.29
C LEU A 490 19.82 -1.98 19.89
N GLY A 491 18.78 -2.54 19.27
CA GLY A 491 18.15 -1.94 18.10
C GLY A 491 17.41 -0.67 18.51
N THR A 492 18.07 0.49 18.37
CA THR A 492 17.51 1.74 18.81
C THR A 492 16.29 2.19 18.01
N VAL A 493 15.47 2.97 18.69
CA VAL A 493 14.27 3.50 18.11
C VAL A 493 14.60 4.75 17.31
N HIS A 494 14.00 4.82 16.12
CA HIS A 494 14.11 5.97 15.24
C HIS A 494 12.83 6.14 14.45
N THR A 495 12.60 7.38 13.97
CA THR A 495 11.62 7.66 12.90
C THR A 495 12.24 7.96 11.56
N HIS A 496 11.46 7.71 10.53
CA HIS A 496 11.79 8.06 9.17
C HIS A 496 10.83 9.14 8.63
N SER A 497 11.37 9.94 7.72
CA SER A 497 10.64 10.94 7.02
C SER A 497 11.34 11.00 5.69
N ALA A 498 10.62 11.44 4.68
CA ALA A 498 11.18 11.71 3.37
C ALA A 498 10.32 12.85 2.92
N HIS A 499 10.86 13.76 2.14
CA HIS A 499 10.03 14.80 1.55
C HIS A 499 10.06 14.72 0.04
N PHE A 500 8.96 15.11 -0.56
CA PHE A 500 8.85 15.02 -2.01
C PHE A 500 8.31 16.33 -2.57
N LYS A 501 8.78 16.66 -3.77
CA LYS A 501 8.29 17.81 -4.48
C LYS A 501 7.43 17.24 -5.61
N VAL A 502 6.19 17.69 -5.66
CA VAL A 502 5.27 17.36 -6.72
C VAL A 502 4.76 18.68 -7.35
N ASP A 503 5.33 19.02 -8.53
CA ASP A 503 4.89 20.16 -9.34
C ASP A 503 3.99 19.63 -10.39
N LEU A 504 2.76 19.40 -9.98
CA LEU A 504 1.71 19.22 -10.93
C LEU A 504 1.49 20.51 -11.66
N ASP A 505 1.02 20.31 -12.87
CA ASP A 505 0.67 21.36 -13.77
C ASP A 505 -0.45 20.75 -14.53
N VAL A 506 -1.62 20.80 -13.90
CA VAL A 506 -2.78 20.05 -14.34
C VAL A 506 -3.47 20.71 -15.51
N ALA A 507 -3.45 20.03 -16.65
CA ALA A 507 -3.85 20.68 -17.88
C ALA A 507 -3.65 22.21 -17.73
N GLY A 508 -2.37 22.62 -17.71
CA GLY A 508 -1.97 23.99 -17.53
C GLY A 508 -1.26 24.29 -16.23
N LEU A 509 -0.46 25.33 -16.25
CA LEU A 509 0.17 25.88 -15.06
C LEU A 509 -0.76 26.34 -13.96
N GLU A 510 -1.81 27.06 -14.33
CA GLU A 510 -2.69 27.70 -13.35
C GLU A 510 -3.56 26.60 -12.76
N ASN A 511 -3.36 26.33 -11.48
CA ASN A 511 -4.19 25.37 -10.78
C ASN A 511 -4.75 26.02 -9.51
N TRP A 512 -5.84 25.45 -9.03
CA TRP A 512 -6.35 25.70 -7.69
C TRP A 512 -6.29 24.38 -6.94
N VAL A 513 -6.44 24.48 -5.62
CA VAL A 513 -6.63 23.28 -4.83
C VAL A 513 -7.98 23.19 -4.14
N TRP A 514 -8.54 22.00 -4.31
CA TRP A 514 -9.85 21.61 -3.83
C TRP A 514 -9.74 20.55 -2.78
N ALA A 515 -10.71 20.56 -1.87
CA ALA A 515 -10.76 19.64 -0.75
C ALA A 515 -12.16 19.08 -0.60
N GLU A 516 -12.43 17.92 -1.20
CA GLU A 516 -13.70 17.25 -1.01
C GLU A 516 -13.64 16.19 0.09
N ASP A 517 -14.76 15.98 0.77
CA ASP A 517 -14.89 14.99 1.84
C ASP A 517 -16.34 14.53 1.91
N MET A 518 -16.80 14.15 3.09
CA MET A 518 -18.16 13.70 3.24
C MET A 518 -18.72 14.25 4.54
N VAL A 519 -20.01 14.04 4.70
CA VAL A 519 -20.69 14.39 5.92
C VAL A 519 -22.05 13.71 5.85
N PHE A 520 -22.59 13.40 7.04
CA PHE A 520 -23.95 12.91 7.17
C PHE A 520 -24.87 13.99 7.72
N VAL A 521 -25.95 14.26 7.00
CA VAL A 521 -26.95 15.17 7.50
C VAL A 521 -28.18 14.41 8.01
N PRO A 522 -28.56 14.66 9.27
CA PRO A 522 -29.75 14.04 9.80
C PRO A 522 -30.97 14.74 9.26
N MET A 523 -31.80 14.02 8.52
CA MET A 523 -33.05 14.57 7.98
C MET A 523 -34.19 13.60 8.13
N ALA A 524 -35.40 14.13 8.01
CA ALA A 524 -36.57 13.29 7.87
C ALA A 524 -36.65 12.65 6.48
N VAL A 525 -36.99 11.36 6.44
CA VAL A 525 -37.21 10.70 5.17
C VAL A 525 -38.29 11.47 4.45
N PRO A 526 -37.99 12.00 3.26
CA PRO A 526 -38.96 12.71 2.44
C PRO A 526 -40.29 12.04 2.16
N TRP A 527 -40.34 10.71 2.08
CA TRP A 527 -41.59 10.02 1.77
C TRP A 527 -42.26 9.34 2.97
N SER A 528 -41.83 9.66 4.17
CA SER A 528 -42.33 8.99 5.36
C SER A 528 -41.83 9.79 6.55
N PRO A 529 -42.34 11.04 6.69
CA PRO A 529 -41.71 12.05 7.57
C PRO A 529 -41.65 11.69 9.03
N GLU A 530 -42.32 10.60 9.39
CA GLU A 530 -42.21 10.01 10.71
C GLU A 530 -40.72 9.73 11.02
N HIS A 531 -40.05 9.12 10.03
CA HIS A 531 -38.71 8.58 10.19
C HIS A 531 -37.57 9.51 9.79
N GLN A 532 -36.38 9.23 10.34
CA GLN A 532 -35.11 9.89 9.98
C GLN A 532 -34.29 9.05 9.03
N LEU A 533 -33.40 9.75 8.34
CA LEU A 533 -32.25 9.12 7.76
C LEU A 533 -31.09 10.03 7.97
N GLN A 534 -29.92 9.38 7.96
CA GLN A 534 -28.67 10.06 7.99
C GLN A 534 -28.35 10.18 6.52
N ARG A 535 -28.37 11.42 6.05
CA ARG A 535 -28.28 11.72 4.63
C ARG A 535 -26.84 11.95 4.26
N LEU A 536 -26.32 11.10 3.37
CA LEU A 536 -24.91 11.20 3.02
C LEU A 536 -24.71 12.30 1.99
N GLN A 537 -23.81 13.21 2.31
CA GLN A 537 -23.47 14.31 1.44
C GLN A 537 -21.98 14.48 1.25
N VAL A 538 -21.65 15.24 0.21
CA VAL A 538 -20.28 15.47 -0.22
C VAL A 538 -20.00 16.93 0.07
N THR A 539 -18.79 17.25 0.51
CA THR A 539 -18.42 18.61 0.86
C THR A 539 -17.23 19.08 0.04
N ARG A 540 -17.43 20.01 -0.86
CA ARG A 540 -16.37 20.55 -1.73
C ARG A 540 -15.92 21.88 -1.16
N LYS A 541 -14.68 22.02 -0.80
CA LYS A 541 -14.26 23.32 -0.29
C LYS A 541 -12.98 23.74 -0.93
N LEU A 542 -12.92 25.02 -1.26
CA LEU A 542 -11.83 25.53 -2.01
C LEU A 542 -10.81 26.07 -1.04
N LEU A 543 -9.57 25.63 -1.24
CA LEU A 543 -8.47 26.09 -0.43
C LEU A 543 -7.74 27.21 -1.18
N GLU A 544 -7.69 28.37 -0.54
CA GLU A 544 -7.37 29.61 -1.24
C GLU A 544 -6.06 30.25 -0.87
N MET A 545 -5.54 29.92 0.31
CA MET A 545 -4.30 30.50 0.77
C MET A 545 -3.31 29.41 1.14
N GLU A 546 -2.01 29.68 0.98
CA GLU A 546 -0.98 28.66 1.22
C GLU A 546 -1.32 27.89 2.57
N GLU A 547 -1.63 28.66 3.62
CA GLU A 547 -1.82 28.09 4.97
C GLU A 547 -3.03 27.17 5.06
N GLN A 548 -4.06 27.44 4.30
CA GLN A 548 -5.21 26.54 4.29
C GLN A 548 -4.94 25.18 3.64
N ALA A 549 -3.80 25.04 2.99
CA ALA A 549 -3.46 23.75 2.42
C ALA A 549 -2.17 23.28 3.03
N ALA A 550 -1.79 23.87 4.16
CA ALA A 550 -0.71 23.32 4.94
C ALA A 550 -1.29 22.46 6.05
N PHE A 551 -1.14 21.14 5.93
CA PHE A 551 -1.70 20.16 6.86
C PHE A 551 -0.60 19.54 7.74
N LEU A 552 -0.72 19.65 9.06
CA LEU A 552 0.33 19.13 9.95
C LEU A 552 0.16 17.67 10.31
N VAL A 553 1.17 17.10 10.97
CA VAL A 553 1.23 15.65 11.12
C VAL A 553 0.11 15.18 12.01
N GLY A 554 -0.42 13.97 11.67
CA GLY A 554 -1.57 13.35 12.34
C GLY A 554 -2.72 14.31 12.58
N SER A 555 -3.63 14.43 11.60
CA SER A 555 -4.54 15.57 11.61
C SER A 555 -5.73 15.52 10.67
N ALA A 556 -6.48 16.61 10.77
CA ALA A 556 -7.44 16.99 9.77
C ALA A 556 -6.83 16.72 8.41
N THR A 557 -7.39 15.78 7.67
CA THR A 557 -6.91 15.61 6.31
C THR A 557 -8.06 15.23 5.36
N PRO A 558 -8.46 16.16 4.49
CA PRO A 558 -9.53 15.99 3.53
C PRO A 558 -9.42 14.70 2.79
N ARG A 559 -10.39 13.83 2.88
CA ARG A 559 -10.29 12.54 2.19
C ARG A 559 -10.01 12.62 0.71
N TYR A 560 -10.61 13.58 0.00
CA TYR A 560 -10.29 13.85 -1.43
C TYR A 560 -9.67 15.24 -1.52
N LEU A 561 -8.35 15.29 -1.69
CA LEU A 561 -7.69 16.55 -1.87
C LEU A 561 -6.94 16.48 -3.16
N TYR A 562 -7.15 17.48 -4.00
CA TYR A 562 -6.69 17.41 -5.37
C TYR A 562 -6.46 18.79 -5.92
N LEU A 563 -5.47 18.87 -6.80
CA LEU A 563 -5.23 20.07 -7.54
C LEU A 563 -5.91 19.96 -8.88
N ALA A 564 -6.48 21.09 -9.33
CA ALA A 564 -7.19 21.16 -10.62
C ALA A 564 -7.10 22.49 -11.35
N SER A 565 -7.61 22.44 -12.58
CA SER A 565 -7.69 23.56 -13.52
C SER A 565 -9.02 24.33 -13.46
N ASN A 566 -8.95 25.60 -13.88
CA ASN A 566 -10.08 26.46 -14.25
C ASN A 566 -10.94 25.57 -15.16
N HIS A 567 -10.30 24.98 -16.17
CA HIS A 567 -10.99 24.16 -17.16
C HIS A 567 -11.65 22.95 -16.57
N SER A 568 -12.77 22.57 -17.16
CA SER A 568 -13.55 21.45 -16.69
C SER A 568 -13.50 20.33 -17.72
N ASN A 569 -13.95 19.15 -17.32
CA ASN A 569 -13.94 18.01 -18.21
C ASN A 569 -15.20 18.05 -19.03
N LYS A 570 -15.51 16.92 -19.67
CA LYS A 570 -16.69 16.86 -20.52
C LYS A 570 -18.02 16.83 -19.79
N TRP A 571 -18.00 16.75 -18.46
CA TRP A 571 -19.22 16.80 -17.71
C TRP A 571 -19.19 17.87 -16.64
N GLY A 572 -18.35 18.86 -16.80
CA GLY A 572 -18.51 20.11 -16.07
C GLY A 572 -17.73 20.24 -14.78
N HIS A 573 -17.04 19.16 -14.41
CA HIS A 573 -16.28 19.11 -13.15
C HIS A 573 -14.89 19.50 -13.49
N PRO A 574 -14.26 20.32 -12.63
CA PRO A 574 -12.88 20.69 -12.87
C PRO A 574 -11.98 19.46 -13.02
N ARG A 575 -10.95 19.66 -13.83
CA ARG A 575 -10.04 18.59 -14.22
C ARG A 575 -8.95 18.57 -13.23
N GLY A 576 -8.83 17.43 -12.54
CA GLY A 576 -8.06 17.36 -11.30
C GLY A 576 -7.23 16.12 -11.11
N TYR A 577 -6.22 16.27 -10.27
CA TYR A 577 -5.38 15.16 -9.85
C TYR A 577 -5.36 15.15 -8.32
N ARG A 578 -5.69 13.99 -7.77
CA ARG A 578 -5.87 13.81 -6.34
C ARG A 578 -4.55 13.28 -5.79
N ILE A 579 -4.09 13.91 -4.71
CA ILE A 579 -2.89 13.50 -3.97
C ILE A 579 -3.34 12.65 -2.79
N GLN A 580 -3.08 11.35 -2.83
CA GLN A 580 -3.55 10.40 -1.80
C GLN A 580 -2.35 9.95 -1.03
N MET A 581 -2.20 10.40 0.21
CA MET A 581 -0.99 10.06 1.01
C MET A 581 -0.93 8.62 1.53
N LEU A 582 0.28 8.11 1.79
CA LEU A 582 0.43 6.70 2.16
C LEU A 582 1.44 6.51 3.25
N SER A 583 1.42 7.44 4.19
CA SER A 583 2.39 7.57 5.25
C SER A 583 1.78 7.09 6.59
N PHE A 584 2.65 6.85 7.58
CA PHE A 584 2.29 6.51 8.97
C PHE A 584 3.12 7.34 9.94
N ALA A 585 3.37 8.59 9.61
CA ALA A 585 4.48 9.35 10.23
C ALA A 585 4.53 9.35 11.74
N GLY A 586 5.72 9.50 12.27
CA GLY A 586 5.82 9.65 13.69
C GLY A 586 5.67 11.07 14.15
N GLU A 587 5.40 11.22 15.43
CA GLU A 587 5.65 12.49 16.08
C GLU A 587 6.89 13.14 15.47
N PRO A 588 6.71 14.30 14.86
CA PRO A 588 7.88 15.03 14.43
C PRO A 588 8.73 15.42 15.58
N LEU A 589 9.98 15.75 15.29
CA LEU A 589 10.77 16.45 16.26
C LEU A 589 9.89 17.58 16.65
N PRO A 590 9.64 17.73 17.94
CA PRO A 590 9.02 18.86 18.53
C PRO A 590 9.70 20.12 18.16
N GLN A 591 8.85 21.11 17.99
CA GLN A 591 9.18 22.38 17.40
C GLN A 591 9.99 23.23 18.38
N ASN A 592 10.05 22.82 19.63
CA ASN A 592 10.78 23.60 20.63
C ASN A 592 12.33 23.36 20.54
N SER A 593 12.78 22.36 19.77
CA SER A 593 14.22 22.18 19.48
C SER A 593 14.82 23.21 18.48
N SER A 594 15.89 23.94 18.83
CA SER A 594 16.51 24.94 17.88
C SER A 594 16.86 24.31 16.51
N MET A 595 17.24 23.05 16.58
CA MET A 595 17.53 22.19 15.44
C MET A 595 16.31 21.88 14.53
N ALA A 596 15.10 22.23 14.95
CA ALA A 596 13.88 21.80 14.20
C ALA A 596 13.82 22.38 12.79
N ARG A 597 14.33 23.60 12.68
CA ARG A 597 14.26 24.41 11.47
C ARG A 597 14.86 23.72 10.25
N GLY A 598 15.89 22.91 10.50
CA GLY A 598 16.58 22.18 9.44
C GLY A 598 15.75 21.19 8.65
N PHE A 599 14.61 20.79 9.20
CA PHE A 599 13.70 19.87 8.52
C PHE A 599 12.28 20.28 8.93
N SER A 600 11.97 21.54 8.66
CA SER A 600 10.66 22.06 8.99
C SER A 600 9.58 21.32 8.25
N TRP A 601 9.96 20.63 7.20
CA TRP A 601 9.01 19.94 6.37
C TRP A 601 8.41 18.74 7.02
N GLU A 602 9.13 18.22 8.01
CA GLU A 602 8.70 17.07 8.82
C GLU A 602 7.34 17.26 9.48
N ARG A 603 7.08 18.49 9.92
CA ARG A 603 5.90 18.84 10.68
C ARG A 603 4.66 18.93 9.80
N TYR A 604 4.79 18.66 8.50
CA TYR A 604 3.66 18.67 7.57
C TYR A 604 3.45 17.34 6.92
N GLN A 605 2.22 16.91 6.76
CA GLN A 605 1.96 15.78 5.89
C GLN A 605 2.03 16.31 4.46
N LEU A 606 1.51 17.51 4.29
CA LEU A 606 1.21 18.05 2.97
C LEU A 606 1.15 19.58 2.96
N ALA A 607 1.70 20.17 1.93
CA ALA A 607 1.62 21.63 1.77
C ALA A 607 1.41 21.87 0.31
N VAL A 608 0.83 23.03 0.00
CA VAL A 608 0.87 23.50 -1.36
C VAL A 608 1.24 24.98 -1.40
N THR A 609 2.20 25.29 -2.25
CA THR A 609 2.72 26.63 -2.32
C THR A 609 2.75 27.08 -3.75
N GLN A 610 2.89 28.41 -3.88
CA GLN A 610 3.28 29.05 -5.13
C GLN A 610 4.68 28.61 -5.49
N ARG A 611 4.78 28.02 -6.69
CA ARG A 611 6.00 27.36 -7.15
C ARG A 611 6.94 28.44 -7.57
N LYS A 612 8.20 28.35 -7.17
CA LYS A 612 9.14 29.44 -7.47
C LYS A 612 10.53 29.03 -7.90
N GLU A 613 11.21 29.98 -8.54
CA GLU A 613 12.55 29.71 -8.96
C GLU A 613 13.38 29.78 -7.70
N GLU A 614 13.11 30.72 -6.78
CA GLU A 614 13.91 30.74 -5.53
C GLU A 614 13.42 29.72 -4.54
N GLU A 615 12.36 28.99 -4.84
CA GLU A 615 11.93 27.90 -3.95
C GLU A 615 12.06 26.59 -4.72
N PRO A 616 13.29 26.17 -4.96
CA PRO A 616 13.51 25.04 -5.83
C PRO A 616 13.64 23.74 -5.07
N SER A 617 14.20 23.84 -3.86
CA SER A 617 14.35 22.70 -3.03
C SER A 617 13.91 22.97 -1.61
N SER A 618 13.32 21.92 -1.07
CA SER A 618 12.76 21.81 0.26
C SER A 618 13.85 21.95 1.31
N SER A 619 14.99 21.35 0.94
CA SER A 619 16.13 21.11 1.80
C SER A 619 17.42 21.71 1.24
N SER A 620 18.55 21.26 1.77
CA SER A 620 19.87 21.69 1.33
C SER A 620 20.92 20.74 1.82
N VAL A 621 21.90 20.46 0.99
CA VAL A 621 23.05 19.63 1.41
C VAL A 621 23.74 20.23 2.67
N PHE A 622 23.62 21.55 2.83
CA PHE A 622 24.24 22.30 3.93
C PHE A 622 23.39 22.46 5.16
N ASN A 623 22.22 21.82 5.20
CA ASN A 623 21.36 21.96 6.38
C ASN A 623 21.84 21.03 7.49
N GLN A 624 22.08 19.79 7.09
CA GLN A 624 22.68 18.74 7.89
C GLN A 624 23.70 19.15 9.00
N ASN A 625 24.67 20.04 8.71
CA ASN A 625 25.75 20.43 9.66
C ASN A 625 25.57 21.80 10.35
N ASP A 626 24.38 22.40 10.21
CA ASP A 626 24.00 23.57 10.98
C ASP A 626 22.49 23.79 10.89
N PRO A 627 21.72 22.84 11.43
CA PRO A 627 20.27 23.03 11.46
C PRO A 627 19.84 24.14 12.40
N TRP A 628 20.74 24.56 13.27
CA TRP A 628 20.43 25.66 14.17
C TRP A 628 20.32 26.99 13.42
N ALA A 629 20.96 27.08 12.26
CA ALA A 629 20.85 28.25 11.37
C ALA A 629 20.82 27.71 9.97
N PRO A 630 19.63 27.33 9.50
CA PRO A 630 19.61 26.49 8.31
C PRO A 630 19.76 27.32 7.06
N THR A 631 20.12 26.62 5.99
CA THR A 631 20.31 27.17 4.66
C THR A 631 18.96 27.28 3.95
N VAL A 632 18.04 26.39 4.33
CA VAL A 632 16.68 26.33 3.81
C VAL A 632 15.74 25.98 4.97
N ASP A 633 14.58 26.62 5.06
CA ASP A 633 13.62 26.35 6.15
C ASP A 633 12.23 26.28 5.55
N PHE A 634 11.82 25.07 5.18
CA PHE A 634 10.68 24.89 4.28
C PHE A 634 9.44 25.62 4.71
N SER A 635 9.38 25.97 5.99
CA SER A 635 8.28 26.75 6.54
C SER A 635 8.27 28.17 6.00
N ASP A 636 9.38 28.62 5.39
CA ASP A 636 9.39 29.94 4.75
C ASP A 636 8.51 30.00 3.48
N PHE A 637 8.37 28.85 2.84
CA PHE A 637 7.63 28.77 1.60
C PHE A 637 6.16 29.05 1.83
N ILE A 638 5.72 28.90 3.09
CA ILE A 638 4.33 29.07 3.47
C ILE A 638 4.11 30.40 4.22
N ASN A 639 3.72 31.40 3.41
CA ASN A 639 3.58 32.82 3.75
C ASN A 639 2.23 33.27 3.22
N ASN A 640 1.67 34.36 3.73
CA ASN A 640 0.29 34.72 3.40
C ASN A 640 0.13 34.93 1.90
N GLU A 641 -0.13 33.84 1.18
CA GLU A 641 -0.11 33.89 -0.30
C GLU A 641 -1.20 33.07 -0.90
N THR A 642 -1.82 33.59 -1.94
CA THR A 642 -2.83 32.82 -2.66
C THR A 642 -2.30 31.63 -3.44
N ILE A 643 -3.17 30.63 -3.58
CA ILE A 643 -2.98 29.46 -4.41
C ILE A 643 -4.26 29.24 -5.20
N ALA A 644 -4.84 30.40 -5.55
CA ALA A 644 -6.00 30.48 -6.43
C ALA A 644 -5.55 30.66 -7.90
N GLY A 645 -5.45 29.56 -8.64
CA GLY A 645 -5.06 29.62 -10.04
C GLY A 645 -3.62 30.04 -10.24
N LYS A 646 -2.66 29.16 -9.92
CA LYS A 646 -1.23 29.50 -10.09
C LYS A 646 -0.41 28.26 -10.43
N ASP A 647 0.90 28.45 -10.63
CA ASP A 647 1.81 27.33 -10.75
C ASP A 647 1.92 26.72 -9.38
N LEU A 648 1.56 25.44 -9.28
CA LEU A 648 1.35 25.00 -7.91
C LEU A 648 2.18 23.81 -7.72
N VAL A 649 2.88 23.82 -6.61
CA VAL A 649 3.74 22.71 -6.26
C VAL A 649 3.36 22.17 -4.87
N ALA A 650 3.05 20.90 -4.88
CA ALA A 650 2.63 20.20 -3.71
C ALA A 650 3.88 19.62 -3.11
N TRP A 651 3.87 19.45 -1.81
CA TRP A 651 5.00 18.96 -1.08
C TRP A 651 4.63 17.87 -0.08
N VAL A 652 4.69 16.61 -0.52
CA VAL A 652 4.34 15.46 0.32
C VAL A 652 5.45 14.95 1.26
N THR A 653 5.24 15.04 2.58
CA THR A 653 6.09 14.39 3.60
C THR A 653 5.58 13.02 3.90
N ALA A 654 6.42 12.00 3.81
CA ALA A 654 5.95 10.63 4.00
C ALA A 654 6.95 9.73 4.74
N GLY A 655 6.48 9.03 5.80
CA GLY A 655 7.36 8.25 6.66
C GLY A 655 6.72 7.58 7.87
N PHE A 656 7.54 7.28 8.90
CA PHE A 656 7.09 6.35 9.92
C PHE A 656 8.08 5.95 11.04
N LEU A 657 7.54 5.35 12.11
CA LEU A 657 8.30 4.96 13.30
C LEU A 657 8.83 3.51 13.28
N HIS A 658 10.07 3.40 13.75
CA HIS A 658 10.82 2.15 13.70
C HIS A 658 11.44 1.79 15.05
N ILE A 659 10.92 0.69 15.61
CA ILE A 659 11.33 0.10 16.86
C ILE A 659 11.88 -1.22 16.42
N PRO A 660 13.19 -1.33 16.40
CA PRO A 660 13.72 -2.49 15.74
C PRO A 660 13.40 -3.74 16.50
N HIS A 661 13.50 -4.88 15.86
CA HIS A 661 13.16 -6.12 16.53
C HIS A 661 13.91 -7.22 15.89
N ALA A 662 13.76 -8.42 16.41
CA ALA A 662 14.54 -9.55 15.95
C ALA A 662 14.54 -9.77 14.41
N GLU A 663 13.43 -9.43 13.75
CA GLU A 663 13.29 -9.75 12.34
C GLU A 663 13.88 -8.67 11.46
N ASP A 664 14.42 -7.63 12.10
CA ASP A 664 15.36 -6.69 11.47
C ASP A 664 16.82 -7.20 11.40
N ILE A 665 17.03 -8.46 11.74
CA ILE A 665 18.37 -9.04 11.71
C ILE A 665 18.43 -10.22 10.75
N PRO A 666 19.24 -10.07 9.69
CA PRO A 666 20.24 -8.98 9.44
C PRO A 666 19.69 -7.58 9.02
N ASN A 667 18.78 -7.66 8.06
CA ASN A 667 18.22 -6.49 7.41
C ASN A 667 16.76 -6.28 7.77
N THR A 668 16.42 -5.03 8.07
CA THR A 668 15.02 -4.56 8.01
C THR A 668 14.42 -4.97 6.68
N VAL A 669 13.24 -5.53 6.70
CA VAL A 669 12.64 -6.02 5.50
C VAL A 669 11.72 -4.92 4.94
N THR A 670 11.34 -5.07 3.66
CA THR A 670 10.46 -4.11 2.98
C THR A 670 8.99 -4.30 3.36
N VAL A 671 8.43 -5.46 3.03
CA VAL A 671 7.04 -5.83 3.38
C VAL A 671 6.36 -4.95 4.41
N GLY A 672 5.49 -4.07 3.94
CA GLY A 672 4.74 -3.19 4.81
C GLY A 672 5.32 -1.82 5.13
N ASN A 673 6.57 -1.57 4.78
CA ASN A 673 7.11 -0.22 4.95
C ASN A 673 7.07 0.54 3.66
N GLY A 674 6.24 0.08 2.71
CA GLY A 674 6.07 0.79 1.45
C GLY A 674 5.37 2.11 1.68
N VAL A 675 6.13 3.16 1.97
CA VAL A 675 5.57 4.51 2.19
C VAL A 675 5.64 5.40 0.95
N GLY A 676 4.91 6.51 0.96
CA GLY A 676 4.84 7.43 -0.19
C GLY A 676 3.46 8.03 -0.43
N PHE A 677 2.93 7.88 -1.66
CA PHE A 677 1.65 8.50 -2.10
C PHE A 677 1.24 8.20 -3.54
N PHE A 678 -0.02 8.48 -3.86
CA PHE A 678 -0.50 8.46 -5.25
C PHE A 678 -0.87 9.84 -5.80
N LEU A 679 -0.71 9.96 -7.11
CA LEU A 679 -1.31 10.98 -7.92
C LEU A 679 -2.35 10.28 -8.79
N ARG A 680 -3.60 10.63 -8.50
CA ARG A 680 -4.78 9.91 -8.96
C ARG A 680 -5.71 10.86 -9.76
N PRO A 681 -6.09 10.46 -10.97
CA PRO A 681 -6.86 11.32 -11.87
C PRO A 681 -8.34 11.51 -11.47
N TYR A 682 -8.71 12.74 -11.15
CA TYR A 682 -10.06 13.04 -10.64
C TYR A 682 -10.75 13.98 -11.62
N ASN A 683 -11.60 13.41 -12.45
CA ASN A 683 -12.32 14.18 -13.44
C ASN A 683 -11.38 14.99 -14.37
N PHE A 684 -10.22 14.40 -14.57
CA PHE A 684 -9.26 14.92 -15.47
C PHE A 684 -9.64 14.41 -16.83
N PHE A 685 -10.11 13.17 -16.89
CA PHE A 685 -10.58 12.64 -18.14
C PHE A 685 -12.10 12.70 -18.22
N ASP A 686 -12.63 12.08 -19.26
CA ASP A 686 -14.04 11.93 -19.46
C ASP A 686 -14.42 10.47 -19.30
N GLU A 687 -13.40 9.61 -19.36
CA GLU A 687 -13.53 8.19 -19.09
C GLU A 687 -12.20 7.71 -18.59
N ASP A 688 -12.19 6.46 -18.12
CA ASP A 688 -10.95 5.83 -17.78
C ASP A 688 -10.22 5.57 -19.07
N PRO A 689 -9.00 6.12 -19.17
CA PRO A 689 -8.15 5.84 -20.28
C PRO A 689 -8.01 4.39 -20.54
N SER A 690 -8.01 3.55 -19.52
CA SER A 690 -7.75 2.12 -19.77
C SER A 690 -8.82 1.49 -20.65
N PHE A 691 -9.92 2.19 -20.88
CA PHE A 691 -10.96 1.65 -21.73
C PHE A 691 -10.36 1.32 -23.11
N TYR A 692 -9.29 2.03 -23.43
CA TYR A 692 -8.68 2.04 -24.75
C TYR A 692 -7.42 1.18 -24.84
N SER A 693 -6.92 0.69 -23.70
CA SER A 693 -5.80 -0.24 -23.67
C SER A 693 -5.90 -1.33 -24.72
N ALA A 694 -4.75 -1.71 -25.23
CA ALA A 694 -4.64 -2.82 -26.18
C ALA A 694 -4.77 -4.16 -25.45
N ASP A 695 -4.36 -4.11 -24.19
CA ASP A 695 -4.24 -5.29 -23.35
C ASP A 695 -5.56 -5.65 -22.64
N SER A 696 -6.52 -4.71 -22.64
CA SER A 696 -7.92 -5.05 -22.36
C SER A 696 -8.32 -6.41 -22.95
N ILE A 697 -9.23 -7.08 -22.23
CA ILE A 697 -9.89 -8.32 -22.67
C ILE A 697 -11.39 -8.25 -22.50
N TYR A 698 -12.12 -8.92 -23.38
CA TYR A 698 -13.57 -8.93 -23.31
C TYR A 698 -14.11 -10.14 -24.04
N PHE A 699 -15.15 -10.77 -23.49
CA PHE A 699 -15.95 -11.71 -24.28
C PHE A 699 -17.42 -11.77 -23.84
N ARG A 700 -18.29 -12.17 -24.75
CA ARG A 700 -19.69 -12.31 -24.45
C ARG A 700 -19.90 -13.77 -24.09
N GLY A 701 -21.00 -14.04 -23.40
CA GLY A 701 -21.41 -15.41 -23.13
C GLY A 701 -21.43 -16.22 -24.40
N ASP A 702 -22.24 -15.76 -25.37
CA ASP A 702 -22.41 -16.45 -26.68
C ASP A 702 -21.12 -16.79 -27.48
N GLN A 703 -19.94 -16.34 -27.03
CA GLN A 703 -18.68 -16.62 -27.76
C GLN A 703 -17.87 -17.78 -27.20
N ASP A 704 -16.85 -18.16 -27.97
CA ASP A 704 -15.80 -19.05 -27.49
C ASP A 704 -14.66 -18.10 -27.11
N ALA A 705 -14.35 -18.07 -25.81
CA ALA A 705 -13.25 -17.28 -25.22
C ALA A 705 -11.93 -18.02 -25.33
N GLY A 706 -12.00 -19.27 -25.79
CA GLY A 706 -10.85 -20.12 -26.02
C GLY A 706 -10.29 -19.89 -27.42
N ALA A 707 -11.00 -19.12 -28.23
CA ALA A 707 -10.57 -18.82 -29.59
C ALA A 707 -9.72 -17.55 -29.63
N CYS A 708 -8.62 -17.69 -30.36
CA CYS A 708 -7.53 -16.74 -30.35
C CYS A 708 -7.95 -15.33 -30.80
N GLU A 709 -8.93 -15.25 -31.70
CA GLU A 709 -9.38 -13.96 -32.25
C GLU A 709 -10.33 -13.19 -31.34
N VAL A 710 -11.01 -13.92 -30.46
CA VAL A 710 -11.87 -13.32 -29.43
C VAL A 710 -11.04 -12.85 -28.25
N ASN A 711 -9.99 -13.63 -27.95
CA ASN A 711 -9.16 -13.44 -26.78
C ASN A 711 -7.67 -13.50 -27.07
N PRO A 712 -6.98 -12.34 -27.01
CA PRO A 712 -5.51 -12.31 -27.17
C PRO A 712 -4.76 -13.37 -26.34
N LEU A 713 -5.25 -13.63 -25.13
CA LEU A 713 -4.65 -14.58 -24.19
C LEU A 713 -4.79 -16.01 -24.65
N ALA A 714 -5.83 -16.35 -25.39
CA ALA A 714 -5.89 -17.69 -25.92
C ALA A 714 -4.70 -17.98 -26.83
N CYS A 715 -4.11 -16.92 -27.40
CA CYS A 715 -2.99 -17.04 -28.36
C CYS A 715 -1.60 -17.19 -27.72
N LEU A 716 -1.48 -17.03 -26.40
CA LEU A 716 -0.18 -17.16 -25.71
C LEU A 716 0.47 -18.56 -25.78
N PRO A 717 -0.29 -19.64 -25.48
CA PRO A 717 0.29 -20.98 -25.65
C PRO A 717 0.65 -21.31 -27.12
N GLN A 718 -0.36 -21.32 -27.98
CA GLN A 718 -0.22 -21.60 -29.43
C GLN A 718 1.02 -20.96 -30.08
N ALA A 719 1.34 -19.72 -29.68
CA ALA A 719 2.48 -18.95 -30.22
C ALA A 719 3.42 -18.41 -29.11
N ALA A 720 3.26 -17.14 -28.74
CA ALA A 720 4.26 -16.32 -27.97
C ALA A 720 5.34 -17.04 -27.14
N ALA A 721 4.90 -17.85 -26.16
CA ALA A 721 5.78 -18.62 -25.24
C ALA A 721 7.26 -18.17 -25.33
N CYS A 722 8.15 -19.04 -25.83
CA CYS A 722 9.59 -18.74 -26.07
C CYS A 722 10.32 -17.68 -25.26
N ALA A 723 10.84 -18.11 -24.12
CA ALA A 723 11.58 -17.21 -23.26
C ALA A 723 12.88 -16.91 -23.93
N PRO A 724 13.35 -15.68 -23.80
CA PRO A 724 14.65 -15.32 -24.33
C PRO A 724 15.84 -15.98 -23.58
N ASP A 725 16.98 -16.10 -24.26
CA ASP A 725 18.24 -16.41 -23.58
C ASP A 725 18.54 -15.23 -22.70
N LEU A 726 19.12 -15.51 -21.56
CA LEU A 726 19.36 -14.44 -20.64
C LEU A 726 20.75 -13.87 -20.82
N PRO A 727 20.88 -12.56 -20.64
CA PRO A 727 22.21 -11.94 -20.45
C PRO A 727 22.99 -12.55 -19.28
N ALA A 728 24.29 -12.72 -19.45
CA ALA A 728 25.14 -13.21 -18.37
C ALA A 728 25.07 -12.27 -17.18
N PHE A 729 24.94 -12.83 -15.98
CA PHE A 729 24.84 -11.92 -14.85
C PHE A 729 26.11 -11.08 -14.82
N SER A 730 26.03 -9.87 -14.29
CA SER A 730 27.17 -8.99 -14.27
C SER A 730 27.01 -7.78 -13.36
N HIS A 731 27.41 -7.92 -12.11
CA HIS A 731 27.29 -6.84 -11.13
C HIS A 731 28.15 -5.59 -11.50
N GLY A 732 27.82 -4.42 -10.97
CA GLY A 732 28.56 -3.22 -11.34
C GLY A 732 29.52 -2.72 -10.27
N GLY A 733 29.99 -3.67 -9.47
CA GLY A 733 30.92 -3.48 -8.34
C GLY A 733 30.98 -2.27 -7.41
N PHE A 734 32.08 -2.21 -6.66
CA PHE A 734 32.19 -1.41 -5.45
C PHE A 734 33.12 -0.19 -5.57
N SER A 735 33.01 0.71 -4.60
CA SER A 735 33.74 1.99 -4.63
C SER A 735 35.04 1.95 -3.80
N HIS A 736 36.19 2.13 -4.48
CA HIS A 736 37.53 2.20 -3.85
C HIS A 736 37.98 0.90 -3.18
N SER B 31 -5.51 -31.38 7.88
CA SER B 31 -6.49 -32.44 7.48
C SER B 31 -7.61 -31.82 6.61
N GLN B 32 -8.38 -32.66 5.93
CA GLN B 32 -9.51 -32.20 5.13
C GLN B 32 -10.65 -31.91 6.09
N LEU B 33 -10.43 -30.86 6.87
CA LEU B 33 -11.12 -30.59 8.12
C LEU B 33 -11.84 -29.27 8.03
N PHE B 34 -11.15 -28.28 7.48
CA PHE B 34 -11.78 -27.02 7.12
C PHE B 34 -12.16 -26.95 5.62
N ALA B 35 -12.14 -28.08 4.93
CA ALA B 35 -12.54 -28.18 3.53
C ALA B 35 -14.00 -27.90 3.45
N ASP B 36 -14.38 -26.96 2.61
CA ASP B 36 -15.76 -26.82 2.16
C ASP B 36 -16.31 -28.18 1.65
N LEU B 37 -17.64 -28.24 1.57
CA LEU B 37 -18.31 -29.52 1.37
C LEU B 37 -18.16 -29.98 -0.04
N SER B 38 -17.78 -31.25 -0.21
CA SER B 38 -17.72 -31.86 -1.51
C SER B 38 -19.10 -31.92 -2.11
N ARG B 39 -19.14 -32.09 -3.42
CA ARG B 39 -20.41 -32.26 -4.10
C ARG B 39 -21.15 -33.46 -3.53
N GLU B 40 -20.38 -34.48 -3.12
CA GLU B 40 -20.92 -35.76 -2.72
C GLU B 40 -21.53 -35.54 -1.39
N GLU B 41 -20.80 -34.83 -0.55
CA GLU B 41 -21.28 -34.44 0.77
C GLU B 41 -22.55 -33.63 0.65
N LEU B 42 -22.50 -32.54 -0.13
CA LEU B 42 -23.68 -31.72 -0.36
C LEU B 42 -24.86 -32.55 -0.83
N THR B 43 -24.63 -33.45 -1.77
CA THR B 43 -25.70 -34.26 -2.30
C THR B 43 -26.34 -35.08 -1.21
N ALA B 44 -25.53 -35.75 -0.42
CA ALA B 44 -26.05 -36.66 0.59
C ALA B 44 -26.69 -35.94 1.80
N VAL B 45 -26.30 -34.71 2.09
CA VAL B 45 -27.07 -33.97 3.10
C VAL B 45 -28.45 -33.72 2.51
N MET B 46 -28.52 -33.53 1.21
CA MET B 46 -29.82 -33.26 0.65
C MET B 46 -30.72 -34.48 0.69
N ARG B 47 -30.18 -35.66 0.38
CA ARG B 47 -31.02 -36.86 0.29
C ARG B 47 -31.60 -37.14 1.65
N PHE B 48 -30.92 -36.61 2.67
CA PHE B 48 -31.40 -36.65 4.04
C PHE B 48 -32.50 -35.61 4.20
N LEU B 49 -32.13 -34.35 4.33
CA LEU B 49 -33.10 -33.29 4.46
C LEU B 49 -34.42 -33.56 3.72
N THR B 50 -34.35 -34.01 2.45
CA THR B 50 -35.58 -34.31 1.71
C THR B 50 -36.40 -35.46 2.32
N GLN B 51 -35.82 -36.66 2.41
CA GLN B 51 -36.54 -37.82 2.97
C GLN B 51 -37.01 -37.51 4.41
N ARG B 52 -36.25 -36.68 5.15
CA ARG B 52 -36.51 -36.42 6.59
C ARG B 52 -37.06 -35.03 6.94
N LEU B 53 -37.79 -34.42 5.99
CA LEU B 53 -38.62 -33.22 6.24
C LEU B 53 -40.00 -33.38 5.55
N GLY B 54 -40.33 -34.63 5.23
CA GLY B 54 -41.60 -34.98 4.59
C GLY B 54 -41.61 -34.51 3.15
N PRO B 55 -42.57 -35.03 2.36
CA PRO B 55 -42.83 -34.30 1.13
C PRO B 55 -43.45 -32.95 1.49
N GLY B 56 -43.75 -32.15 0.46
CA GLY B 56 -44.25 -30.79 0.64
C GLY B 56 -43.10 -29.82 0.84
N LEU B 57 -41.92 -30.28 0.47
CA LEU B 57 -40.71 -29.50 0.56
C LEU B 57 -40.42 -29.02 -0.86
N VAL B 58 -40.04 -27.76 -1.07
CA VAL B 58 -39.70 -27.36 -2.44
C VAL B 58 -38.25 -26.91 -2.75
N ASP B 59 -37.90 -27.28 -3.99
CA ASP B 59 -36.72 -26.78 -4.68
C ASP B 59 -36.84 -25.29 -4.54
N ALA B 60 -35.91 -24.69 -3.80
CA ALA B 60 -35.99 -23.27 -3.53
C ALA B 60 -35.89 -22.37 -4.78
N ALA B 61 -35.35 -22.95 -5.85
CA ALA B 61 -35.37 -22.37 -7.18
C ALA B 61 -36.69 -21.68 -7.51
N GLN B 62 -37.78 -22.43 -7.33
CA GLN B 62 -39.16 -22.05 -7.72
C GLN B 62 -40.11 -21.77 -6.55
N ALA B 63 -39.57 -21.57 -5.37
CA ALA B 63 -40.40 -21.52 -4.19
C ALA B 63 -41.05 -20.19 -4.03
N ARG B 64 -42.29 -20.24 -3.57
CA ARG B 64 -43.09 -19.07 -3.21
C ARG B 64 -42.93 -18.91 -1.71
N PRO B 65 -43.16 -17.70 -1.17
CA PRO B 65 -42.83 -17.40 0.24
C PRO B 65 -43.47 -18.35 1.27
N SER B 66 -44.74 -18.63 1.05
CA SER B 66 -45.45 -19.54 1.89
C SER B 66 -45.06 -21.02 1.66
N ASP B 67 -43.84 -21.30 1.18
CA ASP B 67 -43.38 -22.68 1.01
C ASP B 67 -42.23 -23.00 1.93
N ASN B 68 -42.08 -24.30 2.15
CA ASN B 68 -40.92 -24.83 2.81
C ASN B 68 -39.82 -25.17 1.83
N CYS B 69 -38.64 -24.59 2.07
CA CYS B 69 -37.51 -24.81 1.19
C CYS B 69 -36.15 -24.68 1.89
N VAL B 70 -35.18 -25.34 1.29
CA VAL B 70 -33.84 -25.27 1.81
C VAL B 70 -33.02 -24.27 0.96
N PHE B 71 -32.56 -23.22 1.63
CA PHE B 71 -31.96 -22.06 1.03
C PHE B 71 -30.45 -22.16 0.90
N SER B 72 -29.84 -23.00 1.73
CA SER B 72 -28.40 -23.15 1.74
C SER B 72 -28.01 -24.35 2.56
N VAL B 73 -27.04 -25.09 2.07
CA VAL B 73 -26.39 -26.15 2.82
C VAL B 73 -24.91 -25.87 2.66
N GLU B 74 -24.23 -25.52 3.74
CA GLU B 74 -22.78 -25.38 3.70
C GLU B 74 -22.08 -25.92 4.95
N LEU B 75 -20.78 -26.06 4.88
CA LEU B 75 -20.01 -26.58 5.98
C LEU B 75 -20.36 -25.84 7.25
N GLN B 76 -20.49 -26.62 8.31
CA GLN B 76 -20.56 -26.14 9.66
C GLN B 76 -19.18 -26.39 10.19
N LEU B 77 -18.46 -25.29 10.38
CA LEU B 77 -17.08 -25.33 10.87
C LEU B 77 -16.98 -25.94 12.24
N PRO B 78 -15.98 -26.80 12.44
CA PRO B 78 -15.82 -27.42 13.72
C PRO B 78 -15.48 -26.40 14.80
N PRO B 79 -15.73 -26.77 16.05
CA PRO B 79 -15.36 -26.00 17.21
C PRO B 79 -13.87 -26.13 17.49
N LYS B 80 -13.30 -25.09 18.08
CA LYS B 80 -11.88 -24.84 17.88
C LYS B 80 -11.13 -25.85 18.67
N ALA B 81 -11.51 -25.94 19.93
CA ALA B 81 -10.88 -26.85 20.86
C ALA B 81 -10.83 -28.29 20.31
N ALA B 82 -11.97 -28.75 19.83
CA ALA B 82 -12.08 -30.11 19.33
C ALA B 82 -11.15 -30.34 18.15
N ALA B 83 -10.98 -29.30 17.35
CA ALA B 83 -10.12 -29.37 16.18
C ALA B 83 -8.64 -29.40 16.55
N LEU B 84 -8.16 -28.38 17.26
CA LEU B 84 -6.75 -28.34 17.68
C LEU B 84 -6.26 -29.64 18.33
N ALA B 85 -7.08 -30.13 19.26
CA ALA B 85 -6.95 -31.43 19.83
C ALA B 85 -6.59 -32.42 18.73
N HIS B 86 -7.42 -32.48 17.70
CA HIS B 86 -7.17 -33.43 16.64
C HIS B 86 -5.95 -33.12 15.74
N LEU B 87 -5.63 -31.84 15.57
CA LEU B 87 -4.51 -31.47 14.72
C LEU B 87 -3.20 -31.51 15.46
N ASP B 88 -3.22 -31.20 16.75
CA ASP B 88 -1.98 -31.09 17.49
C ASP B 88 -1.61 -32.31 18.32
N ARG B 89 -2.61 -33.13 18.66
CA ARG B 89 -2.49 -34.16 19.68
C ARG B 89 -3.35 -35.35 19.33
N GLY B 90 -3.02 -36.03 18.23
CA GLY B 90 -3.64 -37.29 17.82
C GLY B 90 -5.17 -37.34 17.78
N SER B 91 -5.82 -36.87 18.85
CA SER B 91 -7.28 -36.94 19.06
C SER B 91 -8.05 -37.16 17.80
N PRO B 92 -9.08 -38.03 17.85
CA PRO B 92 -9.74 -38.22 16.56
C PRO B 92 -10.45 -36.91 16.16
N PRO B 93 -10.82 -36.80 14.89
CA PRO B 93 -11.33 -35.54 14.35
C PRO B 93 -12.82 -35.27 14.63
N PRO B 94 -13.15 -34.03 15.10
CA PRO B 94 -14.55 -33.62 15.37
C PRO B 94 -15.45 -33.99 14.22
N ALA B 95 -16.70 -34.34 14.48
CA ALA B 95 -17.53 -34.80 13.37
C ALA B 95 -17.66 -33.72 12.28
N ARG B 96 -17.71 -34.19 11.04
CA ARG B 96 -17.86 -33.30 9.91
C ARG B 96 -19.36 -33.07 9.68
N GLU B 97 -19.77 -31.82 9.75
CA GLU B 97 -21.16 -31.45 9.80
C GLU B 97 -21.52 -30.32 8.84
N ALA B 98 -22.69 -30.46 8.19
CA ALA B 98 -23.35 -29.40 7.41
C ALA B 98 -24.06 -28.38 8.31
N LEU B 99 -24.53 -27.30 7.71
CA LEU B 99 -25.47 -26.39 8.34
C LEU B 99 -26.44 -25.95 7.26
N ALA B 100 -27.66 -26.46 7.32
CA ALA B 100 -28.76 -26.06 6.41
C ALA B 100 -29.61 -24.89 6.93
N ILE B 101 -29.74 -23.82 6.16
CA ILE B 101 -30.73 -22.78 6.45
C ILE B 101 -31.99 -23.16 5.72
N VAL B 102 -33.06 -23.31 6.49
CA VAL B 102 -34.31 -23.73 5.94
C VAL B 102 -35.34 -22.63 6.11
N PHE B 103 -36.11 -22.45 5.04
CA PHE B 103 -37.16 -21.46 4.94
C PHE B 103 -38.49 -22.16 5.20
N PHE B 104 -39.11 -21.85 6.35
CA PHE B 104 -40.34 -22.54 6.78
C PHE B 104 -41.54 -21.64 6.58
N GLY B 105 -41.98 -21.59 5.32
CA GLY B 105 -43.07 -20.71 4.93
C GLY B 105 -44.43 -21.30 5.22
N ARG B 106 -44.58 -22.58 4.84
CA ARG B 106 -45.85 -23.33 4.79
C ARG B 106 -46.26 -23.84 6.15
N GLN B 107 -46.93 -22.96 6.92
CA GLN B 107 -47.25 -23.18 8.32
C GLN B 107 -47.64 -21.86 9.00
N PRO B 108 -48.45 -21.96 10.07
CA PRO B 108 -49.09 -20.80 10.68
C PRO B 108 -48.12 -19.82 11.33
N GLN B 109 -46.99 -20.30 11.81
CA GLN B 109 -46.00 -19.42 12.39
C GLN B 109 -44.70 -19.59 11.64
N PRO B 110 -44.60 -18.94 10.48
CA PRO B 110 -43.49 -19.31 9.65
C PRO B 110 -42.18 -18.71 10.23
N ASN B 111 -41.10 -19.48 10.14
CA ASN B 111 -39.80 -19.08 10.67
C ASN B 111 -38.65 -19.42 9.71
N VAL B 112 -37.46 -18.89 10.00
CA VAL B 112 -36.24 -19.47 9.48
C VAL B 112 -35.51 -20.22 10.57
N SER B 113 -34.91 -21.33 10.13
CA SER B 113 -34.33 -22.31 11.01
C SER B 113 -32.94 -22.69 10.45
N GLU B 114 -31.91 -22.44 11.29
CA GLU B 114 -30.56 -23.01 11.11
C GLU B 114 -30.58 -24.47 11.63
N LEU B 115 -30.35 -25.45 10.75
CA LEU B 115 -30.39 -26.88 11.14
C LEU B 115 -29.06 -27.58 10.94
N VAL B 116 -28.30 -27.88 11.99
CA VAL B 116 -27.11 -28.72 11.79
C VAL B 116 -27.45 -30.15 11.36
N VAL B 117 -26.77 -30.64 10.34
CA VAL B 117 -26.94 -32.01 9.84
C VAL B 117 -25.59 -32.71 9.89
N GLY B 118 -25.60 -34.04 9.83
CA GLY B 118 -24.40 -34.86 9.99
C GLY B 118 -24.66 -36.25 10.56
N PRO B 119 -23.59 -37.02 10.79
CA PRO B 119 -22.23 -36.68 10.49
C PRO B 119 -21.86 -37.12 9.08
N LEU B 120 -20.91 -36.44 8.48
CA LEU B 120 -20.54 -36.67 7.09
C LEU B 120 -19.37 -37.60 7.02
N PRO B 121 -19.40 -38.50 6.05
CA PRO B 121 -20.13 -38.51 4.77
C PRO B 121 -21.53 -39.11 4.71
N HIS B 122 -21.89 -39.97 5.66
CA HIS B 122 -23.19 -40.64 5.65
C HIS B 122 -23.97 -40.19 6.89
N PRO B 123 -24.77 -39.12 6.76
CA PRO B 123 -25.37 -38.49 7.93
C PRO B 123 -26.60 -39.21 8.42
N SER B 124 -26.79 -39.08 9.74
CA SER B 124 -27.82 -39.77 10.51
C SER B 124 -28.70 -38.83 11.38
N TYR B 125 -28.16 -37.69 11.84
CA TYR B 125 -28.90 -36.78 12.73
C TYR B 125 -29.28 -35.44 12.08
N MET B 126 -29.96 -34.57 12.83
CA MET B 126 -30.30 -33.18 12.42
C MET B 126 -30.71 -32.38 13.67
N ARG B 127 -30.51 -31.06 13.71
CA ARG B 127 -30.58 -30.34 15.00
C ARG B 127 -30.91 -28.86 14.90
N ASP B 128 -32.16 -28.47 15.07
CA ASP B 128 -32.45 -27.03 15.02
C ASP B 128 -31.54 -26.38 16.07
N VAL B 129 -30.67 -25.45 15.66
CA VAL B 129 -29.78 -24.74 16.60
C VAL B 129 -30.16 -23.28 16.79
N THR B 130 -31.28 -22.92 16.19
CA THR B 130 -31.67 -21.54 16.04
C THR B 130 -31.85 -20.81 17.36
N VAL B 131 -32.48 -21.54 18.28
CA VAL B 131 -32.88 -20.99 19.54
C VAL B 131 -31.67 -20.77 20.40
N GLU B 132 -30.74 -21.71 20.29
CA GLU B 132 -29.47 -21.67 20.99
C GLU B 132 -28.77 -20.37 20.69
N ARG B 133 -28.74 -20.05 19.40
CA ARG B 133 -27.88 -18.99 18.91
C ARG B 133 -28.38 -17.56 19.19
N HIS B 134 -29.64 -17.34 18.80
CA HIS B 134 -30.25 -16.00 18.83
C HIS B 134 -31.23 -15.88 19.98
N GLY B 135 -32.00 -16.94 20.21
CA GLY B 135 -32.77 -17.07 21.44
C GLY B 135 -34.25 -16.90 21.18
N GLY B 136 -34.79 -17.78 20.37
CA GLY B 136 -36.10 -17.57 19.80
C GLY B 136 -35.98 -17.94 18.35
N PRO B 137 -37.10 -17.89 17.60
CA PRO B 137 -36.94 -18.24 16.22
C PRO B 137 -36.54 -16.98 15.45
N LEU B 138 -36.35 -17.21 14.15
CA LEU B 138 -35.92 -16.20 13.23
C LEU B 138 -37.15 -15.69 12.50
N PRO B 139 -37.45 -14.42 12.70
CA PRO B 139 -38.56 -13.88 11.96
C PRO B 139 -38.37 -14.19 10.50
N TYR B 140 -39.45 -14.48 9.81
CA TYR B 140 -39.39 -14.92 8.41
C TYR B 140 -39.05 -13.78 7.42
N HIS B 141 -39.05 -12.55 7.91
CA HIS B 141 -38.86 -11.41 7.04
C HIS B 141 -37.39 -10.98 6.98
N ARG B 142 -36.57 -11.73 7.70
CA ARG B 142 -35.11 -11.55 7.70
C ARG B 142 -34.49 -12.39 6.64
N ARG B 143 -35.24 -13.36 6.15
CA ARG B 143 -34.74 -14.21 5.12
C ARG B 143 -34.44 -13.36 3.87
N PRO B 144 -33.22 -13.49 3.35
CA PRO B 144 -32.85 -13.23 2.00
C PRO B 144 -33.92 -13.43 0.93
N VAL B 145 -34.04 -12.47 0.04
CA VAL B 145 -34.95 -12.64 -1.07
C VAL B 145 -34.48 -13.71 -2.04
N LEU B 146 -35.35 -14.69 -2.30
CA LEU B 146 -35.04 -15.72 -3.27
C LEU B 146 -35.00 -15.17 -4.67
N PHE B 147 -34.35 -15.91 -5.56
CA PHE B 147 -34.39 -15.59 -6.98
C PHE B 147 -35.85 -15.49 -7.40
N GLN B 148 -36.56 -16.62 -7.33
CA GLN B 148 -37.99 -16.70 -7.65
C GLN B 148 -38.79 -15.59 -7.06
N GLU B 149 -38.37 -15.08 -5.92
CA GLU B 149 -39.01 -13.90 -5.37
C GLU B 149 -38.75 -12.67 -6.25
N TYR B 150 -37.48 -12.34 -6.53
CA TYR B 150 -37.20 -11.29 -7.51
C TYR B 150 -37.98 -11.55 -8.78
N LEU B 151 -37.88 -12.79 -9.26
CA LEU B 151 -38.55 -13.22 -10.47
C LEU B 151 -40.04 -12.83 -10.49
N ASP B 152 -40.74 -13.15 -9.40
CA ASP B 152 -42.13 -12.72 -9.21
C ASP B 152 -42.24 -11.19 -9.20
N ILE B 153 -41.43 -10.54 -8.37
CA ILE B 153 -41.48 -9.08 -8.25
C ILE B 153 -41.39 -8.38 -9.62
N ASP B 154 -40.58 -8.93 -10.52
CA ASP B 154 -40.45 -8.33 -11.83
C ASP B 154 -41.76 -8.46 -12.64
N GLN B 155 -42.44 -9.59 -12.55
CA GLN B 155 -43.74 -9.73 -13.20
C GLN B 155 -44.74 -8.74 -12.64
N MET B 156 -44.69 -8.51 -11.34
CA MET B 156 -45.55 -7.51 -10.75
C MET B 156 -45.27 -6.12 -11.32
N ILE B 157 -44.04 -5.87 -11.78
CA ILE B 157 -43.71 -4.58 -12.38
C ILE B 157 -43.85 -4.65 -13.91
N PHE B 158 -43.03 -5.47 -14.54
CA PHE B 158 -43.09 -5.62 -15.98
C PHE B 158 -44.47 -5.92 -16.52
N ASN B 159 -45.32 -6.62 -15.76
CA ASN B 159 -46.65 -6.96 -16.28
C ASN B 159 -47.81 -6.21 -15.71
N ARG B 160 -47.64 -5.53 -14.59
CA ARG B 160 -48.82 -5.01 -13.95
C ARG B 160 -48.67 -3.59 -13.47
N GLU B 161 -47.46 -3.14 -13.18
CA GLU B 161 -47.34 -1.76 -12.77
C GLU B 161 -46.83 -0.85 -13.90
N LEU B 162 -45.91 -1.31 -14.73
CA LEU B 162 -45.32 -0.42 -15.73
C LEU B 162 -46.27 -0.05 -16.85
N PRO B 163 -47.09 -1.01 -17.29
CA PRO B 163 -47.94 -0.66 -18.43
C PRO B 163 -48.98 0.42 -18.10
N GLN B 164 -49.30 0.58 -16.83
CA GLN B 164 -50.02 1.77 -16.35
C GLN B 164 -49.38 3.07 -16.87
N ALA B 165 -48.05 3.09 -17.01
CA ALA B 165 -47.37 4.27 -17.50
C ALA B 165 -46.76 4.08 -18.89
N SER B 166 -47.27 3.10 -19.65
CA SER B 166 -46.76 2.86 -20.99
C SER B 166 -46.81 4.17 -21.82
N GLY B 167 -47.58 5.14 -21.36
CA GLY B 167 -47.59 6.45 -21.99
C GLY B 167 -46.30 7.21 -21.81
N LEU B 168 -46.03 7.59 -20.57
CA LEU B 168 -44.79 8.24 -20.21
C LEU B 168 -43.58 7.52 -20.69
N LEU B 169 -43.56 6.21 -20.57
CA LEU B 169 -42.34 5.43 -20.82
C LEU B 169 -41.96 5.37 -22.27
N HIS B 170 -42.97 5.44 -23.11
CA HIS B 170 -42.72 5.61 -24.50
C HIS B 170 -41.99 6.94 -24.80
N HIS B 171 -42.34 8.00 -24.10
CA HIS B 171 -41.75 9.28 -24.43
C HIS B 171 -40.49 9.57 -23.66
N CYS B 172 -40.30 8.87 -22.56
CA CYS B 172 -39.10 9.05 -21.78
C CYS B 172 -38.04 8.07 -22.27
N CYS B 173 -38.45 6.86 -22.61
CA CYS B 173 -37.49 5.76 -22.55
C CYS B 173 -37.91 4.53 -23.29
N PHE B 174 -38.37 4.76 -24.50
CA PHE B 174 -38.40 3.72 -25.52
C PHE B 174 -39.19 2.51 -25.18
N TYR B 175 -40.19 2.70 -24.31
CA TYR B 175 -41.05 1.63 -23.86
C TYR B 175 -41.65 0.98 -25.06
N LYS B 176 -41.58 -0.33 -25.12
CA LYS B 176 -42.39 -1.03 -26.09
C LYS B 176 -43.15 -2.10 -25.31
N HIS B 177 -44.31 -2.49 -25.87
CA HIS B 177 -45.28 -3.38 -25.22
C HIS B 177 -44.78 -4.81 -25.23
N ARG B 178 -44.48 -5.41 -24.07
CA ARG B 178 -44.75 -4.91 -22.71
C ARG B 178 -43.49 -4.63 -21.87
N GLY B 179 -42.32 -4.43 -22.50
CA GLY B 179 -41.10 -3.96 -21.80
C GLY B 179 -39.97 -4.95 -21.51
N ARG B 180 -39.29 -5.39 -22.56
CA ARG B 180 -38.04 -6.16 -22.41
C ARG B 180 -36.85 -5.31 -22.82
N ASN B 181 -36.98 -4.01 -22.63
CA ASN B 181 -35.82 -3.13 -22.72
C ASN B 181 -35.40 -2.57 -21.35
N LEU B 182 -36.22 -2.75 -20.35
CA LEU B 182 -35.91 -2.19 -19.07
C LEU B 182 -35.52 -3.28 -18.11
N VAL B 183 -35.04 -2.86 -16.93
CA VAL B 183 -34.56 -3.81 -15.96
C VAL B 183 -34.33 -3.21 -14.53
N THR B 184 -34.37 -4.07 -13.51
CA THR B 184 -34.36 -3.64 -12.12
C THR B 184 -33.12 -3.97 -11.31
N MET B 185 -32.88 -3.17 -10.27
CA MET B 185 -31.81 -3.52 -9.33
C MET B 185 -32.18 -3.27 -7.88
N THR B 186 -32.04 -4.32 -7.09
CA THR B 186 -32.45 -4.31 -5.70
C THR B 186 -31.70 -3.27 -4.96
N THR B 187 -32.27 -2.83 -3.85
CA THR B 187 -31.48 -2.15 -2.89
C THR B 187 -31.61 -2.73 -1.48
N ALA B 188 -31.54 -1.83 -0.51
CA ALA B 188 -30.56 -1.90 0.55
C ALA B 188 -31.03 -2.64 1.70
N PRO B 189 -31.28 -1.94 2.83
CA PRO B 189 -32.36 -2.56 3.59
C PRO B 189 -33.72 -2.21 2.95
N ARG B 190 -34.74 -2.97 3.37
CA ARG B 190 -35.98 -3.06 2.68
C ARG B 190 -37.12 -2.51 3.51
N GLY B 191 -37.16 -1.18 3.65
CA GLY B 191 -38.08 -0.47 4.54
C GLY B 191 -37.36 0.52 5.46
N LEU B 192 -38.03 0.93 6.55
CA LEU B 192 -37.57 2.05 7.43
C LEU B 192 -37.48 1.71 8.94
N GLN B 193 -38.26 0.72 9.34
CA GLN B 193 -38.18 0.18 10.66
C GLN B 193 -38.37 -1.30 10.53
N SER B 194 -38.13 -1.99 11.64
CA SER B 194 -38.09 -3.44 11.67
C SER B 194 -39.35 -4.10 11.17
N GLY B 195 -39.22 -5.30 10.62
CA GLY B 195 -40.36 -6.02 10.13
C GLY B 195 -40.70 -5.71 8.69
N ASP B 196 -40.32 -4.53 8.20
CA ASP B 196 -40.64 -4.11 6.85
C ASP B 196 -39.94 -5.03 5.87
N ARG B 197 -40.52 -5.14 4.68
CA ARG B 197 -39.95 -5.88 3.55
C ARG B 197 -40.32 -5.17 2.25
N ALA B 198 -39.99 -3.88 2.23
CA ALA B 198 -40.28 -3.01 1.13
C ALA B 198 -39.01 -2.39 0.53
N THR B 199 -38.77 -2.83 -0.72
CA THR B 199 -37.54 -2.61 -1.47
C THR B 199 -37.69 -1.63 -2.63
N TRP B 200 -36.85 -0.60 -2.61
CA TRP B 200 -36.71 0.36 -3.68
C TRP B 200 -35.90 -0.20 -4.84
N PHE B 201 -36.47 -0.23 -6.03
CA PHE B 201 -35.81 -0.70 -7.22
C PHE B 201 -35.63 0.45 -8.17
N GLY B 202 -34.50 0.47 -8.86
CA GLY B 202 -34.37 1.37 -9.97
C GLY B 202 -34.69 0.61 -11.24
N LEU B 203 -35.01 1.40 -12.26
CA LEU B 203 -35.13 0.89 -13.60
C LEU B 203 -34.00 1.41 -14.49
N TYR B 204 -33.42 0.49 -15.25
CA TYR B 204 -32.28 0.78 -16.11
C TYR B 204 -32.48 0.12 -17.47
N TYR B 205 -31.85 0.66 -18.51
CA TYR B 205 -31.93 -0.02 -19.82
C TYR B 205 -31.19 -1.31 -19.76
N ASN B 206 -31.72 -2.35 -20.38
CA ASN B 206 -31.09 -3.67 -20.35
C ASN B 206 -30.02 -3.72 -21.37
N ILE B 207 -28.91 -3.04 -21.10
CA ILE B 207 -27.80 -2.93 -22.07
C ILE B 207 -27.23 -4.32 -22.44
N SER B 208 -26.96 -4.54 -23.73
CA SER B 208 -26.43 -5.83 -24.14
C SER B 208 -24.92 -5.88 -23.95
N GLY B 209 -24.39 -7.03 -23.52
CA GLY B 209 -22.94 -7.24 -23.38
C GLY B 209 -22.12 -6.16 -22.64
N ALA B 210 -22.78 -5.32 -21.85
CA ALA B 210 -22.07 -4.39 -21.02
C ALA B 210 -22.92 -3.90 -19.87
N GLY B 211 -22.38 -2.96 -19.13
CA GLY B 211 -22.95 -2.65 -17.85
C GLY B 211 -24.16 -1.78 -17.96
N PHE B 212 -25.26 -2.28 -17.39
CA PHE B 212 -26.53 -1.55 -17.28
C PHE B 212 -26.55 -0.49 -16.17
N PHE B 213 -25.67 -0.62 -15.22
CA PHE B 213 -25.76 0.16 -13.99
C PHE B 213 -25.64 1.66 -14.30
N LEU B 214 -25.29 2.02 -15.54
CA LEU B 214 -25.01 3.44 -15.85
C LEU B 214 -26.16 4.20 -16.54
N HIS B 215 -27.28 3.51 -16.66
CA HIS B 215 -28.41 3.95 -17.45
C HIS B 215 -29.69 3.92 -16.67
N HIS B 216 -29.65 4.68 -15.58
CA HIS B 216 -30.79 4.85 -14.73
C HIS B 216 -31.83 5.62 -15.53
N VAL B 217 -32.91 4.93 -15.90
CA VAL B 217 -33.95 5.50 -16.73
C VAL B 217 -34.70 6.68 -16.09
N GLY B 218 -34.51 6.91 -14.80
CA GLY B 218 -35.06 8.10 -14.11
C GLY B 218 -36.15 7.73 -13.10
N LEU B 219 -36.62 6.47 -13.27
CA LEU B 219 -37.71 5.83 -12.52
C LEU B 219 -37.33 4.90 -11.37
N GLU B 220 -37.77 5.25 -10.16
CA GLU B 220 -37.63 4.38 -9.00
C GLU B 220 -39.00 3.98 -8.41
N LEU B 221 -39.05 2.77 -7.82
CA LEU B 221 -40.27 2.13 -7.30
C LEU B 221 -40.10 1.43 -5.94
N LEU B 222 -40.77 1.90 -4.89
CA LEU B 222 -40.90 1.14 -3.65
C LEU B 222 -41.88 0.01 -3.85
N VAL B 223 -41.60 -1.17 -3.34
CA VAL B 223 -42.43 -2.32 -3.67
C VAL B 223 -42.64 -3.16 -2.45
N ASN B 224 -43.85 -3.20 -1.89
CA ASN B 224 -44.02 -3.94 -0.65
C ASN B 224 -44.34 -5.41 -0.85
N HIS B 225 -43.34 -6.24 -0.61
CA HIS B 225 -43.46 -7.64 -0.95
C HIS B 225 -43.37 -8.47 0.31
N LYS B 226 -43.83 -7.84 1.39
CA LYS B 226 -43.87 -8.43 2.74
C LYS B 226 -44.74 -9.68 2.81
N ALA B 227 -45.82 -9.72 2.05
CA ALA B 227 -46.74 -10.87 2.07
C ALA B 227 -46.17 -12.21 1.63
N LEU B 228 -46.83 -13.26 2.11
CA LEU B 228 -46.46 -14.61 1.74
C LEU B 228 -47.20 -14.94 0.45
N ASP B 229 -48.17 -14.09 0.13
CA ASP B 229 -48.88 -14.16 -1.14
C ASP B 229 -48.49 -12.99 -2.00
N PRO B 230 -47.65 -13.26 -3.05
CA PRO B 230 -47.19 -12.22 -3.97
C PRO B 230 -48.35 -11.37 -4.51
N ALA B 231 -49.48 -12.02 -4.77
CA ALA B 231 -50.71 -11.35 -5.19
C ALA B 231 -51.05 -10.12 -4.35
N ARG B 232 -50.75 -10.10 -3.06
CA ARG B 232 -51.09 -8.91 -2.28
C ARG B 232 -50.00 -7.83 -2.26
N TRP B 233 -49.02 -7.95 -3.15
CA TRP B 233 -47.94 -6.99 -3.17
C TRP B 233 -48.37 -5.78 -3.94
N THR B 234 -47.86 -4.66 -3.48
CA THR B 234 -48.44 -3.39 -3.71
C THR B 234 -47.27 -2.65 -4.29
N ILE B 235 -47.40 -1.34 -4.42
CA ILE B 235 -46.32 -0.41 -4.73
C ILE B 235 -46.53 0.80 -3.86
N GLN B 236 -45.86 0.84 -2.74
CA GLN B 236 -46.08 1.95 -1.81
C GLN B 236 -45.67 3.34 -2.37
N LYS B 237 -44.78 3.37 -3.36
CA LYS B 237 -44.30 4.67 -3.85
C LYS B 237 -43.64 4.61 -5.22
N VAL B 238 -43.42 5.81 -5.78
CA VAL B 238 -42.85 6.00 -7.09
C VAL B 238 -42.13 7.34 -7.14
N PHE B 239 -40.96 7.34 -7.78
CA PHE B 239 -40.10 8.51 -7.92
C PHE B 239 -39.89 8.67 -9.39
N TYR B 240 -40.12 9.89 -9.89
CA TYR B 240 -39.71 10.23 -11.26
C TYR B 240 -39.14 11.63 -11.31
N GLN B 241 -38.14 11.77 -12.20
CA GLN B 241 -37.38 12.98 -12.44
C GLN B 241 -37.62 13.98 -11.32
N GLY B 242 -37.42 13.57 -10.08
CA GLY B 242 -37.35 14.51 -8.95
C GLY B 242 -38.51 14.58 -7.98
N ARG B 243 -39.66 14.02 -8.35
CA ARG B 243 -40.87 14.07 -7.49
C ARG B 243 -41.42 12.68 -7.21
N TYR B 244 -42.29 12.59 -6.21
CA TYR B 244 -42.84 11.30 -5.79
C TYR B 244 -44.36 11.21 -5.95
N TYR B 245 -44.83 10.15 -6.60
CA TYR B 245 -46.25 9.92 -6.79
C TYR B 245 -46.63 8.63 -6.11
N ASP B 246 -47.72 8.66 -5.32
CA ASP B 246 -48.24 7.49 -4.60
C ASP B 246 -48.47 6.21 -5.39
N SER B 247 -48.67 6.31 -6.70
CA SER B 247 -48.85 5.13 -7.55
C SER B 247 -48.37 5.43 -8.92
N LEU B 248 -48.46 4.42 -9.79
CA LEU B 248 -48.03 4.54 -11.19
C LEU B 248 -49.05 5.20 -12.09
N ALA B 249 -50.32 5.01 -11.77
CA ALA B 249 -51.36 5.72 -12.50
C ALA B 249 -51.32 7.19 -12.07
N GLN B 250 -51.34 7.40 -10.77
CA GLN B 250 -51.16 8.72 -10.19
C GLN B 250 -50.19 9.48 -11.09
N LEU B 251 -49.13 8.80 -11.52
CA LEU B 251 -48.06 9.40 -12.35
C LEU B 251 -48.43 9.60 -13.83
N GLU B 252 -48.59 8.49 -14.56
CA GLU B 252 -48.94 8.51 -16.00
C GLU B 252 -50.05 9.53 -16.29
N ALA B 253 -50.99 9.65 -15.37
CA ALA B 253 -51.95 10.72 -15.37
C ALA B 253 -51.26 12.09 -15.31
N GLN B 254 -50.70 12.45 -14.16
CA GLN B 254 -50.00 13.74 -14.00
C GLN B 254 -49.14 14.18 -15.22
N PHE B 255 -48.71 13.18 -16.00
CA PHE B 255 -47.98 13.35 -17.26
C PHE B 255 -48.85 13.75 -18.44
N GLU B 256 -49.78 12.83 -18.74
CA GLU B 256 -50.83 12.97 -19.76
C GLU B 256 -51.57 14.28 -19.64
N ALA B 257 -51.64 14.81 -18.43
CA ALA B 257 -52.07 16.19 -18.18
C ALA B 257 -51.03 17.27 -18.55
N GLY B 258 -49.89 16.86 -19.14
CA GLY B 258 -48.78 17.76 -19.52
C GLY B 258 -48.21 18.63 -18.40
N LEU B 259 -48.36 18.19 -17.14
CA LEU B 259 -47.76 18.87 -16.00
C LEU B 259 -46.37 18.26 -15.70
N VAL B 260 -45.99 17.23 -16.45
CA VAL B 260 -44.72 16.55 -16.27
C VAL B 260 -43.90 16.54 -17.54
N ASN B 261 -42.72 17.18 -17.50
CA ASN B 261 -41.79 17.24 -18.65
C ASN B 261 -40.98 15.95 -18.89
N VAL B 262 -41.46 15.12 -19.80
CA VAL B 262 -40.65 14.02 -20.30
C VAL B 262 -39.42 14.56 -21.04
N VAL B 263 -38.31 13.82 -20.95
CA VAL B 263 -37.11 14.03 -21.76
C VAL B 263 -36.69 12.66 -22.23
N LEU B 264 -36.48 12.51 -23.54
CA LEU B 264 -36.14 11.20 -24.10
C LEU B 264 -34.71 10.87 -23.77
N ILE B 265 -34.51 9.74 -23.08
CA ILE B 265 -33.16 9.23 -22.74
C ILE B 265 -32.67 8.22 -23.81
N PRO B 266 -31.52 8.51 -24.46
CA PRO B 266 -31.07 7.63 -25.55
C PRO B 266 -30.76 6.23 -25.06
N ASP B 267 -31.23 5.21 -25.78
CA ASP B 267 -31.10 3.80 -25.37
C ASP B 267 -29.80 3.17 -25.95
N ASN B 268 -28.93 4.05 -26.46
CA ASN B 268 -27.80 3.64 -27.31
C ASN B 268 -26.66 4.64 -27.32
N GLY B 269 -25.47 4.13 -27.56
CA GLY B 269 -24.28 4.96 -27.47
C GLY B 269 -22.96 4.27 -27.73
N THR B 270 -21.89 5.03 -27.45
CA THR B 270 -20.53 4.61 -27.73
C THR B 270 -19.64 5.21 -26.67
N GLY B 271 -18.66 4.41 -26.28
CA GLY B 271 -17.55 4.89 -25.48
C GLY B 271 -17.66 4.56 -24.02
N GLY B 272 -17.59 3.28 -23.69
CA GLY B 272 -17.32 2.92 -22.31
C GLY B 272 -18.50 3.10 -21.38
N SER B 273 -19.13 4.27 -21.41
CA SER B 273 -20.47 4.42 -20.88
C SER B 273 -21.25 3.24 -21.38
N TRP B 274 -21.09 2.92 -22.65
CA TRP B 274 -21.91 1.90 -23.24
C TRP B 274 -21.13 0.61 -23.47
N SER B 275 -19.79 0.64 -23.39
CA SER B 275 -19.01 -0.58 -23.66
C SER B 275 -17.83 -0.98 -22.67
N LEU B 276 -17.31 -2.19 -22.89
CA LEU B 276 -16.07 -2.67 -22.26
C LEU B 276 -15.04 -3.09 -23.31
N LYS B 277 -15.50 -3.74 -24.38
CA LYS B 277 -14.61 -4.08 -25.46
C LYS B 277 -13.86 -2.83 -25.86
N SER B 278 -12.52 -2.89 -25.78
CA SER B 278 -11.69 -1.77 -26.26
C SER B 278 -11.78 -1.70 -27.80
N PRO B 279 -11.86 -0.46 -28.35
CA PRO B 279 -11.74 -0.25 -29.80
C PRO B 279 -10.36 -0.59 -30.30
N VAL B 280 -9.33 -0.05 -29.62
CA VAL B 280 -7.91 -0.30 -29.92
C VAL B 280 -7.59 -1.80 -29.92
N PRO B 281 -6.82 -2.27 -30.91
CA PRO B 281 -6.69 -3.69 -31.08
C PRO B 281 -5.43 -4.14 -30.36
N PRO B 282 -5.17 -5.47 -30.30
CA PRO B 282 -4.16 -6.00 -29.39
C PRO B 282 -2.77 -5.55 -29.74
N GLY B 283 -1.94 -5.30 -28.72
CA GLY B 283 -0.55 -4.89 -28.90
C GLY B 283 0.44 -6.03 -28.72
N PRO B 284 1.68 -5.68 -28.42
CA PRO B 284 2.62 -6.71 -28.06
C PRO B 284 2.26 -7.17 -26.64
N ALA B 285 2.30 -8.47 -26.40
CA ALA B 285 1.72 -9.01 -25.18
C ALA B 285 2.44 -8.47 -23.95
N PRO B 286 1.75 -8.47 -22.80
CA PRO B 286 2.36 -7.92 -21.61
C PRO B 286 3.17 -8.96 -20.84
N PRO B 287 3.98 -8.51 -19.89
CA PRO B 287 4.93 -9.39 -19.21
C PRO B 287 4.22 -10.62 -18.72
N LEU B 288 4.84 -11.78 -18.90
CA LEU B 288 4.33 -13.03 -18.39
C LEU B 288 5.33 -13.51 -17.37
N GLN B 289 4.85 -14.02 -16.24
CA GLN B 289 5.72 -14.68 -15.27
C GLN B 289 5.57 -16.19 -15.41
N PHE B 290 6.66 -16.90 -15.20
CA PHE B 290 6.64 -18.35 -15.30
C PHE B 290 7.59 -18.94 -14.26
N TYR B 291 7.42 -20.26 -14.05
CA TYR B 291 8.18 -20.97 -13.04
C TYR B 291 9.28 -21.77 -13.74
N PRO B 292 10.47 -21.20 -13.80
CA PRO B 292 11.53 -21.78 -14.63
C PRO B 292 11.74 -23.25 -14.32
N GLN B 293 11.91 -23.54 -13.03
CA GLN B 293 12.21 -24.90 -12.57
C GLN B 293 10.97 -25.75 -12.22
N GLY B 294 9.77 -25.35 -12.65
CA GLY B 294 8.53 -25.97 -12.18
C GLY B 294 8.01 -25.14 -11.01
N PRO B 295 6.75 -25.39 -10.57
CA PRO B 295 6.08 -24.54 -9.55
C PRO B 295 6.53 -24.89 -8.14
N ARG B 296 6.74 -23.89 -7.30
CA ARG B 296 7.36 -24.12 -5.98
C ARG B 296 6.37 -24.27 -4.80
N PHE B 297 5.11 -24.60 -5.11
CA PHE B 297 4.03 -24.81 -4.10
C PHE B 297 3.08 -25.88 -4.62
N SER B 298 2.27 -26.44 -3.73
CA SER B 298 1.25 -27.43 -4.12
C SER B 298 -0.11 -27.11 -3.55
N VAL B 299 -1.09 -27.74 -4.21
CA VAL B 299 -2.48 -27.65 -3.79
C VAL B 299 -3.14 -29.02 -3.87
N GLN B 300 -3.32 -29.63 -2.69
CA GLN B 300 -4.11 -30.84 -2.53
C GLN B 300 -5.37 -30.45 -1.75
N GLY B 301 -6.51 -30.91 -2.25
CA GLY B 301 -7.78 -30.66 -1.60
C GLY B 301 -7.92 -29.17 -1.43
N SER B 302 -8.04 -28.70 -0.20
CA SER B 302 -8.06 -27.29 0.01
C SER B 302 -6.87 -26.86 0.87
N ARG B 303 -5.84 -27.71 0.95
CA ARG B 303 -4.64 -27.35 1.71
C ARG B 303 -3.58 -26.88 0.74
N VAL B 304 -2.81 -25.93 1.20
CA VAL B 304 -1.78 -25.33 0.40
C VAL B 304 -0.48 -25.51 1.14
N ALA B 305 0.53 -25.89 0.38
CA ALA B 305 1.81 -26.22 0.96
C ALA B 305 2.95 -25.70 0.08
N SER B 306 3.81 -24.88 0.70
CA SER B 306 5.07 -24.38 0.16
C SER B 306 6.11 -24.53 1.25
N SER B 307 7.37 -24.45 0.91
CA SER B 307 8.41 -24.64 1.91
C SER B 307 8.38 -23.57 3.00
N LEU B 308 7.47 -22.63 2.91
CA LEU B 308 7.29 -21.73 4.04
C LEU B 308 5.97 -21.85 4.75
N TRP B 309 4.90 -22.11 4.00
CA TRP B 309 3.58 -22.03 4.54
C TRP B 309 2.76 -23.25 4.23
N THR B 310 2.10 -23.73 5.26
CA THR B 310 0.95 -24.48 4.99
C THR B 310 -0.27 -23.78 5.60
N PHE B 311 -1.42 -24.03 4.95
CA PHE B 311 -2.74 -23.59 5.40
C PHE B 311 -3.86 -24.26 4.60
N SER B 312 -5.09 -24.04 5.05
CA SER B 312 -6.24 -24.54 4.35
C SER B 312 -7.15 -23.37 4.00
N PHE B 313 -7.72 -23.40 2.80
CA PHE B 313 -8.49 -22.25 2.36
C PHE B 313 -9.91 -22.64 2.09
N GLY B 314 -10.77 -21.62 1.99
CA GLY B 314 -12.16 -21.84 1.67
C GLY B 314 -13.04 -20.62 1.61
N LEU B 315 -14.30 -20.88 1.23
CA LEU B 315 -15.33 -19.87 1.01
C LEU B 315 -16.60 -20.17 1.72
N GLY B 316 -17.07 -19.22 2.52
CA GLY B 316 -18.36 -19.34 3.15
C GLY B 316 -19.42 -18.67 2.30
N ALA B 317 -20.47 -19.43 1.98
CA ALA B 317 -21.52 -18.94 1.12
C ALA B 317 -21.80 -17.47 1.38
N PHE B 318 -21.76 -17.01 2.63
CA PHE B 318 -22.12 -15.63 2.93
C PHE B 318 -21.00 -14.75 3.44
N SER B 319 -20.21 -15.28 4.38
CA SER B 319 -19.05 -14.59 4.94
C SER B 319 -17.97 -14.41 3.88
N GLY B 320 -17.91 -15.36 2.95
CA GLY B 320 -16.92 -15.33 1.89
C GLY B 320 -15.67 -16.10 2.22
N PRO B 321 -14.53 -15.61 1.75
CA PRO B 321 -13.32 -16.41 1.82
C PRO B 321 -12.65 -16.36 3.17
N ARG B 322 -11.98 -17.48 3.45
CA ARG B 322 -11.34 -17.75 4.74
C ARG B 322 -10.18 -18.76 4.61
N ILE B 323 -9.18 -18.61 5.46
CA ILE B 323 -8.14 -19.62 5.61
C ILE B 323 -7.96 -19.98 7.08
N PHE B 324 -7.43 -21.19 7.30
CA PHE B 324 -7.23 -21.73 8.65
C PHE B 324 -5.89 -22.46 8.81
N ASP B 325 -5.42 -22.54 10.05
CA ASP B 325 -4.29 -23.41 10.38
C ASP B 325 -3.08 -22.93 9.57
N VAL B 326 -2.89 -21.63 9.65
CA VAL B 326 -1.81 -21.01 8.97
C VAL B 326 -0.56 -21.24 9.76
N ARG B 327 0.32 -22.03 9.17
CA ARG B 327 1.53 -22.47 9.79
C ARG B 327 2.71 -22.01 8.96
N PHE B 328 3.51 -21.12 9.54
CA PHE B 328 4.74 -20.67 8.93
C PHE B 328 5.96 -21.50 9.31
N GLN B 329 6.36 -22.37 8.39
CA GLN B 329 7.43 -23.32 8.69
C GLN B 329 7.00 -24.12 9.91
N GLY B 330 5.95 -24.93 9.74
CA GLY B 330 5.45 -25.78 10.82
C GLY B 330 4.80 -25.15 12.06
N GLU B 331 5.11 -23.90 12.38
CA GLU B 331 4.57 -23.26 13.59
C GLU B 331 3.27 -22.46 13.29
N ARG B 332 2.18 -22.83 13.96
CA ARG B 332 0.91 -22.17 13.71
C ARG B 332 0.87 -20.72 14.15
N LEU B 333 0.53 -19.86 13.19
CA LEU B 333 0.46 -18.44 13.42
C LEU B 333 -0.98 -17.97 13.69
N VAL B 334 -1.96 -18.54 12.98
CA VAL B 334 -3.35 -18.15 13.14
C VAL B 334 -4.29 -19.29 12.86
N TYR B 335 -5.29 -19.41 13.73
CA TYR B 335 -6.27 -20.45 13.58
C TYR B 335 -7.12 -20.07 12.40
N GLU B 336 -7.53 -18.80 12.36
CA GLU B 336 -8.43 -18.32 11.31
C GLU B 336 -8.21 -16.87 10.96
N ILE B 337 -8.09 -16.65 9.65
CA ILE B 337 -8.41 -15.35 9.05
C ILE B 337 -9.56 -15.49 8.09
N SER B 338 -10.53 -14.60 8.28
CA SER B 338 -11.72 -14.62 7.47
C SER B 338 -12.46 -13.28 7.37
N LEU B 339 -13.13 -13.22 6.22
CA LEU B 339 -14.02 -12.15 5.90
C LEU B 339 -15.27 -12.42 6.66
N GLN B 340 -15.71 -11.37 7.36
CA GLN B 340 -16.98 -11.37 8.05
C GLN B 340 -18.06 -10.76 7.14
N GLU B 341 -17.89 -9.47 6.90
CA GLU B 341 -18.88 -8.69 6.18
C GLU B 341 -18.24 -7.69 5.22
N ALA B 342 -19.06 -7.27 4.28
CA ALA B 342 -18.76 -6.18 3.39
C ALA B 342 -20.00 -5.28 3.33
N LEU B 343 -19.75 -3.99 3.24
CA LEU B 343 -20.76 -2.99 3.43
C LEU B 343 -20.51 -1.83 2.42
N ALA B 344 -21.61 -1.15 2.07
CA ALA B 344 -21.63 -0.07 1.10
C ALA B 344 -22.78 0.86 1.42
N ILE B 345 -22.50 2.14 1.59
CA ILE B 345 -23.44 3.04 2.19
C ILE B 345 -23.57 4.32 1.38
N TYR B 346 -24.70 4.53 0.70
CA TYR B 346 -24.88 5.63 -0.28
C TYR B 346 -25.42 7.00 0.19
N GLY B 347 -25.17 8.01 -0.65
CA GLY B 347 -25.93 9.30 -0.66
C GLY B 347 -26.74 9.36 -1.94
N GLY B 348 -27.46 10.47 -2.19
CA GLY B 348 -28.19 10.54 -3.47
C GLY B 348 -29.22 11.63 -3.69
N ASN B 349 -29.54 11.78 -4.97
CA ASN B 349 -30.68 12.55 -5.44
C ASN B 349 -31.91 11.81 -5.02
N SER B 350 -31.88 10.55 -5.41
CA SER B 350 -33.01 9.72 -5.46
C SER B 350 -33.24 9.03 -4.11
N PRO B 351 -34.41 8.37 -3.96
CA PRO B 351 -34.66 7.59 -2.77
C PRO B 351 -33.85 6.31 -2.76
N ALA B 352 -33.92 5.54 -3.84
CA ALA B 352 -33.34 4.20 -3.85
C ALA B 352 -31.86 4.26 -3.45
N ALA B 353 -31.17 5.33 -3.87
CA ALA B 353 -29.79 5.60 -3.44
C ALA B 353 -29.70 6.06 -1.99
N MET B 354 -30.45 7.06 -1.59
CA MET B 354 -30.30 7.61 -0.23
C MET B 354 -30.84 6.70 0.90
N THR B 355 -31.72 5.74 0.64
CA THR B 355 -31.90 4.62 1.57
C THR B 355 -30.58 3.86 1.57
N THR B 356 -30.17 3.41 0.39
CA THR B 356 -29.31 2.24 0.28
C THR B 356 -28.07 2.11 1.18
N ARG B 357 -28.08 1.09 2.05
CA ARG B 357 -26.87 0.49 2.62
C ARG B 357 -26.83 -1.05 2.45
N TYR B 358 -26.02 -1.58 1.54
CA TYR B 358 -26.03 -3.01 1.38
C TYR B 358 -25.15 -3.64 2.45
N VAL B 359 -25.64 -4.75 3.01
CA VAL B 359 -24.82 -5.65 3.83
C VAL B 359 -24.67 -6.90 2.98
N ASP B 360 -23.63 -6.85 2.14
CA ASP B 360 -23.48 -7.69 0.98
C ASP B 360 -23.45 -9.19 1.35
N GLY B 361 -23.00 -9.50 2.58
CA GLY B 361 -23.05 -10.88 3.09
C GLY B 361 -24.48 -11.37 3.10
N GLY B 362 -25.38 -10.42 3.33
CA GLY B 362 -26.80 -10.59 3.10
C GLY B 362 -27.23 -11.23 1.79
N PHE B 363 -26.36 -11.21 0.77
CA PHE B 363 -26.59 -11.93 -0.50
C PHE B 363 -25.58 -13.08 -0.60
N GLY B 364 -24.31 -12.76 -0.34
CA GLY B 364 -23.27 -13.76 -0.05
C GLY B 364 -21.97 -13.79 -0.86
N MET B 365 -20.91 -13.23 -0.30
CA MET B 365 -19.63 -13.25 -0.99
C MET B 365 -19.25 -14.60 -1.63
N GLY B 366 -19.62 -15.70 -1.00
CA GLY B 366 -19.30 -17.02 -1.54
C GLY B 366 -20.27 -17.38 -2.62
N LYS B 367 -21.55 -17.17 -2.33
CA LYS B 367 -22.63 -17.36 -3.29
C LYS B 367 -22.34 -16.67 -4.62
N TYR B 368 -21.70 -15.52 -4.53
CA TYR B 368 -21.45 -14.70 -5.68
C TYR B 368 -19.97 -14.55 -6.01
N THR B 369 -19.17 -15.55 -5.66
CA THR B 369 -17.83 -15.61 -6.19
C THR B 369 -17.94 -16.08 -7.64
N THR B 370 -17.34 -15.28 -8.51
CA THR B 370 -17.35 -15.49 -9.95
C THR B 370 -16.08 -16.20 -10.37
N PRO B 371 -16.12 -16.87 -11.53
CA PRO B 371 -14.96 -17.46 -12.15
C PRO B 371 -13.88 -16.46 -12.46
N LEU B 372 -12.65 -16.88 -12.13
CA LEU B 372 -11.46 -16.08 -12.35
C LEU B 372 -10.97 -16.27 -13.76
N THR B 373 -10.61 -15.13 -14.37
CA THR B 373 -10.22 -15.11 -15.77
C THR B 373 -8.72 -15.05 -15.87
N ARG B 374 -8.27 -16.18 -16.42
CA ARG B 374 -6.93 -16.63 -16.51
C ARG B 374 -6.11 -15.62 -17.25
N GLY B 375 -5.21 -14.98 -16.57
CA GLY B 375 -4.45 -13.96 -17.23
C GLY B 375 -4.85 -12.56 -16.83
N VAL B 376 -6.11 -12.39 -16.41
CA VAL B 376 -6.64 -11.05 -16.09
C VAL B 376 -6.77 -10.84 -14.61
N ASP B 377 -7.43 -11.81 -14.00
CA ASP B 377 -7.69 -11.79 -12.58
C ASP B 377 -6.48 -12.28 -11.86
N CYS B 378 -5.80 -13.21 -12.50
CA CYS B 378 -4.66 -13.88 -11.92
C CYS B 378 -3.69 -14.25 -13.03
N PRO B 379 -2.39 -14.19 -12.75
CA PRO B 379 -1.34 -14.72 -13.60
C PRO B 379 -1.78 -15.88 -14.42
N TYR B 380 -1.34 -15.90 -15.66
CA TYR B 380 -1.82 -16.92 -16.58
C TYR B 380 -1.53 -18.28 -15.97
N LEU B 381 -0.47 -18.35 -15.16
CA LEU B 381 0.08 -19.63 -14.69
C LEU B 381 -0.22 -19.92 -13.21
N ALA B 382 -1.29 -19.34 -12.70
CA ALA B 382 -1.70 -19.63 -11.35
C ALA B 382 -2.41 -20.96 -11.38
N THR B 383 -2.65 -21.48 -10.18
CA THR B 383 -3.41 -22.68 -10.02
C THR B 383 -4.87 -22.27 -9.74
N TYR B 384 -5.76 -22.75 -10.59
CA TYR B 384 -7.15 -22.32 -10.53
C TYR B 384 -8.02 -23.48 -10.01
N VAL B 385 -8.67 -23.20 -8.88
CA VAL B 385 -9.45 -24.20 -8.17
C VAL B 385 -10.94 -23.88 -8.20
N ASP B 386 -11.73 -24.95 -8.37
CA ASP B 386 -13.18 -24.91 -8.35
C ASP B 386 -13.75 -24.79 -6.94
N TRP B 387 -15.00 -24.33 -6.83
CA TRP B 387 -15.72 -24.26 -5.55
C TRP B 387 -17.11 -24.81 -5.71
N HIS B 388 -17.55 -25.68 -4.79
CA HIS B 388 -18.90 -26.26 -4.86
C HIS B 388 -19.80 -25.71 -3.79
N PHE B 389 -21.08 -25.78 -4.09
CA PHE B 389 -22.10 -25.17 -3.26
C PHE B 389 -23.48 -25.76 -3.62
N LEU B 390 -24.34 -25.71 -2.63
CA LEU B 390 -25.73 -25.92 -2.83
C LEU B 390 -26.38 -24.69 -2.28
N LEU B 391 -26.81 -23.80 -3.16
CA LEU B 391 -27.59 -22.66 -2.72
C LEU B 391 -28.83 -22.57 -3.61
N GLU B 392 -29.89 -22.02 -3.01
CA GLU B 392 -31.22 -22.04 -3.60
C GLU B 392 -31.39 -23.11 -4.64
N SER B 393 -31.06 -24.35 -4.31
CA SER B 393 -31.38 -25.45 -5.22
C SER B 393 -31.60 -26.76 -4.49
N GLN B 394 -31.50 -27.86 -5.23
CA GLN B 394 -31.54 -29.21 -4.67
C GLN B 394 -30.41 -30.12 -5.16
N ALA B 395 -29.63 -29.62 -6.11
CA ALA B 395 -28.35 -30.21 -6.52
C ALA B 395 -27.23 -29.25 -6.17
N PRO B 396 -26.03 -29.79 -6.01
CA PRO B 396 -24.93 -28.87 -5.91
C PRO B 396 -24.49 -28.45 -7.32
N LYS B 397 -23.96 -27.23 -7.45
CA LYS B 397 -23.31 -26.80 -8.68
C LYS B 397 -21.92 -26.32 -8.34
N THR B 398 -21.08 -26.24 -9.38
CA THR B 398 -19.71 -25.76 -9.21
C THR B 398 -19.47 -24.45 -9.94
N ILE B 399 -18.71 -23.59 -9.29
CA ILE B 399 -18.29 -22.35 -9.84
C ILE B 399 -16.80 -22.50 -10.12
N ARG B 400 -16.47 -22.79 -11.38
CA ARG B 400 -15.14 -23.23 -11.76
C ARG B 400 -14.16 -22.06 -11.72
N ASP B 401 -12.89 -22.40 -11.45
CA ASP B 401 -11.85 -21.41 -11.32
C ASP B 401 -12.24 -20.29 -10.36
N ALA B 402 -12.71 -20.68 -9.19
CA ALA B 402 -13.21 -19.74 -8.20
C ALA B 402 -12.11 -19.10 -7.38
N PHE B 403 -11.06 -19.89 -7.14
CA PHE B 403 -9.87 -19.42 -6.46
C PHE B 403 -8.70 -19.63 -7.38
N CYS B 404 -7.70 -18.79 -7.20
CA CYS B 404 -6.43 -19.01 -7.79
C CYS B 404 -5.36 -18.91 -6.69
N VAL B 405 -4.35 -19.74 -6.82
CA VAL B 405 -3.17 -19.67 -5.98
C VAL B 405 -1.96 -19.56 -6.89
N PHE B 406 -1.04 -18.69 -6.51
CA PHE B 406 0.14 -18.44 -7.30
C PHE B 406 1.26 -17.83 -6.46
N GLU B 407 2.47 -17.96 -6.98
CA GLU B 407 3.67 -17.25 -6.50
C GLU B 407 3.85 -16.07 -7.47
N GLN B 408 4.41 -14.97 -6.98
CA GLN B 408 4.49 -13.78 -7.76
C GLN B 408 5.77 -13.08 -7.40
N ASN B 409 6.72 -12.98 -8.34
CA ASN B 409 7.86 -12.14 -8.08
C ASN B 409 7.31 -10.71 -8.00
N GLN B 410 7.70 -9.94 -7.00
CA GLN B 410 7.22 -8.55 -6.89
C GLN B 410 8.09 -7.56 -7.60
N GLY B 411 9.20 -8.00 -8.18
CA GLY B 411 10.27 -7.05 -8.62
C GLY B 411 10.65 -6.07 -7.49
N LEU B 412 10.99 -6.64 -6.35
CA LEU B 412 11.31 -5.86 -5.20
C LEU B 412 12.15 -6.72 -4.22
N PRO B 413 13.22 -6.13 -3.71
CA PRO B 413 13.87 -6.76 -2.61
C PRO B 413 12.95 -7.07 -1.43
N LEU B 414 12.97 -8.31 -0.94
CA LEU B 414 12.57 -8.51 0.44
C LEU B 414 13.50 -7.66 1.30
N ARG B 415 14.76 -7.68 0.91
CA ARG B 415 15.76 -6.92 1.60
C ARG B 415 16.97 -6.79 0.73
N ARG B 416 17.79 -5.83 1.11
CA ARG B 416 19.09 -5.73 0.53
C ARG B 416 20.00 -4.72 1.20
N HIS B 417 21.31 -5.06 1.22
CA HIS B 417 22.39 -4.15 1.56
C HIS B 417 23.57 -4.29 0.62
N HIS B 418 24.20 -3.14 0.36
CA HIS B 418 25.37 -3.02 -0.49
C HIS B 418 26.37 -2.14 0.22
N SER B 419 27.51 -2.75 0.54
CA SER B 419 28.55 -2.04 1.25
C SER B 419 29.75 -1.77 0.39
N ASP B 420 30.09 -0.49 0.38
CA ASP B 420 31.31 0.08 -0.11
C ASP B 420 32.08 0.60 1.09
N LEU B 421 31.43 0.72 2.25
CA LEU B 421 32.12 1.21 3.43
C LEU B 421 32.85 0.04 4.09
N TYR B 422 34.11 0.29 4.47
CA TYR B 422 34.98 -0.62 5.21
C TYR B 422 35.14 -2.05 4.71
N SER B 423 34.08 -2.70 4.26
CA SER B 423 34.15 -4.04 3.67
C SER B 423 33.19 -4.11 2.46
N HIS B 424 33.56 -4.86 1.44
CA HIS B 424 32.82 -4.86 0.18
C HIS B 424 32.00 -6.13 0.04
N TYR B 425 30.70 -5.98 0.18
CA TYR B 425 29.78 -7.09 0.01
C TYR B 425 28.41 -6.59 -0.38
N PHE B 426 27.66 -7.53 -0.95
CA PHE B 426 26.27 -7.35 -1.20
C PHE B 426 25.51 -8.60 -0.83
N GLY B 427 24.34 -8.36 -0.22
CA GLY B 427 23.38 -9.39 0.14
C GLY B 427 21.96 -8.84 0.18
N GLY B 428 21.09 -9.54 -0.51
CA GLY B 428 19.70 -9.16 -0.57
C GLY B 428 19.00 -10.33 -1.20
N LEU B 429 17.70 -10.16 -1.40
CA LEU B 429 16.89 -11.24 -1.91
C LEU B 429 15.66 -10.62 -2.50
N ALA B 430 15.29 -11.15 -3.64
CA ALA B 430 14.15 -10.70 -4.35
C ALA B 430 12.96 -11.26 -3.60
N GLU B 431 11.99 -10.42 -3.28
CA GLU B 431 10.73 -10.93 -2.74
C GLU B 431 9.86 -11.63 -3.79
N THR B 432 9.72 -12.95 -3.70
CA THR B 432 8.55 -13.62 -4.30
C THR B 432 7.54 -13.76 -3.17
N VAL B 433 6.26 -13.82 -3.52
CA VAL B 433 5.16 -13.88 -2.54
C VAL B 433 4.17 -14.95 -2.97
N LEU B 434 3.47 -15.55 -1.98
CA LEU B 434 2.43 -16.55 -2.24
C LEU B 434 1.06 -15.95 -2.06
N VAL B 435 0.15 -16.24 -3.00
CA VAL B 435 -1.12 -15.53 -3.04
C VAL B 435 -2.26 -16.46 -3.34
N VAL B 436 -3.35 -16.22 -2.58
CA VAL B 436 -4.63 -16.87 -2.79
C VAL B 436 -5.67 -15.81 -2.85
N ARG B 437 -6.57 -15.99 -3.81
CA ARG B 437 -7.53 -14.97 -4.15
C ARG B 437 -8.77 -15.55 -4.78
N SER B 438 -9.87 -14.87 -4.49
CA SER B 438 -11.13 -15.08 -5.17
C SER B 438 -11.74 -13.69 -5.33
N MET B 439 -12.69 -13.58 -6.26
CA MET B 439 -13.42 -12.34 -6.49
C MET B 439 -14.91 -12.58 -6.48
N SER B 440 -15.61 -11.70 -5.74
CA SER B 440 -17.03 -11.80 -5.51
C SER B 440 -17.65 -10.65 -6.31
N THR B 441 -18.54 -11.00 -7.24
CA THR B 441 -19.28 -10.01 -8.02
C THR B 441 -20.74 -9.92 -7.58
N LEU B 442 -21.02 -8.80 -6.94
CA LEU B 442 -22.29 -8.51 -6.34
C LEU B 442 -22.90 -7.27 -6.95
N LEU B 443 -23.75 -7.49 -7.96
CA LEU B 443 -24.34 -6.40 -8.72
C LEU B 443 -23.25 -5.61 -9.45
N ASN B 444 -23.10 -4.34 -9.11
CA ASN B 444 -22.26 -3.54 -9.90
C ASN B 444 -20.82 -3.86 -9.51
N TPQ B 445 -20.60 -4.27 -8.26
CA TPQ B 445 -19.23 -4.41 -7.75
CB TPQ B 445 -19.08 -4.31 -6.25
C TPQ B 445 -18.63 -5.75 -8.07
O TPQ B 445 -19.27 -6.81 -7.99
C1 TPQ B 445 -20.15 -3.51 -5.56
C2 TPQ B 445 -19.90 -2.05 -5.33
O2 TPQ B 445 -18.83 -1.50 -5.71
C3 TPQ B 445 -20.89 -1.32 -4.66
C4 TPQ B 445 -22.06 -1.95 -4.22
O4 TPQ B 445 -22.96 -1.16 -3.59
C5 TPQ B 445 -22.35 -3.43 -4.44
O5 TPQ B 445 -23.42 -4.00 -4.03
C6 TPQ B 445 -21.32 -4.14 -5.11
N ASP B 446 -17.35 -5.69 -8.43
CA ASP B 446 -16.50 -6.85 -8.31
C ASP B 446 -15.49 -6.56 -7.19
N TYR B 447 -15.60 -7.38 -6.15
CA TYR B 447 -14.79 -7.27 -4.94
C TYR B 447 -13.61 -8.21 -5.13
N VAL B 448 -12.41 -7.71 -4.87
CA VAL B 448 -11.22 -8.57 -4.92
C VAL B 448 -10.63 -8.83 -3.53
N TRP B 449 -10.59 -10.13 -3.21
CA TRP B 449 -10.17 -10.63 -1.90
C TRP B 449 -8.83 -11.36 -1.98
N ASP B 450 -7.83 -10.79 -1.33
CA ASP B 450 -6.49 -11.35 -1.39
C ASP B 450 -6.00 -11.61 -0.01
N THR B 451 -5.50 -12.83 0.17
CA THR B 451 -4.59 -13.08 1.28
C THR B 451 -3.25 -13.41 0.66
N VAL B 452 -2.22 -12.73 1.14
CA VAL B 452 -0.88 -12.96 0.60
C VAL B 452 0.16 -13.15 1.69
N PHE B 453 1.10 -14.02 1.36
CA PHE B 453 1.95 -14.68 2.31
C PHE B 453 3.41 -14.40 2.04
N HIS B 454 3.94 -13.50 2.83
CA HIS B 454 5.31 -13.10 2.68
C HIS B 454 6.29 -14.02 3.35
N PRO B 455 7.33 -14.44 2.63
CA PRO B 455 8.48 -15.06 3.28
C PRO B 455 9.20 -14.32 4.41
N SER B 456 8.74 -13.17 4.89
CA SER B 456 9.28 -12.66 6.13
C SER B 456 8.54 -13.23 7.32
N GLY B 457 7.67 -14.21 7.07
CA GLY B 457 6.61 -14.59 7.99
C GLY B 457 5.38 -13.67 8.07
N ALA B 458 5.25 -12.66 7.22
CA ALA B 458 4.10 -11.74 7.34
C ALA B 458 2.88 -12.17 6.55
N ILE B 459 1.72 -11.64 6.96
CA ILE B 459 0.51 -11.79 6.19
C ILE B 459 -0.21 -10.48 5.87
N GLU B 460 -0.55 -10.38 4.58
CA GLU B 460 -1.25 -9.26 4.01
C GLU B 460 -2.64 -9.74 3.67
N ILE B 461 -3.62 -8.99 4.18
CA ILE B 461 -4.94 -9.05 3.58
C ILE B 461 -5.18 -7.71 2.90
N ARG B 462 -5.61 -7.88 1.63
CA ARG B 462 -5.99 -6.81 0.74
C ARG B 462 -7.41 -7.01 0.24
N PHE B 463 -8.21 -5.95 0.26
CA PHE B 463 -9.36 -6.01 -0.65
C PHE B 463 -9.51 -4.78 -1.54
N TYR B 464 -10.00 -5.10 -2.74
CA TYR B 464 -10.09 -4.20 -3.85
C TYR B 464 -11.53 -4.14 -4.38
N ALA B 465 -12.02 -2.89 -4.51
CA ALA B 465 -13.30 -2.59 -5.16
C ALA B 465 -13.05 -2.17 -6.61
N THR B 466 -13.48 -3.04 -7.52
CA THR B 466 -13.47 -2.75 -8.96
C THR B 466 -14.86 -3.19 -9.51
N GLY B 467 -14.98 -3.35 -10.83
CA GLY B 467 -16.30 -3.49 -11.43
C GLY B 467 -16.96 -2.13 -11.69
N TYR B 468 -18.26 -2.17 -11.95
CA TYR B 468 -19.06 -0.97 -12.26
C TYR B 468 -19.47 -0.23 -11.00
N ILE B 469 -19.83 1.04 -11.15
CA ILE B 469 -20.49 1.78 -10.06
C ILE B 469 -22.02 1.70 -10.13
N SER B 470 -22.66 2.15 -9.04
CA SER B 470 -24.11 2.35 -9.02
C SER B 470 -24.29 3.77 -9.46
N SER B 471 -25.22 3.98 -10.40
CA SER B 471 -25.49 5.32 -10.91
C SER B 471 -26.91 5.73 -10.65
N ALA B 472 -27.09 7.02 -10.42
CA ALA B 472 -28.43 7.62 -10.44
C ALA B 472 -28.72 8.24 -11.81
N PHE B 473 -29.93 8.76 -11.96
CA PHE B 473 -30.30 9.56 -13.09
C PHE B 473 -30.19 10.97 -12.54
N LEU B 474 -29.83 11.88 -13.42
CA LEU B 474 -29.42 13.18 -13.00
C LEU B 474 -30.49 14.23 -13.25
N PHE B 475 -31.02 14.84 -12.19
CA PHE B 475 -31.85 16.06 -12.31
C PHE B 475 -31.24 17.15 -11.38
N GLY B 476 -30.62 18.13 -12.03
CA GLY B 476 -30.14 19.36 -11.43
C GLY B 476 -29.61 19.37 -10.02
N ALA B 477 -30.50 19.14 -9.05
CA ALA B 477 -30.21 19.32 -7.62
C ALA B 477 -29.07 18.43 -7.08
N THR B 478 -27.84 18.68 -7.55
CA THR B 478 -26.76 17.69 -7.45
C THR B 478 -25.33 18.30 -7.34
N GLY B 479 -24.44 17.56 -6.70
CA GLY B 479 -23.14 18.09 -6.33
C GLY B 479 -22.93 17.97 -4.84
N LYS B 480 -23.99 17.57 -4.16
CA LYS B 480 -23.87 17.13 -2.80
C LYS B 480 -23.91 15.62 -2.80
N TYR B 481 -24.35 15.01 -3.90
CA TYR B 481 -24.58 13.59 -3.85
C TYR B 481 -23.70 12.80 -4.79
N GLY B 482 -22.77 13.52 -5.43
CA GLY B 482 -21.81 12.89 -6.34
C GLY B 482 -21.47 13.70 -7.57
N ASN B 483 -20.97 13.00 -8.58
CA ASN B 483 -20.40 13.64 -9.77
C ASN B 483 -21.05 13.12 -11.02
N GLN B 484 -21.32 14.03 -11.95
CA GLN B 484 -21.67 13.60 -13.27
C GLN B 484 -20.53 12.84 -13.90
N VAL B 485 -20.82 11.61 -14.24
CA VAL B 485 -19.82 10.79 -14.85
C VAL B 485 -20.15 10.48 -16.28
N SER B 486 -21.31 11.00 -16.71
CA SER B 486 -21.86 10.62 -17.99
C SER B 486 -23.09 11.47 -18.37
N GLU B 487 -23.49 11.22 -19.61
CA GLU B 487 -24.85 11.32 -20.08
C GLU B 487 -25.95 10.94 -19.06
N HIS B 488 -26.58 11.95 -18.46
CA HIS B 488 -27.73 11.73 -17.60
C HIS B 488 -27.38 11.12 -16.26
N THR B 489 -26.09 10.84 -16.05
CA THR B 489 -25.67 9.86 -15.04
C THR B 489 -24.95 10.52 -13.87
N LEU B 490 -25.55 10.43 -12.70
CA LEU B 490 -24.88 10.79 -11.47
C LEU B 490 -24.11 9.59 -10.90
N GLY B 491 -22.89 9.89 -10.46
CA GLY B 491 -22.03 8.93 -9.81
C GLY B 491 -22.22 9.16 -8.35
N THR B 492 -22.79 8.14 -7.73
CA THR B 492 -23.51 8.32 -6.50
C THR B 492 -22.57 8.05 -5.33
N VAL B 493 -22.42 9.03 -4.44
CA VAL B 493 -21.35 8.97 -3.45
C VAL B 493 -21.61 7.80 -2.56
N HIS B 494 -20.56 7.10 -2.14
CA HIS B 494 -20.73 6.09 -1.10
C HIS B 494 -19.46 5.85 -0.31
N THR B 495 -19.57 5.00 0.72
CA THR B 495 -18.42 4.46 1.43
C THR B 495 -18.39 2.97 1.16
N HIS B 496 -17.19 2.36 1.13
CA HIS B 496 -17.06 0.91 1.34
C HIS B 496 -16.37 0.61 2.69
N SER B 497 -16.69 -0.59 3.19
CA SER B 497 -16.14 -1.11 4.41
C SER B 497 -16.14 -2.62 4.36
N ALA B 498 -15.13 -3.21 4.98
CA ALA B 498 -15.03 -4.65 5.10
C ALA B 498 -14.44 -5.07 6.44
N HIS B 499 -14.85 -6.27 6.86
CA HIS B 499 -14.57 -6.75 8.20
C HIS B 499 -13.97 -8.11 8.18
N PHE B 500 -12.85 -8.20 8.90
CA PHE B 500 -12.12 -9.44 9.02
C PHE B 500 -11.92 -9.92 10.46
N LYS B 501 -12.09 -11.24 10.54
CA LYS B 501 -11.75 -12.00 11.71
C LYS B 501 -10.30 -12.43 11.66
N VAL B 502 -9.54 -12.08 12.67
CA VAL B 502 -8.17 -12.54 12.75
C VAL B 502 -7.93 -13.31 14.02
N ASP B 503 -7.98 -14.65 13.95
CA ASP B 503 -7.74 -15.43 15.14
C ASP B 503 -6.29 -15.85 15.16
N LEU B 504 -5.50 -14.88 15.56
CA LEU B 504 -4.14 -15.11 15.94
C LEU B 504 -4.05 -15.94 17.21
N ASP B 505 -3.22 -16.99 17.12
CA ASP B 505 -2.79 -17.78 18.27
C ASP B 505 -1.25 -17.66 18.29
N VAL B 506 -0.79 -16.51 18.78
CA VAL B 506 0.63 -16.21 18.85
C VAL B 506 1.29 -17.14 19.84
N ALA B 507 2.00 -18.13 19.32
CA ALA B 507 2.66 -19.11 20.17
C ALA B 507 1.62 -19.75 21.08
N GLY B 508 0.59 -20.31 20.46
CA GLY B 508 -0.56 -20.88 21.17
C GLY B 508 -1.56 -19.82 21.68
N LEU B 509 -2.64 -20.31 22.26
CA LEU B 509 -3.84 -19.52 22.53
C LEU B 509 -3.67 -18.30 23.42
N GLU B 510 -2.94 -18.40 24.52
CA GLU B 510 -2.98 -17.33 25.54
C GLU B 510 -2.25 -16.11 25.05
N ASN B 511 -2.96 -15.11 24.55
CA ASN B 511 -2.29 -13.93 24.05
C ASN B 511 -2.68 -12.76 24.90
N TRP B 512 -1.82 -11.76 24.93
CA TRP B 512 -2.15 -10.47 25.56
C TRP B 512 -2.19 -9.46 24.41
N VAL B 513 -2.16 -8.17 24.71
CA VAL B 513 -2.17 -7.21 23.66
C VAL B 513 -1.50 -5.97 24.20
N TRP B 514 -0.57 -5.47 23.42
CA TRP B 514 0.31 -4.42 23.83
C TRP B 514 0.12 -3.21 22.91
N ALA B 515 0.52 -2.04 23.39
CA ALA B 515 0.48 -0.86 22.56
C ALA B 515 1.74 0.01 22.70
N GLU B 516 2.64 -0.16 21.74
CA GLU B 516 3.84 0.65 21.69
C GLU B 516 3.71 1.84 20.70
N ASP B 517 4.24 2.97 21.12
CA ASP B 517 4.14 4.21 20.38
C ASP B 517 5.33 5.05 20.86
N MET B 518 5.18 6.36 20.97
CA MET B 518 6.37 7.16 21.02
C MET B 518 6.10 8.49 21.62
N VAL B 519 7.15 9.14 22.09
CA VAL B 519 6.99 10.40 22.75
C VAL B 519 8.35 11.10 22.89
N PHE B 520 8.29 12.43 22.99
CA PHE B 520 9.47 13.26 23.18
C PHE B 520 9.45 13.86 24.57
N VAL B 521 10.63 14.11 25.13
CA VAL B 521 10.74 14.54 26.50
C VAL B 521 11.91 15.51 26.61
N PRO B 522 11.60 16.77 26.93
CA PRO B 522 12.66 17.71 27.25
C PRO B 522 13.48 17.19 28.37
N MET B 523 14.76 17.03 28.11
CA MET B 523 15.76 16.67 29.11
C MET B 523 16.94 17.62 28.98
N ALA B 524 17.87 17.52 29.92
CA ALA B 524 19.18 18.17 29.81
C ALA B 524 20.04 17.28 28.96
N VAL B 525 21.06 17.87 28.39
CA VAL B 525 22.05 17.13 27.64
C VAL B 525 23.07 16.69 28.68
N PRO B 526 23.20 15.37 28.89
CA PRO B 526 24.09 14.82 29.94
C PRO B 526 25.47 15.44 29.93
N TRP B 527 26.07 15.59 28.75
CA TRP B 527 27.43 16.12 28.63
C TRP B 527 27.46 17.65 28.44
N SER B 528 26.35 18.32 28.75
CA SER B 528 26.26 19.78 28.75
C SER B 528 24.89 20.13 29.32
N PRO B 529 24.72 19.92 30.63
CA PRO B 529 23.35 20.04 31.12
C PRO B 529 22.74 21.44 30.97
N GLU B 530 23.53 22.42 30.55
CA GLU B 530 22.96 23.70 30.27
C GLU B 530 22.10 23.61 29.04
N HIS B 531 22.47 22.74 28.09
CA HIS B 531 21.71 22.58 26.85
C HIS B 531 20.63 21.53 27.01
N GLN B 532 19.56 21.73 26.23
CA GLN B 532 18.37 20.86 26.21
C GLN B 532 18.39 19.98 24.98
N LEU B 533 17.88 18.76 25.08
CA LEU B 533 17.71 17.93 23.91
C LEU B 533 16.32 17.38 23.99
N GLN B 534 15.81 16.83 22.90
CA GLN B 534 14.43 16.34 22.88
C GLN B 534 14.46 14.85 22.84
N ARG B 535 14.37 14.25 24.00
CA ARG B 535 14.61 12.86 24.09
C ARG B 535 13.47 12.02 23.54
N LEU B 536 13.74 11.30 22.46
CA LEU B 536 12.79 10.32 21.93
C LEU B 536 12.72 9.08 22.83
N GLN B 537 11.51 8.59 23.13
CA GLN B 537 11.30 7.34 23.89
C GLN B 537 10.19 6.47 23.34
N VAL B 538 10.30 5.17 23.52
CA VAL B 538 9.19 4.29 23.23
C VAL B 538 8.27 4.34 24.44
N THR B 539 7.00 4.00 24.22
CA THR B 539 6.09 3.73 25.31
C THR B 539 5.38 2.43 25.07
N ARG B 540 5.25 1.66 26.13
CA ARG B 540 4.53 0.42 26.03
C ARG B 540 3.43 0.45 27.07
N LYS B 541 2.39 -0.29 26.77
CA LYS B 541 1.25 -0.40 27.64
C LYS B 541 0.45 -1.66 27.26
N LEU B 542 0.07 -2.40 28.29
CA LEU B 542 -0.62 -3.63 28.12
C LEU B 542 -2.06 -3.24 28.15
N LEU B 543 -2.82 -3.77 27.21
CA LEU B 543 -4.28 -3.63 27.20
C LEU B 543 -4.91 -4.90 27.78
N GLU B 544 -5.70 -4.66 28.82
CA GLU B 544 -6.14 -5.75 29.68
C GLU B 544 -7.58 -6.07 29.40
N MET B 545 -8.31 -5.09 28.84
CA MET B 545 -9.80 -5.10 28.78
C MET B 545 -10.42 -4.89 27.35
N GLU B 546 -11.27 -5.83 26.91
CA GLU B 546 -11.92 -5.79 25.57
C GLU B 546 -12.08 -4.33 25.01
N GLU B 547 -12.40 -3.40 25.90
CA GLU B 547 -12.64 -1.99 25.55
C GLU B 547 -11.39 -1.14 25.34
N GLN B 548 -10.29 -1.54 25.92
CA GLN B 548 -9.08 -0.74 25.77
C GLN B 548 -8.48 -1.05 24.41
N ALA B 549 -8.97 -2.10 23.76
CA ALA B 549 -8.49 -2.61 22.46
C ALA B 549 -9.62 -2.64 21.45
N ALA B 550 -10.47 -1.63 21.57
CA ALA B 550 -11.49 -1.41 20.59
C ALA B 550 -11.24 0.04 20.25
N PHE B 551 -10.99 0.31 18.98
CA PHE B 551 -10.72 1.66 18.55
C PHE B 551 -11.67 2.06 17.47
N LEU B 552 -12.20 3.25 17.61
CA LEU B 552 -13.16 3.69 16.66
C LEU B 552 -12.44 4.30 15.49
N VAL B 553 -13.02 4.13 14.33
CA VAL B 553 -12.79 5.06 13.25
C VAL B 553 -12.83 6.47 13.85
N GLY B 554 -11.98 7.36 13.36
CA GLY B 554 -11.93 8.68 13.94
C GLY B 554 -10.96 8.91 15.10
N SER B 555 -10.78 7.93 15.98
CA SER B 555 -9.76 8.05 17.03
C SER B 555 -8.37 7.60 16.53
N ALA B 556 -7.34 7.84 17.34
CA ALA B 556 -5.94 7.43 17.03
C ALA B 556 -5.62 6.00 17.46
N THR B 557 -5.37 5.11 16.50
CA THR B 557 -4.65 3.87 16.79
C THR B 557 -3.24 4.19 17.31
N PRO B 558 -2.66 3.27 18.09
CA PRO B 558 -1.28 3.56 18.41
C PRO B 558 -0.41 2.98 17.27
N ARG B 559 0.88 3.33 17.26
CA ARG B 559 1.68 3.03 16.07
C ARG B 559 2.00 1.56 16.00
N TYR B 560 2.62 1.07 17.05
CA TYR B 560 2.90 -0.34 17.16
C TYR B 560 1.84 -0.93 18.10
N LEU B 561 1.05 -1.85 17.55
CA LEU B 561 0.09 -2.60 18.32
C LEU B 561 0.05 -4.06 17.93
N TYR B 562 0.33 -4.95 18.89
CA TYR B 562 0.42 -6.42 18.63
C TYR B 562 -0.22 -7.30 19.69
N LEU B 563 -0.43 -8.57 19.29
CA LEU B 563 -0.77 -9.66 20.22
C LEU B 563 0.45 -10.48 20.61
N ALA B 564 0.76 -10.48 21.91
CA ALA B 564 1.89 -11.21 22.50
C ALA B 564 1.48 -12.55 23.12
N SER B 565 2.51 -13.35 23.41
CA SER B 565 2.38 -14.50 24.23
C SER B 565 3.10 -14.18 25.55
N ASN B 566 2.93 -15.11 26.50
CA ASN B 566 3.58 -15.14 27.80
C ASN B 566 5.09 -15.33 27.42
N HIS B 567 5.34 -16.22 26.45
CA HIS B 567 6.71 -16.56 26.01
C HIS B 567 7.54 -15.33 25.60
N SER B 568 8.85 -15.48 25.56
CA SER B 568 9.72 -14.49 24.91
C SER B 568 10.60 -15.19 23.90
N ASN B 569 11.14 -14.40 22.99
CA ASN B 569 12.13 -14.92 22.07
C ASN B 569 13.43 -14.82 22.81
N LYS B 570 14.46 -15.34 22.14
CA LYS B 570 15.80 -15.38 22.66
C LYS B 570 16.21 -14.05 23.32
N TRP B 571 15.82 -12.90 22.80
CA TRP B 571 16.37 -11.63 23.33
C TRP B 571 15.51 -11.05 24.45
N GLY B 572 14.47 -11.80 24.83
CA GLY B 572 13.67 -11.51 26.05
C GLY B 572 12.44 -10.65 25.80
N HIS B 573 11.89 -10.84 24.62
CA HIS B 573 10.89 -9.92 24.17
C HIS B 573 9.64 -10.67 23.86
N PRO B 574 8.52 -10.15 24.35
CA PRO B 574 7.28 -10.90 24.21
C PRO B 574 7.09 -11.38 22.77
N ARG B 575 7.07 -12.68 22.57
CA ARG B 575 6.81 -13.19 21.22
C ARG B 575 5.53 -12.58 20.70
N GLY B 576 5.60 -11.87 19.57
CA GLY B 576 4.52 -10.96 19.18
C GLY B 576 4.26 -10.85 17.70
N TYR B 577 3.00 -10.62 17.36
CA TYR B 577 2.56 -10.29 16.00
C TYR B 577 1.74 -9.03 15.94
N ARG B 578 2.10 -8.19 15.01
CA ARG B 578 1.59 -6.85 14.92
C ARG B 578 0.54 -6.71 13.81
N ILE B 579 -0.49 -5.93 14.11
CA ILE B 579 -1.54 -5.66 13.13
C ILE B 579 -1.39 -4.22 12.67
N GLN B 580 -1.07 -4.06 11.40
CA GLN B 580 -0.85 -2.74 10.84
C GLN B 580 -1.85 -2.59 9.72
N MET B 581 -2.65 -1.55 9.87
CA MET B 581 -3.88 -1.42 9.14
C MET B 581 -3.71 -0.51 7.94
N LEU B 582 -4.22 -0.96 6.80
CA LEU B 582 -4.31 -0.12 5.61
C LEU B 582 -5.73 0.23 5.25
N SER B 583 -6.17 1.37 5.78
CA SER B 583 -7.55 1.77 5.74
C SER B 583 -7.57 3.29 5.65
N PHE B 584 -8.49 3.79 4.81
CA PHE B 584 -8.80 5.21 4.66
C PHE B 584 -10.25 5.49 5.10
N ALA B 585 -10.47 5.24 6.39
CA ALA B 585 -11.62 5.71 7.13
C ALA B 585 -12.87 5.90 6.29
N GLY B 586 -13.31 4.84 5.63
CA GLY B 586 -14.70 4.81 5.14
C GLY B 586 -15.63 5.23 6.31
N GLU B 587 -15.75 6.56 6.51
CA GLU B 587 -16.50 7.20 7.66
C GLU B 587 -18.01 6.77 7.97
N PRO B 588 -18.32 6.52 9.25
CA PRO B 588 -19.42 5.61 9.49
C PRO B 588 -20.78 6.24 9.79
N LEU B 589 -21.80 5.57 9.25
CA LEU B 589 -23.20 5.89 9.47
C LEU B 589 -23.39 6.14 10.93
N PRO B 590 -23.86 7.34 11.31
CA PRO B 590 -23.84 7.63 12.74
C PRO B 590 -24.77 6.74 13.59
N GLN B 591 -24.40 6.60 14.87
CA GLN B 591 -24.96 5.60 15.75
C GLN B 591 -26.42 5.90 15.98
N ASN B 592 -26.72 7.21 16.05
CA ASN B 592 -28.07 7.76 16.18
C ASN B 592 -29.07 7.14 15.16
N SER B 593 -28.62 6.38 14.15
CA SER B 593 -29.54 5.76 13.20
C SER B 593 -30.14 4.46 13.70
N SER B 594 -31.44 4.25 13.49
CA SER B 594 -32.06 2.97 13.86
C SER B 594 -31.35 1.72 13.29
N MET B 595 -30.59 1.92 12.23
CA MET B 595 -30.20 0.82 11.39
C MET B 595 -28.88 0.23 11.79
N ALA B 596 -28.07 1.10 12.40
CA ALA B 596 -26.64 0.93 12.63
C ALA B 596 -26.22 -0.34 13.35
N ARG B 597 -27.07 -0.85 14.23
CA ARG B 597 -26.74 -2.08 14.94
C ARG B 597 -26.63 -3.27 13.97
N GLY B 598 -27.04 -3.07 12.72
CA GLY B 598 -26.91 -4.08 11.69
C GLY B 598 -25.49 -4.34 11.25
N PHE B 599 -24.63 -3.37 11.51
CA PHE B 599 -23.24 -3.47 11.16
C PHE B 599 -22.41 -2.57 12.07
N SER B 600 -22.47 -2.83 13.37
CA SER B 600 -21.83 -1.94 14.35
C SER B 600 -20.30 -2.01 14.27
N TRP B 601 -19.80 -2.85 13.39
CA TRP B 601 -18.38 -2.97 13.16
C TRP B 601 -17.81 -1.83 12.33
N GLU B 602 -18.52 -1.38 11.28
CA GLU B 602 -18.17 -0.12 10.59
C GLU B 602 -17.67 0.95 11.58
N ARG B 603 -18.19 0.92 12.82
CA ARG B 603 -17.86 1.92 13.83
C ARG B 603 -16.39 1.90 14.27
N TYR B 604 -15.78 0.74 14.12
CA TYR B 604 -14.48 0.44 14.70
C TYR B 604 -13.39 0.26 13.67
N GLN B 605 -12.28 0.94 13.91
CA GLN B 605 -11.09 0.67 13.15
C GLN B 605 -10.65 -0.75 13.41
N LEU B 606 -10.50 -1.04 14.69
CA LEU B 606 -9.95 -2.30 15.15
C LEU B 606 -10.57 -2.74 16.46
N ALA B 607 -10.79 -4.06 16.58
CA ALA B 607 -11.25 -4.60 17.85
C ALA B 607 -10.61 -5.93 18.20
N VAL B 608 -10.35 -6.11 19.50
CA VAL B 608 -10.00 -7.43 20.03
C VAL B 608 -10.96 -7.89 21.14
N THR B 609 -11.20 -9.20 21.15
CA THR B 609 -12.11 -9.85 22.08
C THR B 609 -11.64 -11.21 22.53
N GLN B 610 -12.36 -11.81 23.45
CA GLN B 610 -12.14 -13.22 23.70
C GLN B 610 -12.86 -14.02 22.67
N ARG B 611 -12.14 -14.93 22.04
CA ARG B 611 -12.75 -15.89 21.12
C ARG B 611 -13.74 -16.66 21.91
N LYS B 612 -14.81 -17.10 21.26
CA LYS B 612 -15.91 -17.82 21.92
C LYS B 612 -16.66 -18.50 20.84
N GLU B 613 -17.05 -19.73 21.06
CA GLU B 613 -17.80 -20.42 20.04
C GLU B 613 -19.16 -19.73 19.71
N GLU B 614 -19.75 -19.12 20.72
CA GLU B 614 -20.99 -18.40 20.57
C GLU B 614 -20.82 -16.98 19.98
N GLU B 615 -19.62 -16.38 19.97
CA GLU B 615 -19.35 -15.13 19.23
C GLU B 615 -18.55 -15.52 17.87
N PRO B 616 -19.13 -16.40 16.96
CA PRO B 616 -18.38 -16.89 15.80
C PRO B 616 -18.35 -16.04 14.53
N SER B 617 -19.05 -14.90 14.50
CA SER B 617 -19.17 -14.03 13.29
C SER B 617 -19.59 -12.64 13.63
N SER B 618 -19.19 -11.73 12.77
CA SER B 618 -19.21 -10.31 13.00
C SER B 618 -20.54 -9.71 12.55
N SER B 619 -21.11 -10.33 11.50
CA SER B 619 -22.44 -9.99 10.97
C SER B 619 -23.02 -11.33 10.65
N SER B 620 -24.19 -11.34 10.01
CA SER B 620 -24.84 -12.57 9.54
C SER B 620 -25.78 -12.27 8.37
N VAL B 621 -25.97 -13.32 7.57
CA VAL B 621 -26.79 -13.26 6.36
C VAL B 621 -28.15 -12.58 6.63
N PHE B 622 -28.63 -12.71 7.86
CA PHE B 622 -29.92 -12.18 8.25
C PHE B 622 -29.90 -10.69 8.60
N ASN B 623 -28.75 -10.10 8.87
CA ASN B 623 -28.74 -8.65 9.17
C ASN B 623 -29.22 -7.77 7.99
N GLN B 624 -29.22 -8.32 6.77
CA GLN B 624 -29.58 -7.57 5.53
C GLN B 624 -30.96 -6.97 5.61
N ASN B 625 -31.96 -7.84 5.80
CA ASN B 625 -33.36 -7.46 5.70
C ASN B 625 -34.05 -6.96 6.98
N ASP B 626 -33.34 -7.10 8.11
CA ASP B 626 -33.72 -6.44 9.34
C ASP B 626 -32.47 -6.13 10.17
N PRO B 627 -31.82 -5.01 9.87
CA PRO B 627 -30.75 -4.46 10.67
C PRO B 627 -31.25 -3.57 11.79
N TRP B 628 -32.54 -3.57 12.00
CA TRP B 628 -33.10 -2.81 13.10
C TRP B 628 -33.23 -3.79 14.28
N ALA B 629 -33.39 -5.07 13.92
CA ALA B 629 -33.29 -6.21 14.81
C ALA B 629 -32.10 -7.09 14.36
N PRO B 630 -30.89 -6.61 14.66
CA PRO B 630 -29.71 -7.32 14.27
C PRO B 630 -29.81 -8.75 14.66
N THR B 631 -29.62 -9.65 13.73
CA THR B 631 -29.46 -11.04 14.10
C THR B 631 -28.12 -11.27 14.80
N VAL B 632 -27.15 -10.39 14.53
CA VAL B 632 -25.88 -10.36 15.25
C VAL B 632 -25.45 -8.94 15.31
N ASP B 633 -25.14 -8.45 16.48
CA ASP B 633 -24.70 -7.06 16.57
C ASP B 633 -23.35 -7.08 17.25
N PHE B 634 -22.37 -6.55 16.53
CA PHE B 634 -20.99 -6.70 16.90
C PHE B 634 -20.67 -5.96 18.22
N SER B 635 -21.22 -4.77 18.50
CA SER B 635 -20.79 -4.05 19.75
C SER B 635 -20.98 -4.92 21.01
N ASP B 636 -21.89 -5.88 20.89
CA ASP B 636 -22.08 -6.90 21.90
C ASP B 636 -20.77 -7.60 22.25
N PHE B 637 -20.02 -8.02 21.24
CA PHE B 637 -18.79 -8.80 21.45
C PHE B 637 -17.87 -8.09 22.44
N ILE B 638 -17.87 -6.77 22.42
CA ILE B 638 -17.05 -5.96 23.29
C ILE B 638 -17.74 -5.65 24.61
N ASN B 639 -17.28 -6.24 25.72
CA ASN B 639 -18.11 -6.21 26.92
C ASN B 639 -17.43 -6.48 28.22
N ASN B 640 -16.65 -5.51 28.69
CA ASN B 640 -15.91 -5.60 29.95
C ASN B 640 -15.37 -6.99 30.25
N GLU B 641 -14.52 -7.52 29.38
CA GLU B 641 -13.83 -8.77 29.65
C GLU B 641 -12.35 -8.53 29.63
N THR B 642 -11.60 -9.47 30.20
CA THR B 642 -10.15 -9.37 30.20
C THR B 642 -9.68 -9.97 28.86
N ILE B 643 -8.62 -9.37 28.34
CA ILE B 643 -7.91 -9.85 27.15
C ILE B 643 -6.43 -9.93 27.53
N ALA B 644 -6.23 -10.39 28.77
CA ALA B 644 -4.92 -10.64 29.36
C ALA B 644 -4.76 -12.15 29.49
N GLY B 645 -3.97 -12.74 28.61
CA GLY B 645 -3.73 -14.15 28.62
C GLY B 645 -5.00 -14.92 28.36
N LYS B 646 -5.68 -14.59 27.27
CA LYS B 646 -6.83 -15.36 26.85
C LYS B 646 -6.62 -15.75 25.41
N ASP B 647 -7.45 -16.65 24.90
CA ASP B 647 -7.43 -16.94 23.46
C ASP B 647 -8.07 -15.75 22.84
N LEU B 648 -7.30 -14.89 22.18
CA LEU B 648 -7.87 -13.65 21.63
C LEU B 648 -8.21 -13.77 20.15
N VAL B 649 -9.07 -12.86 19.70
CA VAL B 649 -9.39 -12.74 18.27
C VAL B 649 -9.49 -11.26 17.99
N ALA B 650 -8.80 -10.80 16.97
CA ALA B 650 -8.86 -9.40 16.59
C ALA B 650 -9.72 -9.24 15.34
N TRP B 651 -10.31 -8.06 15.21
CA TRP B 651 -11.30 -7.78 14.19
C TRP B 651 -10.95 -6.47 13.54
N VAL B 652 -10.71 -6.57 12.24
CA VAL B 652 -10.28 -5.40 11.48
C VAL B 652 -11.24 -5.02 10.38
N THR B 653 -11.51 -3.70 10.40
CA THR B 653 -12.36 -2.99 9.46
C THR B 653 -11.46 -2.20 8.49
N ALA B 654 -11.85 -2.19 7.23
CA ALA B 654 -11.02 -1.59 6.18
C ALA B 654 -11.95 -1.04 5.14
N GLY B 655 -11.70 0.19 4.73
CA GLY B 655 -12.56 0.82 3.76
C GLY B 655 -12.18 2.25 3.46
N PHE B 656 -12.91 2.82 2.51
CA PHE B 656 -12.63 4.16 2.02
C PHE B 656 -13.92 4.88 1.61
N LEU B 657 -13.80 6.21 1.47
CA LEU B 657 -14.81 7.03 0.80
C LEU B 657 -14.71 6.96 -0.72
N HIS B 658 -15.83 6.82 -1.41
CA HIS B 658 -15.77 6.76 -2.86
C HIS B 658 -16.73 7.73 -3.53
N ILE B 659 -16.19 8.82 -4.08
CA ILE B 659 -16.96 9.86 -4.77
C ILE B 659 -16.82 9.63 -6.27
N PRO B 660 -17.73 8.91 -6.91
CA PRO B 660 -17.27 8.53 -8.26
C PRO B 660 -16.96 9.68 -9.19
N HIS B 661 -16.04 9.41 -10.12
CA HIS B 661 -15.49 10.42 -11.03
C HIS B 661 -15.37 9.78 -12.38
N ALA B 662 -15.10 10.61 -13.37
CA ALA B 662 -15.24 10.17 -14.75
C ALA B 662 -14.46 8.85 -15.03
N GLU B 663 -13.24 8.78 -14.49
CA GLU B 663 -12.33 7.67 -14.75
C GLU B 663 -12.82 6.38 -14.15
N ASP B 664 -14.03 6.37 -13.57
CA ASP B 664 -14.65 5.14 -13.07
C ASP B 664 -15.50 4.51 -14.16
N ILE B 665 -15.49 5.12 -15.34
CA ILE B 665 -16.27 4.66 -16.46
C ILE B 665 -15.32 4.02 -17.42
N PRO B 666 -15.59 2.79 -17.82
CA PRO B 666 -16.68 1.92 -17.44
C PRO B 666 -16.55 1.38 -16.02
N ASN B 667 -15.31 1.30 -15.52
CA ASN B 667 -15.02 0.62 -14.26
C ASN B 667 -14.19 1.42 -13.29
N THR B 668 -14.39 1.14 -12.02
CA THR B 668 -13.46 1.58 -11.02
C THR B 668 -12.23 0.65 -11.12
N VAL B 669 -11.06 1.25 -10.94
CA VAL B 669 -9.81 0.54 -11.09
C VAL B 669 -9.28 0.21 -9.71
N THR B 670 -8.32 -0.71 -9.67
CA THR B 670 -7.75 -1.17 -8.41
C THR B 670 -6.78 -0.18 -7.78
N VAL B 671 -6.00 0.50 -8.60
CA VAL B 671 -4.99 1.41 -8.11
C VAL B 671 -5.46 2.24 -6.93
N GLY B 672 -4.73 2.20 -5.81
CA GLY B 672 -4.97 3.09 -4.65
C GLY B 672 -6.08 2.61 -3.72
N ASN B 673 -6.99 1.80 -4.26
CA ASN B 673 -8.19 1.31 -3.59
C ASN B 673 -7.97 -0.08 -2.95
N GLY B 674 -6.72 -0.38 -2.61
CA GLY B 674 -6.42 -1.58 -1.85
C GLY B 674 -6.55 -1.22 -0.40
N VAL B 675 -7.18 -2.10 0.37
CA VAL B 675 -7.23 -1.90 1.81
C VAL B 675 -7.15 -3.20 2.56
N GLY B 676 -6.75 -3.05 3.82
CA GLY B 676 -6.65 -4.16 4.73
C GLY B 676 -5.59 -3.98 5.80
N PHE B 677 -4.75 -4.99 5.93
CA PHE B 677 -3.82 -4.95 7.01
C PHE B 677 -2.71 -5.95 6.80
N PHE B 678 -1.70 -5.66 7.59
CA PHE B 678 -0.54 -6.47 7.70
C PHE B 678 -0.52 -7.10 9.07
N LEU B 679 -0.21 -8.39 9.05
CA LEU B 679 0.11 -9.15 10.23
C LEU B 679 1.59 -9.39 10.15
N ARG B 680 2.33 -8.75 11.04
CA ARG B 680 3.80 -8.77 10.99
C ARG B 680 4.48 -9.30 12.28
N PRO B 681 5.48 -10.19 12.12
CA PRO B 681 6.26 -10.67 13.25
C PRO B 681 6.86 -9.54 14.04
N TYR B 682 6.85 -9.66 15.36
CA TYR B 682 7.45 -8.64 16.21
C TYR B 682 8.11 -9.18 17.49
N ASN B 683 9.40 -9.51 17.32
CA ASN B 683 10.13 -10.34 18.22
C ASN B 683 9.43 -11.66 18.36
N PHE B 684 8.72 -12.08 17.33
CA PHE B 684 8.17 -13.40 17.37
C PHE B 684 9.31 -14.35 17.14
N PHE B 685 10.08 -14.14 16.09
CA PHE B 685 11.29 -14.95 15.86
C PHE B 685 12.50 -14.39 16.60
N ASP B 686 13.61 -15.13 16.53
CA ASP B 686 14.88 -14.70 17.12
C ASP B 686 15.70 -13.88 16.11
N GLU B 687 15.34 -14.04 14.83
CA GLU B 687 15.90 -13.28 13.70
C GLU B 687 15.07 -13.50 12.40
N ASP B 688 15.14 -12.55 11.47
CA ASP B 688 14.46 -12.68 10.19
C ASP B 688 14.63 -14.08 9.53
N PRO B 689 13.57 -14.87 9.47
CA PRO B 689 13.74 -16.24 8.94
C PRO B 689 14.08 -16.34 7.47
N SER B 690 13.97 -15.23 6.74
CA SER B 690 14.44 -15.16 5.33
C SER B 690 15.96 -15.41 5.27
N PHE B 691 16.66 -15.03 6.35
CA PHE B 691 18.09 -15.24 6.45
C PHE B 691 18.44 -16.68 6.15
N TYR B 692 17.56 -17.62 6.52
CA TYR B 692 17.76 -19.03 6.17
C TYR B 692 17.22 -19.34 4.81
N SER B 693 17.12 -18.32 3.95
CA SER B 693 16.39 -18.46 2.70
C SER B 693 17.20 -19.22 1.66
N ALA B 694 16.50 -20.04 0.88
CA ALA B 694 17.09 -20.75 -0.24
C ALA B 694 17.42 -19.82 -1.44
N ASP B 695 16.84 -18.63 -1.50
CA ASP B 695 17.03 -17.78 -2.66
C ASP B 695 17.81 -16.50 -2.32
N SER B 696 18.40 -16.47 -1.11
CA SER B 696 19.27 -15.36 -0.67
C SER B 696 20.43 -15.24 -1.69
N ILE B 697 20.86 -14.02 -2.01
CA ILE B 697 22.08 -13.80 -2.84
C ILE B 697 23.10 -12.96 -2.07
N TYR B 698 24.37 -13.40 -2.15
CA TYR B 698 25.52 -12.80 -1.41
C TYR B 698 26.86 -13.03 -2.10
N PHE B 699 27.65 -11.94 -2.11
CA PHE B 699 29.01 -11.91 -2.62
C PHE B 699 29.80 -10.69 -2.14
N ARG B 700 31.12 -10.81 -2.20
CA ARG B 700 32.06 -9.82 -1.67
C ARG B 700 32.77 -9.16 -2.83
N GLY B 701 33.28 -7.94 -2.58
CA GLY B 701 34.17 -7.21 -3.53
C GLY B 701 35.11 -8.15 -4.25
N ASP B 702 35.80 -8.97 -3.46
CA ASP B 702 36.78 -9.94 -3.93
C ASP B 702 36.23 -11.31 -4.40
N GLN B 703 35.02 -11.38 -4.94
CA GLN B 703 34.59 -12.65 -5.53
C GLN B 703 34.16 -12.45 -6.98
N ASP B 704 34.04 -13.56 -7.71
CA ASP B 704 33.62 -13.49 -9.11
C ASP B 704 32.10 -13.59 -9.17
N ALA B 705 31.44 -12.43 -9.06
CA ALA B 705 29.98 -12.36 -9.06
C ALA B 705 29.36 -13.04 -10.30
N GLY B 706 30.13 -13.08 -11.39
CA GLY B 706 29.70 -13.76 -12.61
C GLY B 706 29.74 -15.27 -12.61
N ALA B 707 30.22 -15.89 -11.52
CA ALA B 707 30.35 -17.38 -11.42
C ALA B 707 29.19 -18.09 -10.68
N CYS B 708 28.71 -19.15 -11.32
CA CYS B 708 27.47 -19.85 -10.93
C CYS B 708 27.43 -20.34 -9.48
N GLU B 709 28.58 -20.71 -8.90
CA GLU B 709 28.61 -21.10 -7.49
C GLU B 709 29.08 -19.98 -6.54
N VAL B 710 29.17 -18.74 -7.00
CA VAL B 710 29.21 -17.60 -6.07
C VAL B 710 27.78 -17.14 -5.86
N ASN B 711 27.00 -17.17 -6.96
CA ASN B 711 25.55 -16.96 -6.94
C ASN B 711 24.88 -17.65 -8.11
N PRO B 712 23.64 -18.09 -7.93
CA PRO B 712 23.00 -18.90 -8.95
C PRO B 712 22.27 -18.10 -10.04
N LEU B 713 22.19 -16.77 -9.88
CA LEU B 713 21.59 -15.94 -10.92
C LEU B 713 22.42 -16.09 -12.18
N ALA B 714 23.73 -16.07 -11.99
CA ALA B 714 24.64 -16.34 -13.07
C ALA B 714 24.58 -17.79 -13.58
N CYS B 715 23.41 -18.44 -13.60
CA CYS B 715 23.30 -19.84 -14.08
C CYS B 715 22.14 -19.99 -15.06
N LEU B 716 22.10 -19.09 -16.05
CA LEU B 716 20.95 -18.91 -16.96
C LEU B 716 20.34 -20.22 -17.49
N PRO B 717 21.17 -21.17 -17.98
CA PRO B 717 20.62 -22.40 -18.58
C PRO B 717 19.24 -22.90 -18.04
N GLN B 718 19.14 -23.19 -16.74
CA GLN B 718 17.87 -23.52 -16.03
C GLN B 718 16.90 -24.56 -16.65
N ALA B 719 16.27 -24.19 -17.77
CA ALA B 719 15.27 -25.04 -18.42
C ALA B 719 15.77 -25.55 -19.79
N ALA B 720 15.09 -26.59 -20.30
CA ALA B 720 15.35 -27.14 -21.64
C ALA B 720 14.54 -26.37 -22.72
N ALA B 721 14.49 -26.94 -23.93
CA ALA B 721 13.68 -26.45 -25.10
C ALA B 721 13.39 -24.92 -25.18
N CYS B 722 12.34 -24.56 -25.95
CA CYS B 722 11.74 -23.21 -25.86
C CYS B 722 10.73 -23.15 -24.68
N ALA B 723 10.97 -22.23 -23.74
CA ALA B 723 10.50 -22.38 -22.37
C ALA B 723 8.97 -22.26 -22.19
N PRO B 724 8.51 -21.41 -21.24
CA PRO B 724 7.32 -21.70 -20.43
C PRO B 724 6.26 -22.46 -21.17
N ASP B 725 6.09 -23.73 -20.84
CA ASP B 725 5.04 -24.53 -21.45
C ASP B 725 3.70 -24.04 -20.92
N LEU B 726 2.75 -23.76 -21.80
CA LEU B 726 1.54 -23.08 -21.37
C LEU B 726 0.27 -23.87 -21.67
N PRO B 727 -0.59 -24.01 -20.66
CA PRO B 727 -1.85 -24.73 -20.84
C PRO B 727 -2.84 -23.96 -21.70
N ALA B 728 -3.63 -24.71 -22.47
CA ALA B 728 -4.61 -24.11 -23.35
C ALA B 728 -5.71 -23.40 -22.55
N PHE B 729 -5.98 -22.17 -22.95
CA PHE B 729 -6.98 -21.36 -22.28
C PHE B 729 -8.38 -21.98 -22.23
N SER B 730 -9.00 -21.88 -21.06
CA SER B 730 -10.45 -22.07 -20.89
C SER B 730 -11.01 -21.06 -19.89
N HIS B 731 -12.32 -21.02 -19.80
CA HIS B 731 -13.01 -20.12 -18.90
C HIS B 731 -14.19 -20.77 -18.20
N GLY B 732 -14.43 -20.40 -16.94
CA GLY B 732 -15.52 -20.97 -16.13
C GLY B 732 -16.86 -21.15 -16.84
N GLY B 733 -17.41 -20.05 -17.33
CA GLY B 733 -18.71 -20.06 -18.00
C GLY B 733 -19.59 -19.11 -17.25
N PHE B 734 -20.90 -19.19 -17.50
CA PHE B 734 -21.89 -18.43 -16.71
C PHE B 734 -23.07 -19.34 -16.21
N SER B 735 -23.97 -18.77 -15.38
CA SER B 735 -25.26 -19.42 -14.97
C SER B 735 -25.93 -20.25 -16.08
C1 NAG C . 33.93 33.58 -1.20
C2 NAG C . 33.64 35.08 -1.29
C3 NAG C . 34.02 35.75 -2.62
C4 NAG C . 35.37 35.27 -3.13
C5 NAG C . 35.53 33.74 -2.96
C6 NAG C . 36.96 33.30 -3.29
C7 NAG C . 31.67 36.19 -0.47
C8 NAG C . 30.17 36.23 -0.43
N2 NAG C . 32.21 35.21 -1.17
O3 NAG C . 34.04 37.18 -2.64
O4 NAG C . 35.39 35.69 -4.49
O5 NAG C . 35.23 33.28 -1.65
O6 NAG C . 37.81 33.46 -2.17
O7 NAG C . 32.36 37.01 0.12
C1 NAG C . 36.55 36.45 -4.86
C2 NAG C . 36.75 36.24 -6.32
C3 NAG C . 38.01 36.94 -6.75
C4 NAG C . 37.98 38.41 -6.42
C5 NAG C . 37.55 38.56 -4.94
C6 NAG C . 37.26 40.00 -4.54
C7 NAG C . 35.90 34.09 -7.18
C8 NAG C . 36.23 32.66 -7.52
N2 NAG C . 36.89 34.84 -6.67
O3 NAG C . 38.19 36.81 -8.14
O4 NAG C . 39.30 38.83 -6.77
O5 NAG C . 36.37 37.82 -4.66
O6 NAG C . 36.26 40.00 -3.56
O7 NAG C . 34.74 34.49 -7.38
C1 BMA C . 39.45 40.18 -7.25
C2 BMA C . 40.87 40.65 -6.96
C3 BMA C . 40.91 42.16 -7.04
C4 BMA C . 40.50 42.57 -8.45
C5 BMA C . 39.22 41.84 -8.95
C6 BMA C . 38.98 42.11 -10.44
O2 BMA C . 41.80 40.08 -7.92
O3 BMA C . 42.20 42.71 -6.70
O4 BMA C . 40.33 43.99 -8.42
O5 BMA C . 39.23 40.42 -8.66
O6 BMA C . 38.94 40.92 -11.23
C1 NAG D . 38.28 -4.40 7.89
C2 NAG D . 39.62 -3.90 7.42
C3 NAG D . 39.53 -3.85 5.88
C4 NAG D . 39.24 -5.28 5.40
C5 NAG D . 37.94 -5.82 6.04
C6 NAG D . 37.69 -7.29 5.73
C7 NAG D . 39.36 -1.51 8.06
C8 NAG D . 39.74 -0.42 9.02
N2 NAG D . 39.90 -2.72 8.23
O3 NAG D . 40.67 -3.32 5.22
O4 NAG D . 39.17 -5.32 3.98
O5 NAG D . 37.97 -5.70 7.46
O6 NAG D . 36.60 -7.40 4.82
O7 NAG D . 38.59 -1.23 7.13
C1 NAG D . 40.25 -6.05 3.32
C2 NAG D . 39.92 -6.09 1.80
C3 NAG D . 41.15 -6.44 0.93
C4 NAG D . 42.39 -5.69 1.38
C5 NAG D . 42.61 -5.97 2.86
C6 NAG D . 43.86 -5.26 3.38
C7 NAG D . 37.49 -6.53 1.41
C8 NAG D . 36.42 -7.55 1.12
N2 NAG D . 38.76 -6.97 1.53
O3 NAG D . 40.96 -6.16 -0.45
O4 NAG D . 43.50 -6.05 0.59
O5 NAG D . 41.51 -5.45 3.59
O6 NAG D . 43.65 -3.89 3.21
O7 NAG D . 37.14 -5.35 1.52
C1 NAG E . -39.73 -23.42 13.21
C2 NAG E . -39.81 -24.00 14.64
C3 NAG E . -39.48 -25.48 14.70
C4 NAG E . -40.25 -26.24 13.62
C5 NAG E . -40.10 -25.56 12.26
C6 NAG E . -40.91 -26.34 11.23
C7 NAG E . -39.39 -22.56 16.52
C8 NAG E . -38.42 -21.75 17.32
N2 NAG E . -38.93 -23.22 15.48
O3 NAG E . -39.73 -25.96 16.01
O4 NAG E . -39.90 -27.59 13.47
O5 NAG E . -40.54 -24.20 12.34
O6 NAG E . -42.26 -25.92 11.25
O7 NAG E . -40.57 -22.59 16.85
C1 NAG E . -40.85 -28.42 14.13
C2 NAG E . -40.01 -29.59 14.57
C3 NAG E . -40.39 -30.04 15.97
C4 NAG E . -41.91 -30.01 16.09
C5 NAG E . -42.46 -28.60 15.95
C6 NAG E . -42.77 -28.04 17.35
C7 NAG E . -39.14 -30.60 12.63
C8 NAG E . -39.26 -31.64 11.53
N2 NAG E . -40.11 -30.59 13.53
O3 NAG E . -39.82 -29.13 16.90
O4 NAG E . -42.48 -30.78 15.07
O5 NAG E . -41.51 -27.81 15.25
O6 NAG E . -43.03 -26.66 17.26
O7 NAG E . -38.18 -29.82 12.72
C1 BMA E . -42.38 -32.17 15.38
C2 BMA E . -43.47 -32.59 16.32
C3 BMA E . -43.16 -33.97 16.85
C4 BMA E . -42.72 -34.89 15.74
C5 BMA E . -42.23 -34.28 14.40
C6 BMA E . -42.85 -34.96 13.16
O2 BMA E . -44.69 -32.66 15.56
O3 BMA E . -44.32 -34.58 17.48
O4 BMA E . -41.64 -35.56 16.40
O5 BMA E . -42.53 -32.91 14.20
O6 BMA E . -42.50 -36.36 13.13
C1 MAN E . -45.72 -34.93 17.53
C2 MAN E . -46.73 -35.69 16.64
C3 MAN E . -47.51 -34.69 15.81
C4 MAN E . -48.31 -33.76 16.73
C5 MAN E . -47.55 -33.23 17.96
C6 MAN E . -48.38 -33.25 19.25
O2 MAN E . -47.62 -36.47 17.42
O3 MAN E . -48.34 -35.36 14.89
O4 MAN E . -48.75 -32.66 15.97
O5 MAN E . -46.26 -33.80 18.23
O6 MAN E . -48.67 -34.58 19.63
C1 BMA E . -41.10 -36.62 12.80
C2 BMA E . -40.26 -37.10 14.02
C3 BMA E . -39.77 -38.56 13.96
C4 BMA E . -40.78 -39.45 13.23
C5 BMA E . -41.28 -38.89 11.90
C6 BMA E . -42.77 -39.19 11.68
O2 BMA E . -40.93 -37.00 15.26
O3 BMA E . -39.62 -38.99 15.30
O4 BMA E . -40.18 -40.70 12.95
O5 BMA E . -40.99 -37.51 11.69
O6 BMA E . -43.16 -38.70 10.42
C1 NAG F . -31.75 -8.44 -21.61
C2 NAG F . -32.84 -9.50 -21.79
C3 NAG F . -32.23 -10.85 -22.24
C4 NAG F . -31.17 -10.69 -23.36
C5 NAG F . -30.27 -9.49 -23.07
C6 NAG F . -29.31 -9.18 -24.21
C7 NAG F . -33.61 -10.08 -19.41
C8 NAG F . -34.58 -9.62 -18.35
N2 NAG F . -33.66 -9.39 -20.57
O3 NAG F . -33.26 -11.72 -22.68
O4 NAG F . -30.31 -11.80 -23.45
O5 NAG F . -31.06 -8.36 -22.82
O6 NAG F . -28.89 -7.84 -24.07
O7 NAG F . -32.87 -11.05 -19.14
C1 NAG F . -30.29 -12.59 -24.68
C2 NAG F . -29.92 -14.03 -24.26
C3 NAG F . -31.19 -14.91 -24.31
C4 NAG F . -31.80 -14.99 -25.70
C5 NAG F . -31.67 -13.61 -26.37
C6 NAG F . -32.91 -13.30 -27.19
C7 NAG F . -27.56 -14.85 -24.49
C8 NAG F . -26.54 -15.49 -25.39
N2 NAG F . -28.79 -14.63 -25.00
O3 NAG F . -32.18 -14.34 -23.47
O4 NAG F . -31.21 -16.05 -26.47
O5 NAG F . -31.53 -12.59 -25.39
O6 NAG F . -33.11 -14.34 -28.12
O7 NAG F . -27.19 -14.55 -23.34
CU CU G . 14.44 1.93 10.17
CA CA H . 2.31 23.83 -10.77
CA CA I . 5.01 30.86 -0.83
C1 NAG J . -10.07 31.48 -14.97
C2 NAG J . -10.68 31.94 -16.32
C3 NAG J . -9.95 33.21 -16.85
C4 NAG J . -9.94 34.28 -15.75
C5 NAG J . -9.24 33.78 -14.44
C6 NAG J . -9.94 34.17 -13.11
C7 NAG J . -11.97 30.03 -17.33
C8 NAG J . -12.07 28.98 -18.42
N2 NAG J . -10.89 30.87 -17.32
O3 NAG J . -10.56 33.77 -17.99
O4 NAG J . -9.48 35.51 -16.33
O5 NAG J . -9.01 32.35 -14.51
O6 NAG J . -9.11 34.72 -12.10
O7 NAG J . -12.87 30.07 -16.48
C1 NAG K . -3.03 38.64 3.79
C2 NAG K . -4.17 39.51 3.09
C3 NAG K . -4.72 40.60 4.09
C4 NAG K . -4.45 40.37 5.60
C5 NAG K . -3.03 39.87 5.89
C6 NAG K . -2.89 38.67 6.86
C7 NAG K . -4.19 40.03 0.51
C8 NAG K . -3.72 41.01 -0.54
N2 NAG K . -3.86 40.26 1.82
O3 NAG K . -6.10 40.95 3.91
O4 NAG K . -4.68 41.59 6.30
O5 NAG K . -2.42 39.60 4.65
O6 NAG K . -1.62 38.02 6.77
O7 NAG K . -4.80 39.05 0.09
CAL JW7 L . 36.25 5.39 3.45
CAJ JW7 L . 36.90 5.39 2.07
CAI JW7 L . 38.31 5.96 2.13
CAK JW7 L . 38.42 7.29 2.89
CAM JW7 L . 37.61 7.35 4.20
CAX JW7 L . 36.20 6.83 3.97
NAQ JW7 L . 35.39 6.90 5.16
CAT JW7 L . 34.06 7.16 5.12
CAH JW7 L . 33.37 7.21 3.90
CAW JW7 L . 32.03 7.51 3.82
OAA JW7 L . 31.50 7.53 2.56
NAY JW7 L . 31.33 7.76 4.95
CAS JW7 L . 30.03 8.06 5.06
CAE JW7 L . 29.19 8.12 3.98
CAC JW7 L . 27.85 8.44 4.14
CAB JW7 L . 27.32 8.68 5.39
CAD JW7 L . 28.16 8.62 6.48
CAF JW7 L . 29.49 8.30 6.31
NAP JW7 L . 32.03 7.69 6.18
CAV JW7 L . 33.34 7.40 6.29
CAU JW7 L . 33.90 7.38 7.57
NAN JW7 L . 33.26 7.62 8.73
CAG JW7 L . 34.12 7.52 9.77
NAR JW7 L . 35.31 7.22 9.29
NAO JW7 L . 35.16 7.14 7.90
CU CU M . -17.16 2.43 -4.81
CA CA N . -6.49 -16.61 19.40
CA CA O . -16.67 -10.53 24.58
C1 NAG P . -25.10 4.39 -33.81
C2 NAG P . -25.63 3.99 -35.21
C3 NAG P . -25.96 2.49 -35.40
C4 NAG P . -25.06 1.55 -34.59
C5 NAG P . -25.05 2.07 -33.15
C6 NAG P . -24.50 1.03 -32.16
C7 NAG P . -26.79 5.91 -36.32
C8 NAG P . -28.11 6.57 -36.63
N2 NAG P . -26.81 4.78 -35.58
O3 NAG P . -25.93 2.08 -36.75
O4 NAG P . -25.55 0.23 -34.66
O5 NAG P . -24.39 3.35 -33.13
O6 NAG P . -25.47 0.01 -31.94
O7 NAG P . -25.74 6.41 -36.74
C1 NAG Q . 2.26 -18.58 30.84
C2 NAG Q . 2.27 -20.14 30.87
C3 NAG Q . 0.84 -20.72 31.06
C4 NAG Q . 0.18 -20.13 32.32
C5 NAG Q . 0.08 -18.63 32.12
C6 NAG Q . -0.54 -17.97 33.35
C7 NAG Q . 3.51 -22.05 29.82
C8 NAG Q . 4.10 -22.68 28.59
N2 NAG Q . 2.91 -20.83 29.73
O3 NAG Q . 0.82 -22.14 31.13
O4 NAG Q . -1.11 -20.68 32.57
O5 NAG Q . 1.41 -18.16 31.92
O6 NAG Q . -1.95 -18.04 33.35
O7 NAG Q . 3.61 -22.70 30.84
C1 NAG R . -28.95 12.05 18.69
C2 NAG R . -30.22 12.23 19.60
C3 NAG R . -30.76 13.68 19.58
C4 NAG R . -29.69 14.71 19.97
C5 NAG R . -28.24 14.24 19.67
C6 NAG R . -27.48 13.81 20.93
C7 NAG R . -32.36 10.89 20.17
C8 NAG R . -32.47 11.34 21.61
N2 NAG R . -31.36 11.30 19.33
O3 NAG R . -31.88 13.88 20.43
O4 NAG R . -29.97 15.92 19.28
O5 NAG R . -28.15 13.25 18.64
O6 NAG R . -27.83 14.57 22.08
O7 NAG R . -33.24 10.12 19.77
C1 NAG S . -15.99 -5.01 34.92
C2 NAG S . -16.74 -3.98 35.80
C3 NAG S . -15.94 -3.75 37.10
C4 NAG S . -15.71 -5.07 37.84
C5 NAG S . -15.09 -6.15 36.91
C6 NAG S . -15.03 -7.55 37.55
C7 NAG S . -18.15 -2.39 34.53
C8 NAG S . -18.19 -1.12 33.72
N2 NAG S . -16.96 -2.76 35.02
O3 NAG S . -16.58 -2.86 37.99
O4 NAG S . -14.97 -4.81 39.03
O5 NAG S . -15.82 -6.22 35.67
O6 NAG S . -13.92 -8.32 37.09
O7 NAG S . -19.18 -3.04 34.73
CAL JW7 T . -34.00 -13.24 -12.37
CAJ JW7 T . -34.09 -14.50 -13.27
CAI JW7 T . -33.48 -15.82 -12.77
CAK JW7 T . -32.21 -15.55 -11.97
CAM JW7 T . -32.45 -14.42 -10.94
CAX JW7 T . -32.67 -13.08 -11.63
NAQ JW7 T . -32.77 -11.89 -10.79
CAT JW7 T . -31.85 -11.51 -9.86
CAH JW7 T . -30.80 -12.32 -9.45
CAW JW7 T . -29.84 -11.87 -8.54
OAA JW7 T . -28.83 -12.73 -8.20
NAY JW7 T . -29.92 -10.64 -8.06
CAS JW7 T . -29.06 -10.11 -7.20
CAE JW7 T . -29.29 -8.83 -6.77
CAC JW7 T . -28.45 -8.23 -5.85
CAB JW7 T . -27.35 -8.89 -5.36
CAD JW7 T . -27.12 -10.17 -5.79
CAF JW7 T . -27.96 -10.77 -6.71
NAP JW7 T . -30.97 -9.82 -8.45
CAV JW7 T . -31.89 -10.22 -9.33
CAU JW7 T . -32.84 -9.25 -9.63
NAN JW7 T . -32.87 -8.02 -9.09
CAG JW7 T . -33.93 -7.32 -9.56
NAR JW7 T . -34.60 -8.14 -10.40
NAO JW7 T . -33.89 -9.37 -10.45
#